data_7JJ6
# 
_entry.id   7JJ6 
# 
_audit_conform.dict_name       mmcif_pdbx.dic 
_audit_conform.dict_version    5.380 
_audit_conform.dict_location   http://mmcif.pdb.org/dictionaries/ascii/mmcif_pdbx.dic 
# 
loop_
_database_2.database_id 
_database_2.database_code 
_database_2.pdbx_database_accession 
_database_2.pdbx_DOI 
PDB   7JJ6         pdb_00007jj6 10.2210/pdb7jj6/pdb 
WWPDB D_1000250812 ?            ?                   
# 
_pdbx_database_status.status_code                     REL 
_pdbx_database_status.status_code_sf                  REL 
_pdbx_database_status.status_code_mr                  ? 
_pdbx_database_status.entry_id                        7JJ6 
_pdbx_database_status.recvd_initial_deposition_date   2020-07-24 
_pdbx_database_status.SG_entry                        N 
_pdbx_database_status.deposit_site                    RCSB 
_pdbx_database_status.process_site                    RCSB 
_pdbx_database_status.status_code_cs                  ? 
_pdbx_database_status.status_code_nmr_data            ? 
_pdbx_database_status.methods_development_category    ? 
_pdbx_database_status.pdb_format_compatible           Y 
# 
loop_
_audit_author.name 
_audit_author.pdbx_ordinal 
_audit_author.identifier_ORCID 
'Simmons, C.R.'      1 0000-0002-2290-6132 
'MacCulloch, T.'     2 0000-0001-5875-3361 
'Stephanopoulos, N.' 3 0000-0001-7859-410X 
'Yan, H.'            4 0000-0001-7397-9852 
# 
_citation.abstract                  ? 
_citation.abstract_id_CAS           ? 
_citation.book_id_ISBN              ? 
_citation.book_publisher            ? 
_citation.book_publisher_city       ? 
_citation.book_title                ? 
_citation.coordinate_linkage        ? 
_citation.country                   UK 
_citation.database_id_Medline       ? 
_citation.details                   ? 
_citation.id                        primary 
_citation.journal_abbrev            'Nat Commun' 
_citation.journal_id_ASTM           ? 
_citation.journal_id_CSD            ? 
_citation.journal_id_ISSN           2041-1723 
_citation.journal_full              ? 
_citation.journal_issue             ? 
_citation.journal_volume            13 
_citation.language                  ? 
_citation.page_first                3112 
_citation.page_last                 3112 
_citation.title                     'The influence of Holliday junction sequence and dynamics on DNA crystal self-assembly.' 
_citation.year                      2022 
_citation.database_id_CSD           ? 
_citation.pdbx_database_id_DOI      10.1038/s41467-022-30779-6 
_citation.pdbx_database_id_PubMed   35662248 
_citation.unpublished_flag          ? 
# 
loop_
_citation_author.citation_id 
_citation_author.name 
_citation_author.ordinal 
_citation_author.identifier_ORCID 
primary 'Simmons, C.R.'      1  ?                   
primary 'MacCulloch, T.'     2  ?                   
primary 'Krepl, M.'          3  0000-0002-9833-4281 
primary 'Matthies, M.'       4  ?                   
primary 'Buchberger, A.'     5  ?                   
primary 'Crawford, I.'       6  ?                   
primary 'Sponer, J.'         7  0000-0001-6558-6186 
primary 'Sulc, P.'           8  0000-0003-1565-6769 
primary 'Stephanopoulos, N.' 9  0000-0001-7859-410X 
primary 'Yan, H.'            10 0000-0001-7397-9852 
# 
_cell.angle_alpha                  90.000 
_cell.angle_alpha_esd              ? 
_cell.angle_beta                   90.000 
_cell.angle_beta_esd               ? 
_cell.angle_gamma                  120.000 
_cell.angle_gamma_esd              ? 
_cell.entry_id                     7JJ6 
_cell.details                      ? 
_cell.formula_units_Z              ? 
_cell.length_a                     113.169 
_cell.length_a_esd                 ? 
_cell.length_b                     113.169 
_cell.length_b_esd                 ? 
_cell.length_c                     50.774 
_cell.length_c_esd                 ? 
_cell.volume                       ? 
_cell.volume_esd                   ? 
_cell.Z_PDB                        9 
_cell.reciprocal_angle_alpha       ? 
_cell.reciprocal_angle_beta        ? 
_cell.reciprocal_angle_gamma       ? 
_cell.reciprocal_angle_alpha_esd   ? 
_cell.reciprocal_angle_beta_esd    ? 
_cell.reciprocal_angle_gamma_esd   ? 
_cell.reciprocal_length_a          ? 
_cell.reciprocal_length_b          ? 
_cell.reciprocal_length_c          ? 
_cell.reciprocal_length_a_esd      ? 
_cell.reciprocal_length_b_esd      ? 
_cell.reciprocal_length_c_esd      ? 
_cell.pdbx_unique_axis             ? 
# 
_symmetry.entry_id                         7JJ6 
_symmetry.cell_setting                     ? 
_symmetry.Int_Tables_number                146 
_symmetry.space_group_name_Hall            ? 
_symmetry.space_group_name_H-M             'H 3' 
_symmetry.pdbx_full_space_group_name_H-M   ? 
# 
loop_
_entity.id 
_entity.type 
_entity.src_method 
_entity.pdbx_description 
_entity.formula_weight 
_entity.pdbx_number_of_molecules 
_entity.pdbx_ec 
_entity.pdbx_mutation 
_entity.pdbx_fragment 
_entity.details 
1 polymer     syn 
;DNA (5'-D(*GP*AP*AP*CP*GP*AP*CP*AP*CP*AP*GP*A)-3')
;
3689.446 1 ? ? ? ? 
2 polymer     syn 
;DNA (5'-D(P*CP*GP*AP*CP*GP*AP*CP*TP*C)-3')
;
2700.788 1 ? ? ? ? 
3 polymer     syn 
;DNA (5'-D(P*TP*CP*TP*TP*CP*G)-3')
;
1775.190 1 ? ? ? ? 
4 polymer     syn 
;DNA (5'-D(*TP*CP*GP*AP*GP*TP*CP*GP*GP*TP*GP*TP*CP*GP*T)-3')
;
4631.993 1 ? ? ? ? 
5 non-polymer syn 'CACODYLATE ION'                                              136.989  2 ? ? ? ? 
# 
loop_
_entity_poly.entity_id 
_entity_poly.type 
_entity_poly.nstd_linkage 
_entity_poly.nstd_monomer 
_entity_poly.pdbx_seq_one_letter_code 
_entity_poly.pdbx_seq_one_letter_code_can 
_entity_poly.pdbx_strand_id 
_entity_poly.pdbx_target_identifier 
1 polydeoxyribonucleotide no no '(DG)(DA)(DA)(DC)(DG)(DA)(DC)(DA)(DC)(DA)(DG)(DA)'             GAACGACACAGA    A ? 
2 polydeoxyribonucleotide no no '(DC)(DG)(DA)(DC)(DG)(DA)(DC)(DT)(DC)'                         CGACGACTC       B ? 
3 polydeoxyribonucleotide no no '(DT)(DC)(DT)(DT)(DC)(DG)'                                     TCTTCG          C ? 
4 polydeoxyribonucleotide no no '(DT)(DC)(DG)(DA)(DG)(DT)(DC)(DG)(DG)(DT)(DG)(DT)(DC)(DG)(DT)' TCGAGTCGGTGTCGT D ? 
# 
loop_
_entity_poly_seq.entity_id 
_entity_poly_seq.num 
_entity_poly_seq.mon_id 
_entity_poly_seq.hetero 
1 1  DG n 
1 2  DA n 
1 3  DA n 
1 4  DC n 
1 5  DG n 
1 6  DA n 
1 7  DC n 
1 8  DA n 
1 9  DC n 
1 10 DA n 
1 11 DG n 
1 12 DA n 
2 1  DC n 
2 2  DG n 
2 3  DA n 
2 4  DC n 
2 5  DG n 
2 6  DA n 
2 7  DC n 
2 8  DT n 
2 9  DC n 
3 1  DT n 
3 2  DC n 
3 3  DT n 
3 4  DT n 
3 5  DC n 
3 6  DG n 
4 1  DT n 
4 2  DC n 
4 3  DG n 
4 4  DA n 
4 5  DG n 
4 6  DT n 
4 7  DC n 
4 8  DG n 
4 9  DG n 
4 10 DT n 
4 11 DG n 
4 12 DT n 
4 13 DC n 
4 14 DG n 
4 15 DT n 
# 
loop_
_pdbx_entity_src_syn.entity_id 
_pdbx_entity_src_syn.pdbx_src_id 
_pdbx_entity_src_syn.pdbx_alt_source_flag 
_pdbx_entity_src_syn.pdbx_beg_seq_num 
_pdbx_entity_src_syn.pdbx_end_seq_num 
_pdbx_entity_src_syn.organism_scientific 
_pdbx_entity_src_syn.organism_common_name 
_pdbx_entity_src_syn.ncbi_taxonomy_id 
_pdbx_entity_src_syn.details 
1 1 sample 1 12 'synthetic construct' ? 32630 ? 
2 1 sample 1 9  'synthetic construct' ? 32630 ? 
3 1 sample 1 6  'synthetic construct' ? 32630 ? 
4 1 sample 1 15 'synthetic construct' ? 32630 ? 
# 
loop_
_struct_ref.id 
_struct_ref.db_name 
_struct_ref.db_code 
_struct_ref.pdbx_db_accession 
_struct_ref.pdbx_db_isoform 
_struct_ref.entity_id 
_struct_ref.pdbx_seq_one_letter_code 
_struct_ref.pdbx_align_begin 
1 PDB 7JJ6 7JJ6 ? 1 ? 1 
2 PDB 7JJ6 7JJ6 ? 2 ? 1 
3 PDB 7JJ6 7JJ6 ? 3 ? 1 
4 PDB 7JJ6 7JJ6 ? 4 ? 1 
# 
loop_
_struct_ref_seq.align_id 
_struct_ref_seq.ref_id 
_struct_ref_seq.pdbx_PDB_id_code 
_struct_ref_seq.pdbx_strand_id 
_struct_ref_seq.seq_align_beg 
_struct_ref_seq.pdbx_seq_align_beg_ins_code 
_struct_ref_seq.seq_align_end 
_struct_ref_seq.pdbx_seq_align_end_ins_code 
_struct_ref_seq.pdbx_db_accession 
_struct_ref_seq.db_align_beg 
_struct_ref_seq.pdbx_db_align_beg_ins_code 
_struct_ref_seq.db_align_end 
_struct_ref_seq.pdbx_db_align_end_ins_code 
_struct_ref_seq.pdbx_auth_seq_align_beg 
_struct_ref_seq.pdbx_auth_seq_align_end 
1 1 7JJ6 A 1 ? 12 ? 7JJ6 1  ? 12 ? 1  12 
2 2 7JJ6 B 1 ? 9  ? 7JJ6 12 ? 20 ? 12 20 
3 3 7JJ6 C 1 ? 6  ? 7JJ6 0  ? 5  ? 0  5  
4 4 7JJ6 D 1 ? 15 ? 7JJ6 2  ? 16 ? 2  16 
# 
loop_
_chem_comp.id 
_chem_comp.type 
_chem_comp.mon_nstd_flag 
_chem_comp.name 
_chem_comp.pdbx_synonyms 
_chem_comp.formula 
_chem_comp.formula_weight 
CAC non-polymer   . 'CACODYLATE ION'                     dimethylarsinate 'C2 H6 As O2 -1'  136.989 
DA  'DNA linking' y "2'-DEOXYADENOSINE-5'-MONOPHOSPHATE" ?                'C10 H14 N5 O6 P' 331.222 
DC  'DNA linking' y "2'-DEOXYCYTIDINE-5'-MONOPHOSPHATE"  ?                'C9 H14 N3 O7 P'  307.197 
DG  'DNA linking' y "2'-DEOXYGUANOSINE-5'-MONOPHOSPHATE" ?                'C10 H14 N5 O7 P' 347.221 
DT  'DNA linking' y "THYMIDINE-5'-MONOPHOSPHATE"         ?                'C10 H15 N2 O8 P' 322.208 
# 
_exptl.absorpt_coefficient_mu     ? 
_exptl.absorpt_correction_T_max   ? 
_exptl.absorpt_correction_T_min   ? 
_exptl.absorpt_correction_type    ? 
_exptl.absorpt_process_details    ? 
_exptl.entry_id                   7JJ6 
_exptl.crystals_number            1 
_exptl.details                    ? 
_exptl.method                     'X-RAY DIFFRACTION' 
_exptl.method_details             ? 
# 
_exptl_crystal.colour                      ? 
_exptl_crystal.density_diffrn              ? 
_exptl_crystal.density_Matthews            4.89 
_exptl_crystal.density_method              ? 
_exptl_crystal.density_percent_sol         74.84 
_exptl_crystal.description                 ? 
_exptl_crystal.F_000                       ? 
_exptl_crystal.id                          1 
_exptl_crystal.preparation                 ? 
_exptl_crystal.size_max                    ? 
_exptl_crystal.size_mid                    ? 
_exptl_crystal.size_min                    ? 
_exptl_crystal.size_rad                    ? 
_exptl_crystal.colour_lustre               ? 
_exptl_crystal.colour_modifier             ? 
_exptl_crystal.colour_primary              ? 
_exptl_crystal.density_meas                ? 
_exptl_crystal.density_meas_esd            ? 
_exptl_crystal.density_meas_gt             ? 
_exptl_crystal.density_meas_lt             ? 
_exptl_crystal.density_meas_temp           ? 
_exptl_crystal.density_meas_temp_esd       ? 
_exptl_crystal.density_meas_temp_gt        ? 
_exptl_crystal.density_meas_temp_lt        ? 
_exptl_crystal.pdbx_crystal_image_url      ? 
_exptl_crystal.pdbx_crystal_image_format   ? 
_exptl_crystal.pdbx_mosaicity              ? 
_exptl_crystal.pdbx_mosaicity_esd          ? 
# 
_exptl_crystal_grow.apparatus       ? 
_exptl_crystal_grow.atmosphere      ? 
_exptl_crystal_grow.crystal_id      1 
_exptl_crystal_grow.details         ? 
_exptl_crystal_grow.method          'VAPOR DIFFUSION, SITTING DROP' 
_exptl_crystal_grow.method_ref      ? 
_exptl_crystal_grow.pH              ? 
_exptl_crystal_grow.pressure        ? 
_exptl_crystal_grow.pressure_esd    ? 
_exptl_crystal_grow.seeding         ? 
_exptl_crystal_grow.seeding_ref     ? 
_exptl_crystal_grow.temp            298 
_exptl_crystal_grow.temp_details    'temperature gradient generated from 60 to 25 C at 0.3 degrees per hour' 
_exptl_crystal_grow.temp_esd        ? 
_exptl_crystal_grow.time            ? 
_exptl_crystal_grow.pdbx_details    
;0.5 mL of 0.05 M Cacodylate pH 7.0 with 18 mM MgCl2, 2.25 mM spermine, 0.9 mM CoH18N6, and 5% MPD was added to the reservoir with 2 uL added to the drop containing 4 uL of DNA stock
;
_exptl_crystal_grow.pdbx_pH_range   ? 
# 
_diffrn.ambient_environment              ? 
_diffrn.ambient_temp                     100 
_diffrn.ambient_temp_details             ? 
_diffrn.ambient_temp_esd                 ? 
_diffrn.crystal_id                       1 
_diffrn.crystal_support                  ? 
_diffrn.crystal_treatment                ? 
_diffrn.details                          ? 
_diffrn.id                               1 
_diffrn.ambient_pressure                 ? 
_diffrn.ambient_pressure_esd             ? 
_diffrn.ambient_pressure_gt              ? 
_diffrn.ambient_pressure_lt              ? 
_diffrn.ambient_temp_gt                  ? 
_diffrn.ambient_temp_lt                  ? 
_diffrn.pdbx_serial_crystal_experiment   N 
# 
_diffrn_detector.details                      ? 
_diffrn_detector.detector                     PIXEL 
_diffrn_detector.diffrn_id                    1 
_diffrn_detector.type                         'DECTRIS PILATUS3 6M' 
_diffrn_detector.area_resol_mean              ? 
_diffrn_detector.dtime                        ? 
_diffrn_detector.pdbx_frames_total            ? 
_diffrn_detector.pdbx_collection_time_total   ? 
_diffrn_detector.pdbx_collection_date         2019-09-15 
_diffrn_detector.pdbx_frequency               ? 
# 
_diffrn_radiation.collimation                      ? 
_diffrn_radiation.diffrn_id                        1 
_diffrn_radiation.filter_edge                      ? 
_diffrn_radiation.inhomogeneity                    ? 
_diffrn_radiation.monochromator                    ? 
_diffrn_radiation.polarisn_norm                    ? 
_diffrn_radiation.polarisn_ratio                   ? 
_diffrn_radiation.probe                            ? 
_diffrn_radiation.type                             ? 
_diffrn_radiation.xray_symbol                      ? 
_diffrn_radiation.wavelength_id                    1 
_diffrn_radiation.pdbx_monochromatic_or_laue_m_l   M 
_diffrn_radiation.pdbx_wavelength_list             ? 
_diffrn_radiation.pdbx_wavelength                  ? 
_diffrn_radiation.pdbx_diffrn_protocol             'SINGLE WAVELENGTH' 
_diffrn_radiation.pdbx_analyzer                    ? 
_diffrn_radiation.pdbx_scattering_type             x-ray 
# 
_diffrn_radiation_wavelength.id           1 
_diffrn_radiation_wavelength.wavelength   1 
_diffrn_radiation_wavelength.wt           1.0 
# 
_diffrn_source.current                     ? 
_diffrn_source.details                     ? 
_diffrn_source.diffrn_id                   1 
_diffrn_source.power                       ? 
_diffrn_source.size                        ? 
_diffrn_source.source                      SYNCHROTRON 
_diffrn_source.target                      ? 
_diffrn_source.type                        'ALS BEAMLINE 5.0.2' 
_diffrn_source.voltage                     ? 
_diffrn_source.take-off_angle              ? 
_diffrn_source.pdbx_wavelength_list        1 
_diffrn_source.pdbx_wavelength             ? 
_diffrn_source.pdbx_synchrotron_beamline   5.0.2 
_diffrn_source.pdbx_synchrotron_site       ALS 
# 
_reflns.B_iso_Wilson_estimate            64.870 
_reflns.entry_id                         7JJ6 
_reflns.data_reduction_details           ? 
_reflns.data_reduction_method            ? 
_reflns.d_resolution_high                3.050 
_reflns.d_resolution_low                 50.000 
_reflns.details                          ? 
_reflns.limit_h_max                      ? 
_reflns.limit_h_min                      ? 
_reflns.limit_k_max                      ? 
_reflns.limit_k_min                      ? 
_reflns.limit_l_max                      ? 
_reflns.limit_l_min                      ? 
_reflns.number_all                       ? 
_reflns.number_obs                       4101 
_reflns.observed_criterion               ? 
_reflns.observed_criterion_F_max         ? 
_reflns.observed_criterion_F_min         ? 
_reflns.observed_criterion_I_max         ? 
_reflns.observed_criterion_I_min         ? 
_reflns.observed_criterion_sigma_F       ? 
_reflns.observed_criterion_sigma_I       ? 
_reflns.percent_possible_obs             91.700 
_reflns.R_free_details                   ? 
_reflns.Rmerge_F_all                     ? 
_reflns.Rmerge_F_obs                     ? 
_reflns.Friedel_coverage                 ? 
_reflns.number_gt                        ? 
_reflns.threshold_expression             ? 
_reflns.pdbx_redundancy                  8.900 
_reflns.pdbx_Rmerge_I_obs                0.168 
_reflns.pdbx_Rmerge_I_all                ? 
_reflns.pdbx_Rsym_value                  ? 
_reflns.pdbx_netI_over_av_sigmaI         ? 
_reflns.pdbx_netI_over_sigmaI            4.700 
_reflns.pdbx_res_netI_over_av_sigmaI_2   ? 
_reflns.pdbx_res_netI_over_sigmaI_2      ? 
_reflns.pdbx_chi_squared                 1.411 
_reflns.pdbx_scaling_rejects             ? 
_reflns.pdbx_d_res_high_opt              ? 
_reflns.pdbx_d_res_low_opt               ? 
_reflns.pdbx_d_res_opt_method            ? 
_reflns.phase_calculation_details        ? 
_reflns.pdbx_Rrim_I_all                  0.177 
_reflns.pdbx_Rpim_I_all                  0.054 
_reflns.pdbx_d_opt                       ? 
_reflns.pdbx_number_measured_all         ? 
_reflns.pdbx_diffrn_id                   1 
_reflns.pdbx_ordinal                     1 
_reflns.pdbx_CC_half                     0.933 
_reflns.pdbx_CC_star                     ? 
_reflns.pdbx_R_split                     ? 
# 
loop_
_reflns_shell.d_res_high 
_reflns_shell.d_res_low 
_reflns_shell.meanI_over_sigI_all 
_reflns_shell.meanI_over_sigI_obs 
_reflns_shell.number_measured_all 
_reflns_shell.number_measured_obs 
_reflns_shell.number_possible 
_reflns_shell.number_unique_all 
_reflns_shell.number_unique_obs 
_reflns_shell.percent_possible_all 
_reflns_shell.percent_possible_obs 
_reflns_shell.Rmerge_F_all 
_reflns_shell.Rmerge_F_obs 
_reflns_shell.Rmerge_I_all 
_reflns_shell.Rmerge_I_obs 
_reflns_shell.meanI_over_sigI_gt 
_reflns_shell.meanI_over_uI_all 
_reflns_shell.meanI_over_uI_gt 
_reflns_shell.number_measured_gt 
_reflns_shell.number_unique_gt 
_reflns_shell.percent_possible_gt 
_reflns_shell.Rmerge_F_gt 
_reflns_shell.Rmerge_I_gt 
_reflns_shell.pdbx_redundancy 
_reflns_shell.pdbx_Rsym_value 
_reflns_shell.pdbx_chi_squared 
_reflns_shell.pdbx_netI_over_sigmaI_all 
_reflns_shell.pdbx_netI_over_sigmaI_obs 
_reflns_shell.pdbx_Rrim_I_all 
_reflns_shell.pdbx_Rpim_I_all 
_reflns_shell.pdbx_rejects 
_reflns_shell.pdbx_ordinal 
_reflns_shell.pdbx_diffrn_id 
_reflns_shell.pdbx_CC_half 
_reflns_shell.pdbx_CC_star 
_reflns_shell.pdbx_R_split 
3.050 3.100  ? ? ? ? ? ? 118 54.100  ? ? ? ? 0.719 ? ? ? ? ? ? ? ? 6.000  ? 0.456 ? ? 0.775 0.278 ? 1  1 0.807 ? ? 
3.100 3.160  ? ? ? ? ? ? 152 68.500  ? ? ? ? 0.333 ? ? ? ? ? ? ? ? 6.700  ? 0.706 ? ? 0.356 0.121 ? 2  1 0.974 ? ? 
3.160 3.220  ? ? ? ? ? ? 156 70.300  ? ? ? ? 0.261 ? ? ? ? ? ? ? ? 6.800  ? 0.756 ? ? 0.278 0.094 ? 3  1 0.985 ? ? 
3.220 3.290  ? ? ? ? ? ? 188 80.000  ? ? ? ? 0.353 ? ? ? ? ? ? ? ? 6.600  ? 0.678 ? ? 0.377 0.129 ? 4  1 0.977 ? ? 
3.290 3.360  ? ? ? ? ? ? 190 86.400  ? ? ? ? 0.224 ? ? ? ? ? ? ? ? 6.900  ? 0.890 ? ? 0.238 0.080 ? 5  1 0.990 ? ? 
3.360 3.430  ? ? ? ? ? ? 192 88.900  ? ? ? ? 0.310 ? ? ? ? ? ? ? ? 6.800  ? 0.756 ? ? 0.332 0.115 ? 6  1 0.984 ? ? 
3.430 3.520  ? ? ? ? ? ? 215 90.300  ? ? ? ? 0.272 ? ? ? ? ? ? ? ? 7.300  ? 0.751 ? ? 0.290 0.098 ? 7  1 0.982 ? ? 
3.520 3.620  ? ? ? ? ? ? 207 95.800  ? ? ? ? 0.407 ? ? ? ? ? ? ? ? 7.300  ? 0.579 ? ? 0.435 0.152 ? 8  1 0.963 ? ? 
3.620 3.720  ? ? ? ? ? ? 226 99.600  ? ? ? ? 0.508 ? ? ? ? ? ? ? ? 8.600  ? 0.463 ? ? 0.539 0.176 ? 9  1 0.949 ? ? 
3.720 3.840  ? ? ? ? ? ? 227 99.600  ? ? ? ? 0.622 ? ? ? ? ? ? ? ? 9.000  ? 0.503 ? ? 0.657 0.211 ? 10 1 0.869 ? ? 
3.840 3.980  ? ? ? ? ? ? 216 100.000 ? ? ? ? 0.393 ? ? ? ? ? ? ? ? 10.100 ? 0.622 ? ? 0.414 0.130 ? 11 1 0.953 ? ? 
3.980 4.140  ? ? ? ? ? ? 218 100.000 ? ? ? ? 0.307 ? ? ? ? ? ? ? ? 10.200 ? 0.655 ? ? 0.323 0.100 ? 12 1 0.972 ? ? 
4.140 4.330  ? ? ? ? ? ? 222 100.000 ? ? ? ? 0.299 ? ? ? ? ? ? ? ? 10.300 ? 0.693 ? ? 0.314 0.098 ? 13 1 0.966 ? ? 
4.330 4.560  ? ? ? ? ? ? 232 100.000 ? ? ? ? 0.298 ? ? ? ? ? ? ? ? 9.500  ? 0.630 ? ? 0.315 0.101 ? 14 1 0.971 ? ? 
4.560 4.840  ? ? ? ? ? ? 221 100.000 ? ? ? ? 0.229 ? ? ? ? ? ? ? ? 9.900  ? 0.805 ? ? 0.242 0.077 ? 15 1 0.980 ? ? 
4.840 5.210  ? ? ? ? ? ? 223 100.000 ? ? ? ? 0.164 ? ? ? ? ? ? ? ? 11.000 ? 1.010 ? ? 0.172 0.052 ? 16 1 0.990 ? ? 
5.210 5.740  ? ? ? ? ? ? 221 100.000 ? ? ? ? 0.130 ? ? ? ? ? ? ? ? 10.700 ? 1.473 ? ? 0.136 0.041 ? 17 1 0.991 ? ? 
5.740 6.570  ? ? ? ? ? ? 230 100.000 ? ? ? ? 0.110 ? ? ? ? ? ? ? ? 10.200 ? 1.351 ? ? 0.116 0.036 ? 18 1 0.994 ? ? 
6.570 8.270  ? ? ? ? ? ? 225 100.000 ? ? ? ? 0.079 ? ? ? ? ? ? ? ? 10.300 ? 1.683 ? ? 0.083 0.026 ? 19 1 0.997 ? ? 
8.270 50.000 ? ? ? ? ? ? 222 100.000 ? ? ? ? 0.159 ? ? ? ? ? ? ? ? 10.500 ? 9.362 ? ? 0.167 0.050 ? 20 1 0.954 ? ? 
# 
_refine.aniso_B[1][1]                            ? 
_refine.aniso_B[1][2]                            ? 
_refine.aniso_B[1][3]                            ? 
_refine.aniso_B[2][2]                            ? 
_refine.aniso_B[2][3]                            ? 
_refine.aniso_B[3][3]                            ? 
_refine.B_iso_max                                197.300 
_refine.B_iso_mean                               82.8131 
_refine.B_iso_min                                38.810 
_refine.correlation_coeff_Fo_to_Fc               ? 
_refine.correlation_coeff_Fo_to_Fc_free          ? 
_refine.details                                  ? 
_refine.diff_density_max                         ? 
_refine.diff_density_max_esd                     ? 
_refine.diff_density_min                         ? 
_refine.diff_density_min_esd                     ? 
_refine.diff_density_rms                         ? 
_refine.diff_density_rms_esd                     ? 
_refine.entry_id                                 7JJ6 
_refine.pdbx_refine_id                           'X-RAY DIFFRACTION' 
_refine.ls_abs_structure_details                 ? 
_refine.ls_abs_structure_Flack                   ? 
_refine.ls_abs_structure_Flack_esd               ? 
_refine.ls_abs_structure_Rogers                  ? 
_refine.ls_abs_structure_Rogers_esd              ? 
_refine.ls_d_res_high                            3.0770 
_refine.ls_d_res_low                             35.2600 
_refine.ls_extinction_coef                       ? 
_refine.ls_extinction_coef_esd                   ? 
_refine.ls_extinction_expression                 ? 
_refine.ls_extinction_method                     ? 
_refine.ls_goodness_of_fit_all                   ? 
_refine.ls_goodness_of_fit_all_esd               ? 
_refine.ls_goodness_of_fit_obs                   ? 
_refine.ls_goodness_of_fit_obs_esd               ? 
_refine.ls_hydrogen_treatment                    ? 
_refine.ls_matrix_type                           ? 
_refine.ls_number_constraints                    ? 
_refine.ls_number_parameters                     ? 
_refine.ls_number_reflns_all                     ? 
_refine.ls_number_reflns_obs                     4062 
_refine.ls_number_reflns_R_free                  205 
_refine.ls_number_reflns_R_work                  3857 
_refine.ls_number_restraints                     ? 
_refine.ls_percent_reflns_obs                    90.0700 
_refine.ls_percent_reflns_R_free                 5.0500 
_refine.ls_R_factor_all                          ? 
_refine.ls_R_factor_obs                          0.2009 
_refine.ls_R_factor_R_free                       0.2374 
_refine.ls_R_factor_R_free_error                 ? 
_refine.ls_R_factor_R_free_error_details         ? 
_refine.ls_R_factor_R_work                       0.1986 
_refine.ls_R_Fsqd_factor_obs                     ? 
_refine.ls_R_I_factor_obs                        ? 
_refine.ls_redundancy_reflns_all                 ? 
_refine.ls_redundancy_reflns_obs                 ? 
_refine.ls_restrained_S_all                      ? 
_refine.ls_restrained_S_obs                      ? 
_refine.ls_shift_over_esd_max                    ? 
_refine.ls_shift_over_esd_mean                   ? 
_refine.ls_structure_factor_coef                 ? 
_refine.ls_weighting_details                     ? 
_refine.ls_weighting_scheme                      ? 
_refine.ls_wR_factor_all                         ? 
_refine.ls_wR_factor_obs                         ? 
_refine.ls_wR_factor_R_free                      ? 
_refine.ls_wR_factor_R_work                      ? 
_refine.occupancy_max                            ? 
_refine.occupancy_min                            ? 
_refine.solvent_model_details                    'FLAT BULK SOLVENT MODEL' 
_refine.solvent_model_param_bsol                 ? 
_refine.solvent_model_param_ksol                 ? 
_refine.pdbx_R_complete                          ? 
_refine.ls_R_factor_gt                           ? 
_refine.ls_goodness_of_fit_gt                    ? 
_refine.ls_goodness_of_fit_ref                   ? 
_refine.ls_shift_over_su_max                     ? 
_refine.ls_shift_over_su_max_lt                  ? 
_refine.ls_shift_over_su_mean                    ? 
_refine.ls_shift_over_su_mean_lt                 ? 
_refine.pdbx_ls_sigma_I                          ? 
_refine.pdbx_ls_sigma_F                          2.010 
_refine.pdbx_ls_sigma_Fsqd                       ? 
_refine.pdbx_data_cutoff_high_absF               ? 
_refine.pdbx_data_cutoff_high_rms_absF           ? 
_refine.pdbx_data_cutoff_low_absF                ? 
_refine.pdbx_isotropic_thermal_model             ? 
_refine.pdbx_ls_cross_valid_method               THROUGHOUT 
_refine.pdbx_method_to_determine_struct          'MOLECULAR REPLACEMENT' 
_refine.pdbx_starting_model                      6XNA 
_refine.pdbx_stereochemistry_target_values       ML 
_refine.pdbx_R_Free_selection_details            ? 
_refine.pdbx_stereochem_target_val_spec_case     ? 
_refine.pdbx_overall_ESU_R                       ? 
_refine.pdbx_overall_ESU_R_Free                  ? 
_refine.pdbx_solvent_vdw_probe_radii             1.1100 
_refine.pdbx_solvent_ion_probe_radii             ? 
_refine.pdbx_solvent_shrinkage_radii             0.9000 
_refine.pdbx_real_space_R                        ? 
_refine.pdbx_density_correlation                 ? 
_refine.pdbx_pd_number_of_powder_patterns        ? 
_refine.pdbx_pd_number_of_points                 ? 
_refine.pdbx_pd_meas_number_of_points            ? 
_refine.pdbx_pd_proc_ls_prof_R_factor            ? 
_refine.pdbx_pd_proc_ls_prof_wR_factor           ? 
_refine.pdbx_pd_Marquardt_correlation_coeff      ? 
_refine.pdbx_pd_Fsqrd_R_factor                   ? 
_refine.pdbx_pd_ls_matrix_band_width             ? 
_refine.pdbx_overall_phase_error                 24.9400 
_refine.pdbx_overall_SU_R_free_Cruickshank_DPI   ? 
_refine.pdbx_overall_SU_R_free_Blow_DPI          ? 
_refine.pdbx_overall_SU_R_Blow_DPI               ? 
_refine.pdbx_TLS_residual_ADP_flag               ? 
_refine.pdbx_diffrn_id                           1 
_refine.overall_SU_B                             ? 
_refine.overall_SU_ML                            0.4200 
_refine.overall_SU_R_Cruickshank_DPI             ? 
_refine.overall_SU_R_free                        ? 
_refine.overall_FOM_free_R_set                   ? 
_refine.overall_FOM_work_R_set                   ? 
_refine.pdbx_average_fsc_overall                 ? 
_refine.pdbx_average_fsc_work                    ? 
_refine.pdbx_average_fsc_free                    ? 
# 
_refine_hist.pdbx_refine_id                   'X-RAY DIFFRACTION' 
_refine_hist.cycle_id                         final 
_refine_hist.details                          ? 
_refine_hist.d_res_high                       3.0770 
_refine_hist.d_res_low                        35.2600 
_refine_hist.number_atoms_solvent             0 
_refine_hist.number_atoms_total               857 
_refine_hist.number_reflns_all                ? 
_refine_hist.number_reflns_obs                ? 
_refine_hist.number_reflns_R_free             ? 
_refine_hist.number_reflns_R_work             ? 
_refine_hist.R_factor_all                     ? 
_refine_hist.R_factor_obs                     ? 
_refine_hist.R_factor_R_free                  ? 
_refine_hist.R_factor_R_work                  ? 
_refine_hist.pdbx_number_residues_total       42 
_refine_hist.pdbx_B_iso_mean_ligand           181.28 
_refine_hist.pdbx_B_iso_mean_solvent          ? 
_refine_hist.pdbx_number_atoms_protein        0 
_refine_hist.pdbx_number_atoms_nucleic_acid   855 
_refine_hist.pdbx_number_atoms_ligand         2 
_refine_hist.pdbx_number_atoms_lipid          ? 
_refine_hist.pdbx_number_atoms_carb           ? 
_refine_hist.pdbx_pseudo_atom_details         ? 
# 
loop_
_refine_ls_restr.pdbx_refine_id 
_refine_ls_restr.criterion 
_refine_ls_restr.dev_ideal 
_refine_ls_restr.dev_ideal_target 
_refine_ls_restr.number 
_refine_ls_restr.rejects 
_refine_ls_restr.type 
_refine_ls_restr.weight 
_refine_ls_restr.pdbx_restraint_function 
'X-RAY DIFFRACTION' ? 0.008  ? 956  ? f_bond_d           ? ? 
'X-RAY DIFFRACTION' ? 0.885  ? 1467 ? f_angle_d          ? ? 
'X-RAY DIFFRACTION' ? 0.045  ? 166  ? f_chiral_restr     ? ? 
'X-RAY DIFFRACTION' ? 0.005  ? 42   ? f_plane_restr      ? ? 
'X-RAY DIFFRACTION' ? 34.973 ? 406  ? f_dihedral_angle_d ? ? 
# 
_refine_ls_shell.pdbx_refine_id                   'X-RAY DIFFRACTION' 
_refine_ls_shell.d_res_high                       3.0770 
_refine_ls_shell.d_res_low                        ? 
_refine_ls_shell.number_reflns_all                ? 
_refine_ls_shell.number_reflns_obs                ? 
_refine_ls_shell.number_reflns_R_free             205 
_refine_ls_shell.number_reflns_R_work             3857 
_refine_ls_shell.percent_reflns_obs               90.0000 
_refine_ls_shell.percent_reflns_R_free            ? 
_refine_ls_shell.R_factor_all                     ? 
_refine_ls_shell.R_factor_obs                     ? 
_refine_ls_shell.R_factor_R_free                  0.2374 
_refine_ls_shell.R_factor_R_free_error            0.0000 
_refine_ls_shell.R_factor_R_work                  0.1986 
_refine_ls_shell.redundancy_reflns_all            ? 
_refine_ls_shell.redundancy_reflns_obs            ? 
_refine_ls_shell.wR_factor_all                    ? 
_refine_ls_shell.wR_factor_obs                    ? 
_refine_ls_shell.wR_factor_R_free                 ? 
_refine_ls_shell.wR_factor_R_work                 ? 
_refine_ls_shell.pdbx_R_complete                  ? 
_refine_ls_shell.pdbx_total_number_of_bins_used   ? 
_refine_ls_shell.pdbx_phase_error                 ? 
_refine_ls_shell.pdbx_fsc_work                    ? 
_refine_ls_shell.pdbx_fsc_free                    ? 
# 
_struct.entry_id                     7JJ6 
_struct.title                        
;Self-assembly of a 3D DNA crystal lattice (4x6 scramble junction version) containing the J8 immobile Holliday junction with R3 symmetry
;
_struct.pdbx_model_details           ? 
_struct.pdbx_formula_weight          ? 
_struct.pdbx_formula_weight_method   ? 
_struct.pdbx_model_type_details      ? 
_struct.pdbx_CASP_flag               N 
# 
_struct_keywords.entry_id        7JJ6 
_struct_keywords.text            
'Structural DNA nanotechnology, immobile Holliday junctions, 3D DNA self-assembly, designer DNA crystals, DNA' 
_struct_keywords.pdbx_keywords   DNA 
# 
loop_
_struct_asym.id 
_struct_asym.pdbx_blank_PDB_chainid_flag 
_struct_asym.pdbx_modified 
_struct_asym.entity_id 
_struct_asym.details 
A N N 1 ? 
B N N 2 ? 
C N N 3 ? 
D N N 4 ? 
E N N 5 ? 
F N N 5 ? 
# 
loop_
_struct_conn.id 
_struct_conn.conn_type_id 
_struct_conn.pdbx_leaving_atom_flag 
_struct_conn.pdbx_PDB_id 
_struct_conn.ptnr1_label_asym_id 
_struct_conn.ptnr1_label_comp_id 
_struct_conn.ptnr1_label_seq_id 
_struct_conn.ptnr1_label_atom_id 
_struct_conn.pdbx_ptnr1_label_alt_id 
_struct_conn.pdbx_ptnr1_PDB_ins_code 
_struct_conn.pdbx_ptnr1_standard_comp_id 
_struct_conn.ptnr1_symmetry 
_struct_conn.ptnr2_label_asym_id 
_struct_conn.ptnr2_label_comp_id 
_struct_conn.ptnr2_label_seq_id 
_struct_conn.ptnr2_label_atom_id 
_struct_conn.pdbx_ptnr2_label_alt_id 
_struct_conn.pdbx_ptnr2_PDB_ins_code 
_struct_conn.ptnr1_auth_asym_id 
_struct_conn.ptnr1_auth_comp_id 
_struct_conn.ptnr1_auth_seq_id 
_struct_conn.ptnr2_auth_asym_id 
_struct_conn.ptnr2_auth_comp_id 
_struct_conn.ptnr2_auth_seq_id 
_struct_conn.ptnr2_symmetry 
_struct_conn.pdbx_ptnr3_label_atom_id 
_struct_conn.pdbx_ptnr3_label_seq_id 
_struct_conn.pdbx_ptnr3_label_comp_id 
_struct_conn.pdbx_ptnr3_label_asym_id 
_struct_conn.pdbx_ptnr3_label_alt_id 
_struct_conn.pdbx_ptnr3_PDB_ins_code 
_struct_conn.details 
_struct_conn.pdbx_dist_value 
_struct_conn.pdbx_value_order 
_struct_conn.pdbx_role 
hydrog1  hydrog ? ? A DA 3  N1 ? ? ? 1_555 D DT 15 N3 ? ? A DA 3  D DT 16 1_555 ? ? ? ? ? ? WATSON-CRICK ? ? ? 
hydrog2  hydrog ? ? A DA 3  N6 ? ? ? 1_555 D DT 15 O4 ? ? A DA 3  D DT 16 1_555 ? ? ? ? ? ? WATSON-CRICK ? ? ? 
hydrog3  hydrog ? ? A DC 4  N3 ? ? ? 1_555 D DG 14 N1 ? ? A DC 4  D DG 15 1_555 ? ? ? ? ? ? WATSON-CRICK ? ? ? 
hydrog4  hydrog ? ? A DC 4  N4 ? ? ? 1_555 D DG 14 O6 ? ? A DC 4  D DG 15 1_555 ? ? ? ? ? ? WATSON-CRICK ? ? ? 
hydrog5  hydrog ? ? A DC 4  O2 ? ? ? 1_555 D DG 14 N2 ? ? A DC 4  D DG 15 1_555 ? ? ? ? ? ? WATSON-CRICK ? ? ? 
hydrog6  hydrog ? ? A DG 5  N1 ? ? ? 1_555 D DC 13 N3 ? ? A DG 5  D DC 14 1_555 ? ? ? ? ? ? WATSON-CRICK ? ? ? 
hydrog7  hydrog ? ? A DG 5  N2 ? ? ? 1_555 D DC 13 O2 ? ? A DG 5  D DC 14 1_555 ? ? ? ? ? ? WATSON-CRICK ? ? ? 
hydrog8  hydrog ? ? A DG 5  O6 ? ? ? 1_555 D DC 13 N4 ? ? A DG 5  D DC 14 1_555 ? ? ? ? ? ? WATSON-CRICK ? ? ? 
hydrog9  hydrog ? ? A DA 6  N1 ? ? ? 1_555 D DT 12 N3 ? ? A DA 6  D DT 13 1_555 ? ? ? ? ? ? WATSON-CRICK ? ? ? 
hydrog10 hydrog ? ? A DA 6  N6 ? ? ? 1_555 D DT 12 O4 ? ? A DA 6  D DT 13 1_555 ? ? ? ? ? ? WATSON-CRICK ? ? ? 
hydrog11 hydrog ? ? A DC 7  N3 ? ? ? 1_555 D DG 11 N1 ? ? A DC 7  D DG 12 1_555 ? ? ? ? ? ? WATSON-CRICK ? ? ? 
hydrog12 hydrog ? ? A DC 7  N4 ? ? ? 1_555 D DG 11 O6 ? ? A DC 7  D DG 12 1_555 ? ? ? ? ? ? WATSON-CRICK ? ? ? 
hydrog13 hydrog ? ? A DC 7  O2 ? ? ? 1_555 D DG 11 N2 ? ? A DC 7  D DG 12 1_555 ? ? ? ? ? ? WATSON-CRICK ? ? ? 
hydrog14 hydrog ? ? A DA 8  N1 ? ? ? 1_555 D DT 10 N3 ? ? A DA 8  D DT 11 1_555 ? ? ? ? ? ? WATSON-CRICK ? ? ? 
hydrog15 hydrog ? ? A DA 8  N6 ? ? ? 1_555 D DT 10 O4 ? ? A DA 8  D DT 11 1_555 ? ? ? ? ? ? WATSON-CRICK ? ? ? 
hydrog16 hydrog ? ? A DC 9  N3 ? ? ? 1_555 D DG 9  N1 ? ? A DC 9  D DG 10 1_555 ? ? ? ? ? ? WATSON-CRICK ? ? ? 
hydrog17 hydrog ? ? A DC 9  N4 ? ? ? 1_555 D DG 9  O6 ? ? A DC 9  D DG 10 1_555 ? ? ? ? ? ? WATSON-CRICK ? ? ? 
hydrog18 hydrog ? ? A DC 9  O2 ? ? ? 1_555 D DG 9  N2 ? ? A DC 9  D DG 10 1_555 ? ? ? ? ? ? WATSON-CRICK ? ? ? 
hydrog19 hydrog ? ? A DA 10 N1 ? ? ? 1_555 C DT 3  N3 ? ? A DA 10 C DT 2  1_555 ? ? ? ? ? ? WATSON-CRICK ? ? ? 
hydrog20 hydrog ? ? A DA 10 N6 ? ? ? 1_555 C DT 3  O4 ? ? A DA 10 C DT 2  1_555 ? ? ? ? ? ? WATSON-CRICK ? ? ? 
hydrog21 hydrog ? ? A DG 11 N1 ? ? ? 1_555 C DC 2  N3 ? ? A DG 11 C DC 1  1_555 ? ? ? ? ? ? WATSON-CRICK ? ? ? 
hydrog22 hydrog ? ? A DG 11 N2 ? ? ? 1_555 C DC 2  O2 ? ? A DG 11 C DC 1  1_555 ? ? ? ? ? ? WATSON-CRICK ? ? ? 
hydrog23 hydrog ? ? A DG 11 O6 ? ? ? 1_555 C DC 2  N4 ? ? A DG 11 C DC 1  1_555 ? ? ? ? ? ? WATSON-CRICK ? ? ? 
hydrog24 hydrog ? ? A DA 12 N1 ? ? ? 1_555 C DT 1  N3 ? ? A DA 12 C DT 0  1_555 ? ? ? ? ? ? WATSON-CRICK ? ? ? 
hydrog25 hydrog ? ? A DA 12 N6 ? ? ? 1_555 C DT 1  O4 ? ? A DA 12 C DT 0  1_555 ? ? ? ? ? ? WATSON-CRICK ? ? ? 
hydrog26 hydrog ? ? B DC 1  N3 ? ? ? 1_555 C DG 6  N1 ? ? B DC 12 C DG 5  1_555 ? ? ? ? ? ? WATSON-CRICK ? ? ? 
hydrog27 hydrog ? ? B DC 1  N4 ? ? ? 1_555 C DG 6  O6 ? ? B DC 12 C DG 5  1_555 ? ? ? ? ? ? WATSON-CRICK ? ? ? 
hydrog28 hydrog ? ? B DC 1  O2 ? ? ? 1_555 C DG 6  N2 ? ? B DC 12 C DG 5  1_555 ? ? ? ? ? ? WATSON-CRICK ? ? ? 
hydrog29 hydrog ? ? B DG 2  N1 ? ? ? 1_555 C DC 5  N3 ? ? B DG 13 C DC 4  1_555 ? ? ? ? ? ? WATSON-CRICK ? ? ? 
hydrog30 hydrog ? ? B DG 2  N2 ? ? ? 1_555 C DC 5  O2 ? ? B DG 13 C DC 4  1_555 ? ? ? ? ? ? WATSON-CRICK ? ? ? 
hydrog31 hydrog ? ? B DG 2  O6 ? ? ? 1_555 C DC 5  N4 ? ? B DG 13 C DC 4  1_555 ? ? ? ? ? ? WATSON-CRICK ? ? ? 
hydrog32 hydrog ? ? B DA 3  N1 ? ? ? 1_555 C DT 4  N3 ? ? B DA 14 C DT 3  1_555 ? ? ? ? ? ? WATSON-CRICK ? ? ? 
hydrog33 hydrog ? ? B DA 3  N6 ? ? ? 1_555 C DT 4  O4 ? ? B DA 14 C DT 3  1_555 ? ? ? ? ? ? WATSON-CRICK ? ? ? 
hydrog34 hydrog ? ? B DC 4  N3 ? ? ? 1_555 D DG 8  N1 ? ? B DC 15 D DG 9  1_555 ? ? ? ? ? ? WATSON-CRICK ? ? ? 
hydrog35 hydrog ? ? B DC 4  N4 ? ? ? 1_555 D DG 8  O6 ? ? B DC 15 D DG 9  1_555 ? ? ? ? ? ? WATSON-CRICK ? ? ? 
hydrog36 hydrog ? ? B DC 4  O2 ? ? ? 1_555 D DG 8  N2 ? ? B DC 15 D DG 9  1_555 ? ? ? ? ? ? WATSON-CRICK ? ? ? 
hydrog37 hydrog ? ? B DG 5  N1 ? ? ? 1_555 D DC 7  N3 ? ? B DG 16 D DC 8  1_555 ? ? ? ? ? ? WATSON-CRICK ? ? ? 
hydrog38 hydrog ? ? B DG 5  N2 ? ? ? 1_555 D DC 7  O2 ? ? B DG 16 D DC 8  1_555 ? ? ? ? ? ? WATSON-CRICK ? ? ? 
hydrog39 hydrog ? ? B DG 5  O6 ? ? ? 1_555 D DC 7  N4 ? ? B DG 16 D DC 8  1_555 ? ? ? ? ? ? WATSON-CRICK ? ? ? 
hydrog40 hydrog ? ? B DA 6  N1 ? ? ? 1_555 D DT 6  N3 ? ? B DA 17 D DT 7  1_555 ? ? ? ? ? ? WATSON-CRICK ? ? ? 
hydrog41 hydrog ? ? B DA 6  N6 ? ? ? 1_555 D DT 6  O4 ? ? B DA 17 D DT 7  1_555 ? ? ? ? ? ? WATSON-CRICK ? ? ? 
hydrog42 hydrog ? ? B DC 7  N3 ? ? ? 1_555 D DG 5  N1 ? ? B DC 18 D DG 6  1_555 ? ? ? ? ? ? WATSON-CRICK ? ? ? 
hydrog43 hydrog ? ? B DC 7  N4 ? ? ? 1_555 D DG 5  O6 ? ? B DC 18 D DG 6  1_555 ? ? ? ? ? ? WATSON-CRICK ? ? ? 
hydrog44 hydrog ? ? B DC 7  O2 ? ? ? 1_555 D DG 5  N2 ? ? B DC 18 D DG 6  1_555 ? ? ? ? ? ? WATSON-CRICK ? ? ? 
hydrog45 hydrog ? ? B DT 8  N3 ? ? ? 1_555 D DA 4  N1 ? ? B DT 19 D DA 5  1_555 ? ? ? ? ? ? WATSON-CRICK ? ? ? 
hydrog46 hydrog ? ? B DT 8  O4 ? ? ? 1_555 D DA 4  N6 ? ? B DT 19 D DA 5  1_555 ? ? ? ? ? ? WATSON-CRICK ? ? ? 
hydrog47 hydrog ? ? B DC 9  N3 ? ? ? 1_555 D DG 3  N1 ? ? B DC 20 D DG 4  1_555 ? ? ? ? ? ? WATSON-CRICK ? ? ? 
hydrog48 hydrog ? ? B DC 9  N4 ? ? ? 1_555 D DG 3  O6 ? ? B DC 20 D DG 4  1_555 ? ? ? ? ? ? WATSON-CRICK ? ? ? 
hydrog49 hydrog ? ? B DC 9  O2 ? ? ? 1_555 D DG 3  N2 ? ? B DC 20 D DG 4  1_555 ? ? ? ? ? ? WATSON-CRICK ? ? ? 
# 
_struct_conn_type.id          hydrog 
_struct_conn_type.criteria    ? 
_struct_conn_type.reference   ? 
# 
_atom_sites.entry_id                    7JJ6 
_atom_sites.Cartn_transf_matrix[1][1]   ? 
_atom_sites.Cartn_transf_matrix[1][2]   ? 
_atom_sites.Cartn_transf_matrix[1][3]   ? 
_atom_sites.Cartn_transf_matrix[2][1]   ? 
_atom_sites.Cartn_transf_matrix[2][2]   ? 
_atom_sites.Cartn_transf_matrix[2][3]   ? 
_atom_sites.Cartn_transf_matrix[3][1]   ? 
_atom_sites.Cartn_transf_matrix[3][2]   ? 
_atom_sites.Cartn_transf_matrix[3][3]   ? 
_atom_sites.Cartn_transf_vector[1]      ? 
_atom_sites.Cartn_transf_vector[2]      ? 
_atom_sites.Cartn_transf_vector[3]      ? 
_atom_sites.fract_transf_matrix[1][1]   0.00226134 
_atom_sites.fract_transf_matrix[1][2]   -0.00512808 
_atom_sites.fract_transf_matrix[1][3]   -0.00852610 
_atom_sites.fract_transf_matrix[2][1]   -0.00570172 
_atom_sites.fract_transf_matrix[2][2]   0.00124844 
_atom_sites.fract_transf_matrix[2][3]   -0.00836857 
_atom_sites.fract_transf_matrix[3][1]   0.01170051 
_atom_sites.fract_transf_matrix[3][2]   0.01475429 
_atom_sites.fract_transf_matrix[3][3]   -0.00577078 
_atom_sites.fract_transf_vector[1]      0.324973 
_atom_sites.fract_transf_vector[2]      0.159961 
_atom_sites.fract_transf_vector[3]      -0.094911 
_atom_sites.solution_primary            ? 
_atom_sites.solution_secondary          ? 
_atom_sites.solution_hydrogens          ? 
_atom_sites.special_details             ? 
# 
loop_
_atom_type.symbol 
AS 
C  
N  
O  
P  
# 
loop_
_atom_site.group_PDB 
_atom_site.id 
_atom_site.type_symbol 
_atom_site.label_atom_id 
_atom_site.label_alt_id 
_atom_site.label_comp_id 
_atom_site.label_asym_id 
_atom_site.label_entity_id 
_atom_site.label_seq_id 
_atom_site.pdbx_PDB_ins_code 
_atom_site.Cartn_x 
_atom_site.Cartn_y 
_atom_site.Cartn_z 
_atom_site.occupancy 
_atom_site.B_iso_or_equiv 
_atom_site.pdbx_formal_charge 
_atom_site.auth_seq_id 
_atom_site.auth_comp_id 
_atom_site.auth_asym_id 
_atom_site.auth_atom_id 
_atom_site.pdbx_PDB_model_num 
ATOM   1   O  "O5'" . DG  A 1 1  ? 1.853   25.898  2.810   1.00 114.82 ? 1   DG  A "O5'" 1 
ATOM   2   C  "C5'" . DG  A 1 1  ? 1.435   26.683  1.699   1.00 116.27 ? 1   DG  A "C5'" 1 
ATOM   3   C  "C4'" . DG  A 1 1  ? -0.077  26.824  1.674   1.00 114.06 ? 1   DG  A "C4'" 1 
ATOM   4   O  "O4'" . DG  A 1 1  ? -0.473  27.437  0.436   1.00 99.83  ? 1   DG  A "O4'" 1 
ATOM   5   C  "C3'" . DG  A 1 1  ? -0.837  25.512  1.711   1.00 111.83 ? 1   DG  A "C3'" 1 
ATOM   6   O  "O3'" . DG  A 1 1  ? -1.065  25.130  3.049   1.00 113.81 ? 1   DG  A "O3'" 1 
ATOM   7   C  "C2'" . DG  A 1 1  ? -2.149  25.840  1.002   1.00 104.40 ? 1   DG  A "C2'" 1 
ATOM   8   C  "C1'" . DG  A 1 1  ? -1.787  27.037  0.114   1.00 97.89  ? 1   DG  A "C1'" 1 
ATOM   9   N  N9    . DG  A 1 1  ? -1.847  26.777  -1.325  1.00 91.68  ? 1   DG  A N9    1 
ATOM   10  C  C8    . DG  A 1 1  ? -0.935  27.195  -2.265  1.00 91.31  ? 1   DG  A C8    1 
ATOM   11  N  N7    . DG  A 1 1  ? -1.244  26.847  -3.482  1.00 86.90  ? 1   DG  A N7    1 
ATOM   12  C  C5    . DG  A 1 1  ? -2.441  26.156  -3.347  1.00 85.86  ? 1   DG  A C5    1 
ATOM   13  C  C6    . DG  A 1 1  ? -3.250  25.541  -4.330  1.00 82.99  ? 1   DG  A C6    1 
ATOM   14  O  O6    . DG  A 1 1  ? -3.059  25.488  -5.550  1.00 86.57  ? 1   DG  A O6    1 
ATOM   15  N  N1    . DG  A 1 1  ? -4.381  24.943  -3.776  1.00 79.51  ? 1   DG  A N1    1 
ATOM   16  C  C2    . DG  A 1 1  ? -4.690  24.943  -2.436  1.00 86.54  ? 1   DG  A C2    1 
ATOM   17  N  N2    . DG  A 1 1  ? -5.826  24.313  -2.089  1.00 81.08  ? 1   DG  A N2    1 
ATOM   18  N  N3    . DG  A 1 1  ? -3.942  25.520  -1.500  1.00 92.26  ? 1   DG  A N3    1 
ATOM   19  C  C4    . DG  A 1 1  ? -2.833  26.104  -2.025  1.00 90.29  ? 1   DG  A C4    1 
ATOM   20  P  P     . DA  A 1 2  ? -0.630  23.666  3.535   1.00 138.13 ? 2   DA  A P     1 
ATOM   21  O  OP1   . DA  A 1 2  ? 0.364   23.828  4.624   1.00 134.64 ? 2   DA  A OP1   1 
ATOM   22  O  OP2   . DA  A 1 2  ? -0.276  22.899  2.321   1.00 117.30 ? 2   DA  A OP2   1 
ATOM   23  O  "O5'" . DA  A 1 2  ? -1.976  23.034  4.125   1.00 129.28 ? 2   DA  A "O5'" 1 
ATOM   24  C  "C5'" . DA  A 1 2  ? -3.234  23.599  3.792   1.00 115.16 ? 2   DA  A "C5'" 1 
ATOM   25  C  "C4'" . DA  A 1 2  ? -4.104  22.598  3.047   1.00 116.34 ? 2   DA  A "C4'" 1 
ATOM   26  O  "O4'" . DA  A 1 2  ? -4.032  22.853  1.623   1.00 108.99 ? 2   DA  A "O4'" 1 
ATOM   27  C  "C3'" . DA  A 1 2  ? -3.728  21.126  3.224   1.00 114.38 ? 2   DA  A "C3'" 1 
ATOM   28  O  "O3'" . DA  A 1 2  ? -4.915  20.345  3.254   1.00 114.08 ? 2   DA  A "O3'" 1 
ATOM   29  C  "C2'" . DA  A 1 2  ? -2.908  20.839  1.969   1.00 107.58 ? 2   DA  A "C2'" 1 
ATOM   30  C  "C1'" . DA  A 1 2  ? -3.662  21.671  0.950   1.00 100.69 ? 2   DA  A "C1'" 1 
ATOM   31  N  N9    . DA  A 1 2  ? -2.879  22.056  -0.210  1.00 99.20  ? 2   DA  A N9    1 
ATOM   32  C  C8    . DA  A 1 2  ? -1.701  22.747  -0.220  1.00 99.44  ? 2   DA  A C8    1 
ATOM   33  N  N7    . DA  A 1 2  ? -1.232  22.979  -1.420  1.00 92.98  ? 2   DA  A N7    1 
ATOM   34  C  C5    . DA  A 1 2  ? -2.173  22.408  -2.257  1.00 93.41  ? 2   DA  A C5    1 
ATOM   35  C  C6    . DA  A 1 2  ? -2.260  22.314  -3.655  1.00 92.37  ? 2   DA  A C6    1 
ATOM   36  N  N6    . DA  A 1 2  ? -1.338  22.819  -4.484  1.00 90.85  ? 2   DA  A N6    1 
ATOM   37  N  N1    . DA  A 1 2  ? -3.336  21.678  -4.174  1.00 90.74  ? 2   DA  A N1    1 
ATOM   38  C  C2    . DA  A 1 2  ? -4.256  21.177  -3.337  1.00 92.12  ? 2   DA  A C2    1 
ATOM   39  N  N3    . DA  A 1 2  ? -4.280  21.205  -2.004  1.00 95.65  ? 2   DA  A N3    1 
ATOM   40  C  C4    . DA  A 1 2  ? -3.198  21.841  -1.526  1.00 97.48  ? 2   DA  A C4    1 
ATOM   41  P  P     . DA  A 1 3  ? -4.849  18.766  3.542   1.00 125.73 ? 3   DA  A P     1 
ATOM   42  O  OP1   . DA  A 1 3  ? -6.090  18.392  4.256   1.00 122.34 ? 3   DA  A OP1   1 
ATOM   43  O  OP2   . DA  A 1 3  ? -3.527  18.479  4.142   1.00 124.22 ? 3   DA  A OP2   1 
ATOM   44  O  "O5'" . DA  A 1 3  ? -4.890  18.107  2.085   1.00 112.29 ? 3   DA  A "O5'" 1 
ATOM   45  C  "C5'" . DA  A 1 3  ? -5.709  18.683  1.080   1.00 108.59 ? 3   DA  A "C5'" 1 
ATOM   46  C  "C4'" . DA  A 1 3  ? -6.496  17.626  0.320   1.00 112.17 ? 3   DA  A "C4'" 1 
ATOM   47  O  "O4'" . DA  A 1 3  ? -6.166  17.700  -1.080  1.00 113.24 ? 3   DA  A "O4'" 1 
ATOM   48  C  "C3'" . DA  A 1 3  ? -6.215  16.184  0.694   1.00 107.72 ? 3   DA  A "C3'" 1 
ATOM   49  O  "O3'" . DA  A 1 3  ? -7.328  15.376  0.304   1.00 111.08 ? 3   DA  A "O3'" 1 
ATOM   50  C  "C2'" . DA  A 1 3  ? -4.973  15.870  -0.141  1.00 103.03 ? 3   DA  A "C2'" 1 
ATOM   51  C  "C1'" . DA  A 1 3  ? -5.148  16.766  -1.374  1.00 100.26 ? 3   DA  A "C1'" 1 
ATOM   52  N  N9    . DA  A 1 3  ? -3.950  17.513  -1.716  1.00 97.26  ? 3   DA  A N9    1 
ATOM   53  C  C8    . DA  A 1 3  ? -3.051  18.073  -0.850  1.00 97.23  ? 3   DA  A C8    1 
ATOM   54  N  N7    . DA  A 1 3  ? -2.065  18.701  -1.441  1.00 94.76  ? 3   DA  A N7    1 
ATOM   55  C  C5    . DA  A 1 3  ? -2.336  18.544  -2.791  1.00 95.57  ? 3   DA  A C5    1 
ATOM   56  C  C6    . DA  A 1 3  ? -1.663  18.980  -3.950  1.00 95.47  ? 3   DA  A C6    1 
ATOM   57  N  N6    . DA  A 1 3  ? -0.526  19.691  -3.919  1.00 93.27  ? 3   DA  A N6    1 
ATOM   58  N  N1    . DA  A 1 3  ? -2.209  18.654  -5.146  1.00 92.26  ? 3   DA  A N1    1 
ATOM   59  C  C2    . DA  A 1 3  ? -3.345  17.942  -5.168  1.00 91.95  ? 3   DA  A C2    1 
ATOM   60  N  N3    . DA  A 1 3  ? -4.064  17.479  -4.147  1.00 92.55  ? 3   DA  A N3    1 
ATOM   61  C  C4    . DA  A 1 3  ? -3.499  17.819  -2.976  1.00 94.93  ? 3   DA  A C4    1 
ATOM   62  P  P     . DC  A 1 4  ? -7.257  13.772  0.381   1.00 118.74 ? 4   DC  A P     1 
ATOM   63  O  OP1   . DC  A 1 4  ? -8.644  13.256  0.425   1.00 109.18 ? 4   DC  A OP1   1 
ATOM   64  O  OP2   . DC  A 1 4  ? -6.303  13.418  1.456   1.00 124.74 ? 4   DC  A OP2   1 
ATOM   65  O  "O5'" . DC  A 1 4  ? -6.637  13.349  -1.027  1.00 108.67 ? 4   DC  A "O5'" 1 
ATOM   66  C  "C5'" . DC  A 1 4  ? -7.330  13.667  -2.216  1.00 105.48 ? 4   DC  A "C5'" 1 
ATOM   67  C  "C4'" . DC  A 1 4  ? -6.542  13.224  -3.434  1.00 108.91 ? 4   DC  A "C4'" 1 
ATOM   68  O  "O4'" . DC  A 1 4  ? -5.427  14.118  -3.650  1.00 106.81 ? 4   DC  A "O4'" 1 
ATOM   69  C  "C3'" . DC  A 1 4  ? -5.948  11.812  -3.351  1.00 105.54 ? 4   DC  A "C3'" 1 
ATOM   70  O  "O3'" . DC  A 1 4  ? -6.443  11.027  -4.424  1.00 108.17 ? 4   DC  A "O3'" 1 
ATOM   71  C  "C2'" . DC  A 1 4  ? -4.431  12.031  -3.461  1.00 101.91 ? 4   DC  A "C2'" 1 
ATOM   72  C  "C1'" . DC  A 1 4  ? -4.354  13.375  -4.163  1.00 97.14  ? 4   DC  A "C1'" 1 
ATOM   73  N  N1    . DC  A 1 4  ? -3.096  14.133  -3.898  1.00 91.66  ? 4   DC  A N1    1 
ATOM   74  C  C2    . DC  A 1 4  ? -2.337  14.603  -4.975  1.00 89.74  ? 4   DC  A C2    1 
ATOM   75  O  O2    . DC  A 1 4  ? -2.718  14.363  -6.127  1.00 89.76  ? 4   DC  A O2    1 
ATOM   76  N  N3    . DC  A 1 4  ? -1.200  15.303  -4.722  1.00 85.64  ? 4   DC  A N3    1 
ATOM   77  C  C4    . DC  A 1 4  ? -0.826  15.537  -3.465  1.00 83.74  ? 4   DC  A C4    1 
ATOM   78  N  N4    . DC  A 1 4  ? 0.299   16.232  -3.266  1.00 82.71  ? 4   DC  A N4    1 
ATOM   79  C  C5    . DC  A 1 4  ? -1.592  15.070  -2.356  1.00 86.18  ? 4   DC  A C5    1 
ATOM   80  C  C6    . DC  A 1 4  ? -2.709  14.380  -2.617  1.00 88.37  ? 4   DC  A C6    1 
ATOM   81  P  P     . DG  A 1 5  ? -6.326  9.425   -4.385  1.00 115.51 ? 5   DG  A P     1 
ATOM   82  O  OP1   . DG  A 1 5  ? -7.658  8.855   -4.693  1.00 117.11 ? 5   DG  A OP1   1 
ATOM   83  O  OP2   . DG  A 1 5  ? -5.647  9.051   -3.126  1.00 111.32 ? 5   DG  A OP2   1 
ATOM   84  O  "O5'" . DG  A 1 5  ? -5.357  9.105   -5.608  1.00 105.09 ? 5   DG  A "O5'" 1 
ATOM   85  C  "C5'" . DG  A 1 5  ? -5.570  9.756   -6.843  1.00 102.04 ? 5   DG  A "C5'" 1 
ATOM   86  C  "C4'" . DG  A 1 5  ? -4.299  9.778   -7.665  1.00 103.58 ? 5   DG  A "C4'" 1 
ATOM   87  O  "O4'" . DG  A 1 5  ? -3.351  10.699  -7.075  1.00 98.69  ? 5   DG  A "O4'" 1 
ATOM   88  C  "C3'" . DG  A 1 5  ? -3.582  8.432   -7.782  1.00 100.55 ? 5   DG  A "C3'" 1 
ATOM   89  O  "O3'" . DG  A 1 5  ? -3.333  8.148   -9.137  1.00 102.07 ? 5   DG  A "O3'" 1 
ATOM   90  C  "C2'" . DG  A 1 5  ? -2.280  8.633   -6.999  1.00 97.88  ? 5   DG  A "C2'" 1 
ATOM   91  C  "C1'" . DG  A 1 5  ? -2.068  10.131  -7.115  1.00 91.89  ? 5   DG  A "C1'" 1 
ATOM   92  N  N9    . DG  A 1 5  ? -1.295  10.695  -6.017  1.00 82.02  ? 5   DG  A N9    1 
ATOM   93  C  C8    . DG  A 1 5  ? -1.545  10.549  -4.675  1.00 84.08  ? 5   DG  A C8    1 
ATOM   94  N  N7    . DG  A 1 5  ? -0.692  11.179  -3.916  1.00 83.58  ? 5   DG  A N7    1 
ATOM   95  C  C5    . DG  A 1 5  ? 0.176   11.786  -4.812  1.00 80.31  ? 5   DG  A C5    1 
ATOM   96  C  C6    . DG  A 1 5  ? 1.302   12.605  -4.571  1.00 78.04  ? 5   DG  A C6    1 
ATOM   97  O  O6    . DG  A 1 5  ? 1.769   12.965  -3.483  1.00 80.41  ? 5   DG  A O6    1 
ATOM   98  N  N1    . DG  A 1 5  ? 1.903   13.016  -5.757  1.00 79.23  ? 5   DG  A N1    1 
ATOM   99  C  C2    . DG  A 1 5  ? 1.467   12.674  -7.018  1.00 86.23  ? 5   DG  A C2    1 
ATOM   100 N  N2    . DG  A 1 5  ? 2.176   13.165  -8.047  1.00 90.77  ? 5   DG  A N2    1 
ATOM   101 N  N3    . DG  A 1 5  ? 0.409   11.906  -7.258  1.00 81.49  ? 5   DG  A N3    1 
ATOM   102 C  C4    . DG  A 1 5  ? -0.184  11.500  -6.109  1.00 79.78  ? 5   DG  A C4    1 
ATOM   103 P  P     . DA  A 1 6  ? -2.906  6.669   -9.585  1.00 120.74 ? 6   DA  A P     1 
ATOM   104 O  OP1   . DA  A 1 6  ? -3.777  6.268   -10.715 1.00 119.11 ? 6   DA  A OP1   1 
ATOM   105 O  OP2   . DA  A 1 6  ? -2.858  5.835   -8.361  1.00 112.74 ? 6   DA  A OP2   1 
ATOM   106 O  "O5'" . DA  A 1 6  ? -1.422  6.869   -10.142 1.00 104.45 ? 6   DA  A "O5'" 1 
ATOM   107 C  "C5'" . DA  A 1 6  ? -1.183  7.822   -11.164 1.00 99.78  ? 6   DA  A "C5'" 1 
ATOM   108 C  "C4'" . DA  A 1 6  ? 0.288   8.159   -11.234 1.00 96.03  ? 6   DA  A "C4'" 1 
ATOM   109 O  "O4'" . DA  A 1 6  ? 0.666   8.859   -10.033 1.00 93.06  ? 6   DA  A "O4'" 1 
ATOM   110 C  "C3'" . DA  A 1 6  ? 1.210   6.946   -11.335 1.00 98.83  ? 6   DA  A "C3'" 1 
ATOM   111 O  "O3'" . DA  A 1 6  ? 1.948   6.996   -12.547 1.00 105.79 ? 6   DA  A "O3'" 1 
ATOM   112 C  "C2'" . DA  A 1 6  ? 2.121   7.039   -10.102 1.00 98.60  ? 6   DA  A "C2'" 1 
ATOM   113 C  "C1'" . DA  A 1 6  ? 1.962   8.486   -9.660  1.00 88.64  ? 6   DA  A "C1'" 1 
ATOM   114 N  N9    . DA  A 1 6  ? 2.077   8.673   -8.216  1.00 80.12  ? 6   DA  A N9    1 
ATOM   115 C  C8    . DA  A 1 6  ? 1.299   8.099   -7.248  1.00 78.85  ? 6   DA  A C8    1 
ATOM   116 N  N7    . DA  A 1 6  ? 1.620   8.460   -6.027  1.00 77.97  ? 6   DA  A N7    1 
ATOM   117 C  C5    . DA  A 1 6  ? 2.675   9.339   -6.205  1.00 78.98  ? 6   DA  A C5    1 
ATOM   118 C  C6    . DA  A 1 6  ? 3.466   10.078  -5.294  1.00 77.81  ? 6   DA  A C6    1 
ATOM   119 N  N6    . DA  A 1 6  ? 3.294   10.036  -3.967  1.00 75.73  ? 6   DA  A N6    1 
ATOM   120 N  N1    . DA  A 1 6  ? 4.440   10.862  -5.803  1.00 79.22  ? 6   DA  A N1    1 
ATOM   121 C  C2    . DA  A 1 6  ? 4.609   10.902  -7.132  1.00 82.97  ? 6   DA  A C2    1 
ATOM   122 N  N3    . DA  A 1 6  ? 3.931   10.256  -8.086  1.00 84.73  ? 6   DA  A N3    1 
ATOM   123 C  C4    . DA  A 1 6  ? 2.970   9.486   -7.548  1.00 81.40  ? 6   DA  A C4    1 
ATOM   124 P  P     . DC  A 1 7  ? 2.814   5.725   -13.015 1.00 116.03 ? 7   DC  A P     1 
ATOM   125 O  OP1   . DC  A 1 7  ? 2.869   5.725   -14.494 1.00 113.20 ? 7   DC  A OP1   1 
ATOM   126 O  OP2   . DC  A 1 7  ? 2.270   4.537   -12.318 1.00 108.28 ? 7   DC  A OP2   1 
ATOM   127 O  "O5'" . DC  A 1 7  ? 4.273   6.044   -12.441 1.00 97.03  ? 7   DC  A "O5'" 1 
ATOM   128 C  "C5'" . DC  A 1 7  ? 4.803   7.347   -12.586 1.00 96.86  ? 7   DC  A "C5'" 1 
ATOM   129 C  "C4'" . DC  A 1 7  ? 5.878   7.612   -11.554 1.00 97.81  ? 7   DC  A "C4'" 1 
ATOM   130 O  "O4'" . DC  A 1 7  ? 5.290   7.785   -10.253 1.00 95.59  ? 7   DC  A "O4'" 1 
ATOM   131 C  "C3'" . DC  A 1 7  ? 6.885   6.483   -11.376 1.00 99.27  ? 7   DC  A "C3'" 1 
ATOM   132 O  "O3'" . DC  A 1 7  ? 8.046   6.748   -12.137 1.00 111.76 ? 7   DC  A "O3'" 1 
ATOM   133 C  "C2'" . DC  A 1 7  ? 7.194   6.484   -9.867  1.00 95.14  ? 7   DC  A "C2'" 1 
ATOM   134 C  "C1'" . DC  A 1 7  ? 6.317   7.606   -9.314  1.00 89.86  ? 7   DC  A "C1'" 1 
ATOM   135 N  N1    . DC  A 1 7  ? 5.729   7.300   -7.969  1.00 83.23  ? 7   DC  A N1    1 
ATOM   136 C  C2    . DC  A 1 7  ? 6.256   7.928   -6.828  1.00 83.14  ? 7   DC  A C2    1 
ATOM   137 O  O2    . DC  A 1 7  ? 7.189   8.737   -6.956  1.00 83.68  ? 7   DC  A O2    1 
ATOM   138 N  N3    . DC  A 1 7  ? 5.721   7.639   -5.613  1.00 76.68  ? 7   DC  A N3    1 
ATOM   139 C  C4    . DC  A 1 7  ? 4.715   6.766   -5.516  1.00 77.31  ? 7   DC  A C4    1 
ATOM   140 N  N4    . DC  A 1 7  ? 4.223   6.518   -4.298  1.00 74.86  ? 7   DC  A N4    1 
ATOM   141 C  C5    . DC  A 1 7  ? 4.171   6.109   -6.664  1.00 73.33  ? 7   DC  A C5    1 
ATOM   142 C  C6    . DC  A 1 7  ? 4.705   6.400   -7.858  1.00 77.21  ? 7   DC  A C6    1 
ATOM   143 P  P     . DA  A 1 8  ? 9.306   5.753   -12.061 1.00 122.62 ? 8   DA  A P     1 
ATOM   144 O  OP1   . DA  A 1 8  ? 10.036  5.907   -13.340 1.00 122.82 ? 8   DA  A OP1   1 
ATOM   145 O  OP2   . DA  A 1 8  ? 8.811   4.418   -11.644 1.00 110.62 ? 8   DA  A OP2   1 
ATOM   146 O  "O5'" . DA  A 1 8  ? 10.199  6.350   -10.877 1.00 90.88  ? 8   DA  A "O5'" 1 
ATOM   147 C  "C5'" . DA  A 1 8  ? 10.619  7.693   -10.936 1.00 89.92  ? 8   DA  A "C5'" 1 
ATOM   148 C  "C4'" . DA  A 1 8  ? 11.149  8.141   -9.596  1.00 94.75  ? 8   DA  A "C4'" 1 
ATOM   149 O  "O4'" . DA  A 1 8  ? 10.151  7.897   -8.577  1.00 87.75  ? 8   DA  A "O4'" 1 
ATOM   150 C  "C3'" . DA  A 1 8  ? 12.417  7.424   -9.135  1.00 96.00  ? 8   DA  A "C3'" 1 
ATOM   151 O  "O3'" . DA  A 1 8  ? 13.398  8.378   -8.787  1.00 100.20 ? 8   DA  A "O3'" 1 
ATOM   152 C  "C2'" . DA  A 1 8  ? 11.968  6.605   -7.919  1.00 91.19  ? 8   DA  A "C2'" 1 
ATOM   153 C  "C1'" . DA  A 1 8  ? 10.778  7.402   -7.420  1.00 83.95  ? 8   DA  A "C1'" 1 
ATOM   154 N  N9    . DA  A 1 8  ? 9.799   6.604   -6.691  1.00 80.16  ? 8   DA  A N9    1 
ATOM   155 C  C8    . DA  A 1 8  ? 8.873   5.754   -7.228  1.00 78.23  ? 8   DA  A C8    1 
ATOM   156 N  N7    . DA  A 1 8  ? 8.100   5.175   -6.341  1.00 72.69  ? 8   DA  A N7    1 
ATOM   157 C  C5    . DA  A 1 8  ? 8.550   5.681   -5.132  1.00 69.78  ? 8   DA  A C5    1 
ATOM   158 C  C6    . DA  A 1 8  ? 8.143   5.455   -3.800  1.00 69.41  ? 8   DA  A C6    1 
ATOM   159 N  N6    . DA  A 1 8  ? 7.149   4.625   -3.468  1.00 68.22  ? 8   DA  A N6    1 
ATOM   160 N  N1    . DA  A 1 8  ? 8.803   6.116   -2.821  1.00 68.56  ? 8   DA  A N1    1 
ATOM   161 C  C2    . DA  A 1 8  ? 9.802   6.942   -3.163  1.00 69.91  ? 8   DA  A C2    1 
ATOM   162 N  N3    . DA  A 1 8  ? 10.272  7.237   -4.379  1.00 71.40  ? 8   DA  A N3    1 
ATOM   163 C  C4    . DA  A 1 8  ? 9.595   6.566   -5.327  1.00 73.26  ? 8   DA  A C4    1 
ATOM   164 P  P     . DC  A 1 9  ? 14.828  7.899   -8.244  1.00 108.23 ? 9   DC  A P     1 
ATOM   165 O  OP1   . DC  A 1 9  ? 15.809  8.991   -8.434  1.00 106.06 ? 9   DC  A OP1   1 
ATOM   166 O  OP2   . DC  A 1 9  ? 15.082  6.570   -8.837  1.00 111.34 ? 9   DC  A OP2   1 
ATOM   167 O  "O5'" . DC  A 1 9  ? 14.601  7.704   -6.680  1.00 82.54  ? 9   DC  A "O5'" 1 
ATOM   168 C  "C5'" . DC  A 1 9  ? 15.600  8.125   -5.783  1.00 86.26  ? 9   DC  A "C5'" 1 
ATOM   169 C  "C4'" . DC  A 1 9  ? 15.179  7.853   -4.360  1.00 89.76  ? 9   DC  A "C4'" 1 
ATOM   170 O  "O4'" . DC  A 1 9  ? 13.884  7.202   -4.356  1.00 90.08  ? 9   DC  A "O4'" 1 
ATOM   171 C  "C3'" . DC  A 1 9  ? 16.121  6.933   -3.580  1.00 88.25  ? 9   DC  A "C3'" 1 
ATOM   172 O  "O3'" . DC  A 1 9  ? 16.586  7.595   -2.416  1.00 95.03  ? 9   DC  A "O3'" 1 
ATOM   173 C  "C2'" . DC  A 1 9  ? 15.252  5.715   -3.236  1.00 88.26  ? 9   DC  A "C2'" 1 
ATOM   174 C  "C1'" . DC  A 1 9  ? 13.854  6.303   -3.283  1.00 82.72  ? 9   DC  A "C1'" 1 
ATOM   175 N  N1    . DC  A 1 9  ? 12.786  5.292   -3.535  1.00 71.85  ? 9   DC  A N1    1 
ATOM   176 C  C2    . DC  A 1 9  ? 12.065  4.763   -2.457  1.00 68.77  ? 9   DC  A C2    1 
ATOM   177 O  O2    . DC  A 1 9  ? 12.323  5.149   -1.313  1.00 73.45  ? 9   DC  A O2    1 
ATOM   178 N  N3    . DC  A 1 9  ? 11.100  3.845   -2.700  1.00 62.59  ? 9   DC  A N3    1 
ATOM   179 C  C4    . DC  A 1 9  ? 10.852  3.459   -3.949  1.00 66.36  ? 9   DC  A C4    1 
ATOM   180 N  N4    . DC  A 1 9  ? 9.891   2.554   -4.144  1.00 66.01  ? 9   DC  A N4    1 
ATOM   181 C  C5    . DC  A 1 9  ? 11.577  3.983   -5.058  1.00 72.21  ? 9   DC  A C5    1 
ATOM   182 C  C6    . DC  A 1 9  ? 12.524  4.891   -4.807  1.00 71.91  ? 9   DC  A C6    1 
ATOM   183 P  P     . DA  A 1 10 ? 17.661  6.879   -1.459  1.00 106.04 ? 10  DA  A P     1 
ATOM   184 O  OP1   . DA  A 1 10 ? 18.248  7.893   -0.551  1.00 99.67  ? 10  DA  A OP1   1 
ATOM   185 O  OP2   . DA  A 1 10 ? 18.529  6.054   -2.326  1.00 101.52 ? 10  DA  A OP2   1 
ATOM   186 O  "O5'" . DA  A 1 10 ? 16.776  5.897   -0.582  1.00 83.14  ? 10  DA  A "O5'" 1 
ATOM   187 C  "C5'" . DA  A 1 10 ? 15.723  6.421   0.181   1.00 85.39  ? 10  DA  A "C5'" 1 
ATOM   188 C  "C4'" . DA  A 1 10 ? 15.868  6.008   1.623   1.00 91.90  ? 10  DA  A "C4'" 1 
ATOM   189 O  "O4'" . DA  A 1 10 ? 14.834  5.065   1.960   1.00 96.00  ? 10  DA  A "O4'" 1 
ATOM   190 C  "C3'" . DA  A 1 10 ? 17.152  5.292   1.957   1.00 89.49  ? 10  DA  A "C3'" 1 
ATOM   191 O  "O3'" . DA  A 1 10 ? 17.392  5.426   3.331   1.00 96.27  ? 10  DA  A "O3'" 1 
ATOM   192 C  "C2'" . DA  A 1 10 ? 16.838  3.838   1.580   1.00 84.35  ? 10  DA  A "C2'" 1 
ATOM   193 C  "C1'" . DA  A 1 10 ? 15.319  3.747   1.798   1.00 82.56  ? 10  DA  A "C1'" 1 
ATOM   194 N  N9    . DA  A 1 10 ? 14.582  3.125   0.692   1.00 76.54  ? 10  DA  A N9    1 
ATOM   195 C  C8    . DA  A 1 10 ? 14.758  3.336   -0.649  1.00 74.71  ? 10  DA  A C8    1 
ATOM   196 N  N7    . DA  A 1 10 ? 13.939  2.642   -1.410  1.00 71.28  ? 10  DA  A N7    1 
ATOM   197 C  C5    . DA  A 1 10 ? 13.160  1.938   -0.505  1.00 67.25  ? 10  DA  A C5    1 
ATOM   198 C  C6    . DA  A 1 10 ? 12.096  1.023   -0.672  1.00 62.08  ? 10  DA  A C6    1 
ATOM   199 N  N6    . DA  A 1 10 ? 11.623  0.653   -1.867  1.00 60.14  ? 10  DA  A N6    1 
ATOM   200 N  N1    . DA  A 1 10 ? 11.536  0.505   0.441   1.00 58.58  ? 10  DA  A N1    1 
ATOM   201 C  C2    . DA  A 1 10 ? 12.014  0.875   1.638   1.00 60.95  ? 10  DA  A C2    1 
ATOM   202 N  N3    . DA  A 1 10 ? 13.002  1.726   1.922   1.00 64.04  ? 10  DA  A N3    1 
ATOM   203 C  C4    . DA  A 1 10 ? 13.539  2.226   0.795   1.00 69.97  ? 10  DA  A C4    1 
ATOM   204 P  P     . DG  A 1 11 ? 18.753  4.870   3.964   1.00 120.12 ? 11  DG  A P     1 
ATOM   205 O  OP1   . DG  A 1 11 ? 19.014  5.668   5.189   1.00 114.12 ? 11  DG  A OP1   1 
ATOM   206 O  OP2   . DG  A 1 11 ? 19.752  4.807   2.871   1.00 101.91 ? 11  DG  A OP2   1 
ATOM   207 O  "O5'" . DG  A 1 11 ? 18.389  3.372   4.387   1.00 99.68  ? 11  DG  A "O5'" 1 
ATOM   208 C  "C5'" . DG  A 1 11 ? 17.378  3.142   5.365   1.00 94.39  ? 11  DG  A "C5'" 1 
ATOM   209 C  "C4'" . DG  A 1 11 ? 17.143  1.656   5.573   1.00 88.07  ? 11  DG  A "C4'" 1 
ATOM   210 O  "O4'" . DG  A 1 11 ? 16.260  1.137   4.540   1.00 86.36  ? 11  DG  A "O4'" 1 
ATOM   211 C  "C3'" . DG  A 1 11 ? 18.390  0.782   5.509   1.00 81.65  ? 11  DG  A "C3'" 1 
ATOM   212 O  "O3'" . DG  A 1 11 ? 18.243  -0.274  6.435   1.00 79.99  ? 11  DG  A "O3'" 1 
ATOM   213 C  "C2'" . DG  A 1 11 ? 18.335  0.262   4.078   1.00 68.68  ? 11  DG  A "C2'" 1 
ATOM   214 C  "C1'" . DG  A 1 11 ? 16.853  -0.008  3.987   1.00 66.37  ? 11  DG  A "C1'" 1 
ATOM   215 N  N9    . DG  A 1 11 ? 16.344  -0.203  2.640   1.00 66.26  ? 11  DG  A N9    1 
ATOM   216 C  C8    . DG  A 1 11 ? 16.793  0.386   1.481   1.00 68.77  ? 11  DG  A C8    1 
ATOM   217 N  N7    . DG  A 1 11 ? 16.127  0.011   0.421   1.00 61.64  ? 11  DG  A N7    1 
ATOM   218 C  C5    . DG  A 1 11 ? 15.179  -0.878  0.912   1.00 57.69  ? 11  DG  A C5    1 
ATOM   219 C  C6    . DG  A 1 11 ? 14.175  -1.603  0.234   1.00 60.22  ? 11  DG  A C6    1 
ATOM   220 O  O6    . DG  A 1 11 ? 13.912  -1.604  -0.976  1.00 67.50  ? 11  DG  A O6    1 
ATOM   221 N  N1    . DG  A 1 11 ? 13.432  -2.390  1.110   1.00 57.66  ? 11  DG  A N1    1 
ATOM   222 C  C2    . DG  A 1 11 ? 13.629  -2.462  2.467   1.00 55.94  ? 11  DG  A C2    1 
ATOM   223 N  N2    . DG  A 1 11 ? 12.806  -3.278  3.143   1.00 51.51  ? 11  DG  A N2    1 
ATOM   224 N  N3    . DG  A 1 11 ? 14.564  -1.785  3.117   1.00 55.47  ? 11  DG  A N3    1 
ATOM   225 C  C4    . DG  A 1 11 ? 15.302  -1.017  2.274   1.00 61.88  ? 11  DG  A C4    1 
ATOM   226 P  P     . DA  A 1 12 ? 19.466  -0.715  7.374   1.00 92.08  ? 12  DA  A P     1 
ATOM   227 O  OP1   . DA  A 1 12 ? 20.044  0.494   8.006   1.00 83.68  ? 12  DA  A OP1   1 
ATOM   228 O  OP2   . DA  A 1 12 ? 20.314  -1.616  6.556   1.00 85.15  ? 12  DA  A OP2   1 
ATOM   229 O  "O5'" . DA  A 1 12 ? 18.762  -1.568  8.526   1.00 79.42  ? 12  DA  A "O5'" 1 
ATOM   230 C  "C5'" . DA  A 1 12 ? 17.433  -2.039  8.345   1.00 75.78  ? 12  DA  A "C5'" 1 
ATOM   231 C  "C4'" . DA  A 1 12 ? 17.426  -3.534  8.081   1.00 67.79  ? 12  DA  A "C4'" 1 
ATOM   232 O  "O4'" . DA  A 1 12 ? 16.748  -3.788  6.840   1.00 67.19  ? 12  DA  A "O4'" 1 
ATOM   233 C  "C3'" . DA  A 1 12 ? 18.809  -4.161  7.977   1.00 74.68  ? 12  DA  A "C3'" 1 
ATOM   234 O  "O3'" . DA  A 1 12 ? 19.082  -4.948  9.139   1.00 75.40  ? 12  DA  A "O3'" 1 
ATOM   235 C  "C2'" . DA  A 1 12 ? 18.778  -5.024  6.715   1.00 71.39  ? 12  DA  A "C2'" 1 
ATOM   236 C  "C1'" . DA  A 1 12 ? 17.426  -4.746  6.069   1.00 64.50  ? 12  DA  A "C1'" 1 
ATOM   237 N  N9    . DA  A 1 12 ? 17.558  -4.212  4.728   1.00 63.54  ? 12  DA  A N9    1 
ATOM   238 C  C8    . DA  A 1 12 ? 18.429  -3.248  4.313   1.00 67.67  ? 12  DA  A C8    1 
ATOM   239 N  N7    . DA  A 1 12 ? 18.330  -2.956  3.038   1.00 65.63  ? 12  DA  A N7    1 
ATOM   240 C  C5    . DA  A 1 12 ? 17.323  -3.785  2.587   1.00 59.03  ? 12  DA  A C5    1 
ATOM   241 C  C6    . DA  A 1 12 ? 16.736  -3.957  1.319   1.00 59.40  ? 12  DA  A C6    1 
ATOM   242 N  N6    . DA  A 1 12 ? 17.105  -3.265  0.235   1.00 57.95  ? 12  DA  A N6    1 
ATOM   243 N  N1    . DA  A 1 12 ? 15.754  -4.870  1.211   1.00 58.08  ? 12  DA  A N1    1 
ATOM   244 C  C2    . DA  A 1 12 ? 15.387  -5.554  2.305   1.00 62.30  ? 12  DA  A C2    1 
ATOM   245 N  N3    . DA  A 1 12 ? 15.865  -5.479  3.548   1.00 57.25  ? 12  DA  A N3    1 
ATOM   246 C  C4    . DA  A 1 12 ? 16.831  -4.562  3.620   1.00 57.58  ? 12  DA  A C4    1 
ATOM   247 P  P     . DC  B 2 1  ? 5.902   -20.578 9.945   1.00 72.55  ? 12  DC  B P     1 
ATOM   248 O  OP1   . DC  B 2 1  ? 6.516   -21.094 8.699   1.00 71.68  ? 12  DC  B OP1   1 
ATOM   249 O  OP2   . DC  B 2 1  ? 6.715   -20.339 11.153  1.00 72.66  ? 12  DC  B OP2   1 
ATOM   250 O  "O5'" . DC  B 2 1  ? 5.196   -19.196 9.613   1.00 71.47  ? 12  DC  B "O5'" 1 
ATOM   251 C  "C5'" . DC  B 2 1  ? 3.805   -19.134 9.490   1.00 83.52  ? 12  DC  B "C5'" 1 
ATOM   252 C  "C4'" . DC  B 2 1  ? 3.156   -18.876 10.835  1.00 70.99  ? 12  DC  B "C4'" 1 
ATOM   253 O  "O4'" . DC  B 2 1  ? 3.769   -17.732 11.438  1.00 62.21  ? 12  DC  B "O4'" 1 
ATOM   254 C  "C3'" . DC  B 2 1  ? 1.676   -18.548 10.747  1.00 74.93  ? 12  DC  B "C3'" 1 
ATOM   255 O  "O3'" . DC  B 2 1  ? 0.923   -19.714 10.965  1.00 75.40  ? 12  DC  B "O3'" 1 
ATOM   256 C  "C2'" . DC  B 2 1  ? 1.438   -17.515 11.846  1.00 71.05  ? 12  DC  B "C2'" 1 
ATOM   257 C  "C1'" . DC  B 2 1  ? 2.835   -17.060 12.246  1.00 62.28  ? 12  DC  B "C1'" 1 
ATOM   258 N  N1    . DC  B 2 1  ? 3.074   -15.609 12.106  1.00 60.63  ? 12  DC  B N1    1 
ATOM   259 C  C2    . DC  B 2 1  ? 2.384   -14.699 12.920  1.00 66.39  ? 12  DC  B C2    1 
ATOM   260 O  O2    . DC  B 2 1  ? 1.551   -15.120 13.741  1.00 65.40  ? 12  DC  B O2    1 
ATOM   261 N  N3    . DC  B 2 1  ? 2.652   -13.376 12.791  1.00 67.41  ? 12  DC  B N3    1 
ATOM   262 C  C4    . DC  B 2 1  ? 3.563   -12.961 11.903  1.00 66.81  ? 12  DC  B C4    1 
ATOM   263 N  N4    . DC  B 2 1  ? 3.794   -11.644 11.809  1.00 68.14  ? 12  DC  B N4    1 
ATOM   264 C  C5    . DC  B 2 1  ? 4.275   -13.873 11.074  1.00 58.44  ? 12  DC  B C5    1 
ATOM   265 C  C6    . DC  B 2 1  ? 4.001   -15.172 11.206  1.00 56.57  ? 12  DC  B C6    1 
ATOM   266 P  P     . DG  B 2 2  ? -0.097  -20.211 9.838   1.00 79.87  ? 13  DG  B P     1 
ATOM   267 O  OP1   . DG  B 2 2  ? -0.409  -21.628 10.122  1.00 82.43  ? 13  DG  B OP1   1 
ATOM   268 O  OP2   . DG  B 2 2  ? 0.439   -19.805 8.516   1.00 70.72  ? 13  DG  B OP2   1 
ATOM   269 O  "O5'" . DG  B 2 2  ? -1.397  -19.349 10.130  1.00 73.98  ? 13  DG  B "O5'" 1 
ATOM   270 C  "C5'" . DG  B 2 2  ? -2.117  -19.581 11.312  1.00 79.24  ? 13  DG  B "C5'" 1 
ATOM   271 C  "C4'" . DG  B 2 2  ? -2.629  -18.278 11.869  1.00 85.44  ? 13  DG  B "C4'" 1 
ATOM   272 O  "O4'" . DG  B 2 2  ? -1.610  -17.288 11.713  1.00 81.70  ? 13  DG  B "O4'" 1 
ATOM   273 C  "C3'" . DG  B 2 2  ? -3.856  -17.709 11.154  1.00 86.33  ? 13  DG  B "C3'" 1 
ATOM   274 O  "O3'" . DG  B 2 2  ? -4.990  -17.834 11.983  1.00 81.16  ? 13  DG  B "O3'" 1 
ATOM   275 C  "C2'" . DG  B 2 2  ? -3.510  -16.232 10.903  1.00 86.64  ? 13  DG  B "C2'" 1 
ATOM   276 C  "C1'" . DG  B 2 2  ? -2.222  -16.036 11.692  1.00 81.46  ? 13  DG  B "C1'" 1 
ATOM   277 N  N9    . DG  B 2 2  ? -1.292  -15.093 11.079  1.00 77.11  ? 13  DG  B N9    1 
ATOM   278 C  C8    . DG  B 2 2  ? -0.363  -15.371 10.110  1.00 71.96  ? 13  DG  B C8    1 
ATOM   279 N  N7    . DG  B 2 2  ? 0.347   -14.337 9.762   1.00 69.70  ? 13  DG  B N7    1 
ATOM   280 C  C5    . DG  B 2 2  ? -0.140  -13.309 10.549  1.00 69.08  ? 13  DG  B C5    1 
ATOM   281 C  C6    . DG  B 2 2  ? 0.249   -11.956 10.604  1.00 68.72  ? 13  DG  B C6    1 
ATOM   282 O  O6    . DG  B 2 2  ? 1.130   -11.389 9.942   1.00 63.90  ? 13  DG  B O6    1 
ATOM   283 N  N1    . DG  B 2 2  ? -0.496  -11.242 11.541  1.00 67.74  ? 13  DG  B N1    1 
ATOM   284 C  C2    . DG  B 2 2  ? -1.491  -11.777 12.322  1.00 65.74  ? 13  DG  B C2    1 
ATOM   285 N  N2    . DG  B 2 2  ? -2.096  -10.934 13.163  1.00 68.77  ? 13  DG  B N2    1 
ATOM   286 N  N3    . DG  B 2 2  ? -1.866  -13.052 12.281  1.00 64.78  ? 13  DG  B N3    1 
ATOM   287 C  C4    . DG  B 2 2  ? -1.149  -13.754 11.374  1.00 70.77  ? 13  DG  B C4    1 
ATOM   288 P  P     . DA  B 2 3  ? -6.456  -17.735 11.342  1.00 87.58  ? 14  DA  B P     1 
ATOM   289 O  OP1   . DA  B 2 3  ? -7.367  -18.359 12.330  1.00 82.24  ? 14  DA  B OP1   1 
ATOM   290 O  OP2   . DA  B 2 3  ? -6.395  -18.224 9.946   1.00 83.48  ? 14  DA  B OP2   1 
ATOM   291 O  "O5'" . DA  B 2 3  ? -6.733  -16.169 11.277  1.00 71.79  ? 14  DA  B "O5'" 1 
ATOM   292 C  "C5'" . DA  B 2 3  ? -6.830  -15.451 12.478  1.00 79.33  ? 14  DA  B "C5'" 1 
ATOM   293 C  "C4'" . DA  B 2 3  ? -6.648  -13.973 12.238  1.00 80.24  ? 14  DA  B "C4'" 1 
ATOM   294 O  "O4'" . DA  B 2 3  ? -5.381  -13.741 11.619  1.00 77.02  ? 14  DA  B "O4'" 1 
ATOM   295 C  "C3'" . DA  B 2 3  ? -7.672  -13.334 11.305  1.00 80.52  ? 14  DA  B "C3'" 1 
ATOM   296 O  "O3'" . DA  B 2 3  ? -8.604  -12.608 12.075  1.00 81.05  ? 14  DA  B "O3'" 1 
ATOM   297 C  "C2'" . DA  B 2 3  ? -6.834  -12.404 10.401  1.00 77.47  ? 14  DA  B "C2'" 1 
ATOM   298 C  "C1'" . DA  B 2 3  ? -5.444  -12.487 11.023  1.00 72.98  ? 14  DA  B "C1'" 1 
ATOM   299 N  N9    . DA  B 2 3  ? -4.352  -12.390 10.070  1.00 70.68  ? 14  DA  B N9    1 
ATOM   300 C  C8    . DA  B 2 3  ? -3.810  -13.404 9.338   1.00 73.19  ? 14  DA  B C8    1 
ATOM   301 N  N7    . DA  B 2 3  ? -2.812  -13.033 8.574   1.00 73.14  ? 14  DA  B N7    1 
ATOM   302 C  C5    . DA  B 2 3  ? -2.693  -11.678 8.824   1.00 69.58  ? 14  DA  B C5    1 
ATOM   303 C  C6    . DA  B 2 3  ? -1.819  -10.701 8.322   1.00 66.54  ? 14  DA  B C6    1 
ATOM   304 N  N6    . DA  B 2 3  ? -0.865  -10.962 7.422   1.00 65.20  ? 14  DA  B N6    1 
ATOM   305 N  N1    . DA  B 2 3  ? -1.965  -9.439  8.782   1.00 69.27  ? 14  DA  B N1    1 
ATOM   306 C  C2    . DA  B 2 3  ? -2.922  -9.187  9.688   1.00 70.38  ? 14  DA  B C2    1 
ATOM   307 N  N3    . DA  B 2 3  ? -3.803  -10.026 10.232  1.00 70.20  ? 14  DA  B N3    1 
ATOM   308 C  C4    . DA  B 2 3  ? -3.628  -11.269 9.755   1.00 70.98  ? 14  DA  B C4    1 
ATOM   309 P  P     . DC  B 2 4  ? -10.023 -12.186 11.458  1.00 87.27  ? 15  DC  B P     1 
ATOM   310 O  OP1   . DC  B 2 4  ? -11.014 -12.287 12.560  1.00 83.20  ? 15  DC  B OP1   1 
ATOM   311 O  OP2   . DC  B 2 4  ? -10.219 -12.924 10.191  1.00 79.19  ? 15  DC  B OP2   1 
ATOM   312 O  "O5'" . DC  B 2 4  ? -9.810  -10.655 11.078  1.00 75.97  ? 15  DC  B "O5'" 1 
ATOM   313 C  "C5'" . DC  B 2 4  ? -9.088  -9.810  11.957  1.00 79.50  ? 15  DC  B "C5'" 1 
ATOM   314 C  "C4'" . DC  B 2 4  ? -8.820  -8.487  11.287  1.00 76.91  ? 15  DC  B "C4'" 1 
ATOM   315 O  "O4'" . DC  B 2 4  ? -7.521  -8.519  10.659  1.00 73.15  ? 15  DC  B "O4'" 1 
ATOM   316 C  "C3'" . DC  B 2 4  ? -9.818  -8.145  10.184  1.00 80.15  ? 15  DC  B "C3'" 1 
ATOM   317 O  "O3'" . DC  B 2 4  ? -10.463 -6.926  10.465  1.00 92.42  ? 15  DC  B "O3'" 1 
ATOM   318 C  "C2'" . DC  B 2 4  ? -8.968  -8.045  8.921   1.00 77.90  ? 15  DC  B "C2'" 1 
ATOM   319 C  "C1'" . DC  B 2 4  ? -7.583  -7.784  9.474   1.00 69.29  ? 15  DC  B "C1'" 1 
ATOM   320 N  N1    . DC  B 2 4  ? -6.516  -8.266  8.577   1.00 69.77  ? 15  DC  B N1    1 
ATOM   321 C  C2    . DC  B 2 4  ? -5.639  -7.352  7.981   1.00 69.70  ? 15  DC  B C2    1 
ATOM   322 O  O2    . DC  B 2 4  ? -5.761  -6.144  8.233   1.00 69.14  ? 15  DC  B O2    1 
ATOM   323 N  N3    . DC  B 2 4  ? -4.671  -7.819  7.149   1.00 68.74  ? 15  DC  B N3    1 
ATOM   324 C  C4    . DC  B 2 4  ? -4.575  -9.127  6.905   1.00 68.23  ? 15  DC  B C4    1 
ATOM   325 N  N4    . DC  B 2 4  ? -3.610  -9.542  6.082   1.00 65.01  ? 15  DC  B N4    1 
ATOM   326 C  C5    . DC  B 2 4  ? -5.467  -10.069 7.495   1.00 72.15  ? 15  DC  B C5    1 
ATOM   327 C  C6    . DC  B 2 4  ? -6.412  -9.599  8.317   1.00 72.95  ? 15  DC  B C6    1 
ATOM   328 P  P     . DG  B 2 5  ? -11.769 -6.509  9.632   1.00 89.27  ? 16  DG  B P     1 
ATOM   329 O  OP1   . DG  B 2 5  ? -12.740 -5.969  10.613  1.00 78.62  ? 16  DG  B OP1   1 
ATOM   330 O  OP2   . DG  B 2 5  ? -12.137 -7.643  8.752   1.00 82.80  ? 16  DG  B OP2   1 
ATOM   331 O  "O5'" . DG  B 2 5  ? -11.253 -5.325  8.701   1.00 78.50  ? 16  DG  B "O5'" 1 
ATOM   332 C  "C5'" . DG  B 2 5  ? -10.809 -4.127  9.298   1.00 83.60  ? 16  DG  B "C5'" 1 
ATOM   333 C  "C4'" . DG  B 2 5  ? -10.248 -3.185  8.256   1.00 89.64  ? 16  DG  B "C4'" 1 
ATOM   334 O  "O4'" . DG  B 2 5  ? -9.120  -3.803  7.589   1.00 85.21  ? 16  DG  B "O4'" 1 
ATOM   335 C  "C3'" . DG  B 2 5  ? -11.214 -2.790  7.151   1.00 84.32  ? 16  DG  B "C3'" 1 
ATOM   336 O  "O3'" . DG  B 2 5  ? -10.926 -1.478  6.750   1.00 83.48  ? 16  DG  B "O3'" 1 
ATOM   337 C  "C2'" . DG  B 2 5  ? -10.888 -3.789  6.046   1.00 82.97  ? 16  DG  B "C2'" 1 
ATOM   338 C  "C1'" . DG  B 2 5  ? -9.385  -3.938  6.209   1.00 72.77  ? 16  DG  B "C1'" 1 
ATOM   339 N  N9    . DG  B 2 5  ? -8.894  -5.237  5.811   1.00 68.13  ? 16  DG  B N9    1 
ATOM   340 C  C8    . DG  B 2 5  ? -9.415  -6.449  6.169   1.00 70.18  ? 16  DG  B C8    1 
ATOM   341 N  N7    . DG  B 2 5  ? -8.754  -7.459  5.682   1.00 72.01  ? 16  DG  B N7    1 
ATOM   342 C  C5    . DG  B 2 5  ? -7.727  -6.874  4.955   1.00 67.01  ? 16  DG  B C5    1 
ATOM   343 C  C6    . DG  B 2 5  ? -6.692  -7.469  4.206   1.00 67.66  ? 16  DG  B C6    1 
ATOM   344 O  O6    . DG  B 2 5  ? -6.468  -8.672  4.027   1.00 73.74  ? 16  DG  B O6    1 
ATOM   345 N  N1    . DG  B 2 5  ? -5.866  -6.518  3.622   1.00 64.20  ? 16  DG  B N1    1 
ATOM   346 C  C2    . DG  B 2 5  ? -6.016  -5.165  3.753   1.00 63.76  ? 16  DG  B C2    1 
ATOM   347 N  N2    . DG  B 2 5  ? -5.113  -4.408  3.116   1.00 59.74  ? 16  DG  B N2    1 
ATOM   348 N  N3    . DG  B 2 5  ? -6.982  -4.589  4.456   1.00 68.50  ? 16  DG  B N3    1 
ATOM   349 C  C4    . DG  B 2 5  ? -7.799  -5.506  5.027   1.00 67.78  ? 16  DG  B C4    1 
ATOM   350 P  P     . DA  B 2 6  ? -11.821 -0.761  5.639   1.00 93.81  ? 17  DA  B P     1 
ATOM   351 O  OP1   . DA  B 2 6  ? -11.888 0.662   6.050   1.00 83.56  ? 17  DA  B OP1   1 
ATOM   352 O  OP2   . DA  B 2 6  ? -13.048 -1.573  5.460   1.00 92.51  ? 17  DA  B OP2   1 
ATOM   353 O  "O5'" . DA  B 2 6  ? -10.954 -0.877  4.302   1.00 83.42  ? 17  DA  B "O5'" 1 
ATOM   354 C  "C5'" . DA  B 2 6  ? -9.791  -0.096  4.169   1.00 85.46  ? 17  DA  B "C5'" 1 
ATOM   355 C  "C4'" . DA  B 2 6  ? -9.152  -0.302  2.812   1.00 87.49  ? 17  DA  B "C4'" 1 
ATOM   356 O  "O4'" . DA  B 2 6  ? -8.663  -1.662  2.684   1.00 83.65  ? 17  DA  B "O4'" 1 
ATOM   357 C  "C3'" . DA  B 2 6  ? -10.066 -0.066  1.625   1.00 88.17  ? 17  DA  B "C3'" 1 
ATOM   358 O  "O3'" . DA  B 2 6  ? -9.346  0.644   0.647   1.00 93.27  ? 17  DA  B "O3'" 1 
ATOM   359 C  "C2'" . DA  B 2 6  ? -10.424 -1.486  1.161   1.00 83.33  ? 17  DA  B "C2'" 1 
ATOM   360 C  "C1'" . DA  B 2 6  ? -9.156  -2.248  1.495   1.00 74.24  ? 17  DA  B "C1'" 1 
ATOM   361 N  N9    . DA  B 2 6  ? -9.364  -3.662  1.773   1.00 73.56  ? 17  DA  B N9    1 
ATOM   362 C  C8    . DA  B 2 6  ? -10.316 -4.212  2.589   1.00 75.58  ? 17  DA  B C8    1 
ATOM   363 N  N7    . DA  B 2 6  ? -10.240 -5.523  2.691   1.00 70.08  ? 17  DA  B N7    1 
ATOM   364 C  C5    . DA  B 2 6  ? -9.148  -5.852  1.904   1.00 73.17  ? 17  DA  B C5    1 
ATOM   365 C  C6    . DA  B 2 6  ? -8.540  -7.088  1.592   1.00 71.20  ? 17  DA  B C6    1 
ATOM   366 N  N6    . DA  B 2 6  ? -8.974  -8.263  2.069   1.00 70.85  ? 17  DA  B N6    1 
ATOM   367 N  N1    . DA  B 2 6  ? -7.464  -7.067  0.770   1.00 66.80  ? 17  DA  B N1    1 
ATOM   368 C  C2    . DA  B 2 6  ? -7.033  -5.885  0.299   1.00 67.73  ? 17  DA  B C2    1 
ATOM   369 N  N3    . DA  B 2 6  ? -7.526  -4.661  0.516   1.00 68.65  ? 17  DA  B N3    1 
ATOM   370 C  C4    . DA  B 2 6  ? -8.591  -4.717  1.333   1.00 73.16  ? 17  DA  B C4    1 
ATOM   371 P  P     . DC  B 2 7  ? -10.076 1.185   -0.673  1.00 102.47 ? 18  DC  B P     1 
ATOM   372 O  OP1   . DC  B 2 7  ? -9.407  2.462   -1.021  1.00 96.19  ? 18  DC  B OP1   1 
ATOM   373 O  OP2   . DC  B 2 7  ? -11.539 1.128   -0.441  1.00 92.85  ? 18  DC  B OP2   1 
ATOM   374 O  "O5'" . DC  B 2 7  ? -9.703  0.091   -1.772  1.00 81.07  ? 18  DC  B "O5'" 1 
ATOM   375 C  "C5'" . DC  B 2 7  ? -8.360  -0.301  -1.908  1.00 86.32  ? 18  DC  B "C5'" 1 
ATOM   376 C  "C4'" . DC  B 2 7  ? -8.242  -1.551  -2.748  1.00 82.29  ? 18  DC  B "C4'" 1 
ATOM   377 O  "O4'" . DC  B 2 7  ? -8.577  -2.705  -1.975  1.00 79.64  ? 18  DC  B "O4'" 1 
ATOM   378 C  "C3'" . DC  B 2 7  ? -9.167  -1.608  -3.947  1.00 81.56  ? 18  DC  B "C3'" 1 
ATOM   379 O  "O3'" . DC  B 2 7  ? -8.442  -1.252  -5.087  1.00 89.33  ? 18  DC  B "O3'" 1 
ATOM   380 C  "C2'" . DC  B 2 7  ? -9.630  -3.081  -4.000  1.00 81.70  ? 18  DC  B "C2'" 1 
ATOM   381 C  "C1'" . DC  B 2 7  ? -8.830  -3.732  -2.882  1.00 72.16  ? 18  DC  B "C1'" 1 
ATOM   382 N  N1    . DC  B 2 7  ? -9.521  -4.820  -2.152  1.00 70.07  ? 18  DC  B N1    1 
ATOM   383 C  C2    . DC  B 2 7  ? -9.033  -6.129  -2.246  1.00 70.84  ? 18  DC  B C2    1 
ATOM   384 O  O2    . DC  B 2 7  ? -8.061  -6.358  -2.972  1.00 72.02  ? 18  DC  B O2    1 
ATOM   385 N  N3    . DC  B 2 7  ? -9.645  -7.111  -1.547  1.00 66.29  ? 18  DC  B N3    1 
ATOM   386 C  C4    . DC  B 2 7  ? -10.690 -6.825  -0.781  1.00 72.54  ? 18  DC  B C4    1 
ATOM   387 N  N4    . DC  B 2 7  ? -11.262 -7.827  -0.110  1.00 76.96  ? 18  DC  B N4    1 
ATOM   388 C  C5    . DC  B 2 7  ? -11.196 -5.495  -0.659  1.00 73.67  ? 18  DC  B C5    1 
ATOM   389 C  C6    . DC  B 2 7  ? -10.579 -4.531  -1.349  1.00 69.01  ? 18  DC  B C6    1 
ATOM   390 P  P     . DT  B 2 8  ? -9.171  -1.189  -6.510  1.00 99.52  ? 19  DT  B P     1 
ATOM   391 O  OP1   . DT  B 2 8  ? -8.466  -0.140  -7.281  1.00 95.44  ? 19  DT  B OP1   1 
ATOM   392 O  OP2   . DT  B 2 8  ? -10.636 -1.100  -6.283  1.00 87.14  ? 19  DT  B OP2   1 
ATOM   393 O  "O5'" . DT  B 2 8  ? -8.848  -2.613  -7.145  1.00 78.35  ? 19  DT  B "O5'" 1 
ATOM   394 C  "C5'" . DT  B 2 8  ? -7.523  -3.092  -7.109  1.00 85.27  ? 19  DT  B "C5'" 1 
ATOM   395 C  "C4'" . DT  B 2 8  ? -7.440  -4.481  -7.708  1.00 97.22  ? 19  DT  B "C4'" 1 
ATOM   396 O  "O4'" . DT  B 2 8  ? -7.957  -5.453  -6.764  1.00 92.70  ? 19  DT  B "O4'" 1 
ATOM   397 C  "C3'" . DT  B 2 8  ? -8.231  -4.670  -8.994  1.00 103.05 ? 19  DT  B "C3'" 1 
ATOM   398 O  "O3'" . DT  B 2 8  ? -7.471  -5.434  -9.902  1.00 101.84 ? 19  DT  B "O3'" 1 
ATOM   399 C  "C2'" . DT  B 2 8  ? -9.487  -5.414  -8.536  1.00 99.56  ? 19  DT  B "C2'" 1 
ATOM   400 C  "C1'" . DT  B 2 8  ? -8.960  -6.236  -7.373  1.00 85.39  ? 19  DT  B "C1'" 1 
ATOM   401 N  N1    . DT  B 2 8  ? -9.984  -6.536  -6.340  1.00 77.20  ? 19  DT  B N1    1 
ATOM   402 C  C2    . DT  B 2 8  ? -10.044 -7.798  -5.805  1.00 74.40  ? 19  DT  B C2    1 
ATOM   403 O  O2    . DT  B 2 8  ? -9.306  -8.701  -6.150  1.00 75.68  ? 19  DT  B O2    1 
ATOM   404 N  N3    . DT  B 2 8  ? -11.007 -7.969  -4.848  1.00 71.61  ? 19  DT  B N3    1 
ATOM   405 C  C4    . DT  B 2 8  ? -11.895 -7.018  -4.380  1.00 74.88  ? 19  DT  B C4    1 
ATOM   406 O  O4    . DT  B 2 8  ? -12.728 -7.264  -3.510  1.00 75.24  ? 19  DT  B O4    1 
ATOM   407 C  C5    . DT  B 2 8  ? -11.774 -5.713  -4.982  1.00 72.41  ? 19  DT  B C5    1 
ATOM   408 C  C7    . DT  B 2 8  ? -12.684 -4.605  -4.556  1.00 69.50  ? 19  DT  B C7    1 
ATOM   409 C  C6    . DT  B 2 8  ? -10.836 -5.537  -5.923  1.00 72.88  ? 19  DT  B C6    1 
ATOM   410 P  P     . DC  B 2 9  ? -8.008  -5.671  -11.392 1.00 118.46 ? 20  DC  B P     1 
ATOM   411 O  OP1   . DC  B 2 9  ? -6.812  -5.610  -12.268 1.00 108.35 ? 20  DC  B OP1   1 
ATOM   412 O  OP2   . DC  B 2 9  ? -9.171  -4.775  -11.618 1.00 101.02 ? 20  DC  B OP2   1 
ATOM   413 O  "O5'" . DC  B 2 9  ? -8.545  -7.174  -11.354 1.00 104.19 ? 20  DC  B "O5'" 1 
ATOM   414 C  "C5'" . DC  B 2 9  ? -7.652  -8.216  -10.985 1.00 109.02 ? 20  DC  B "C5'" 1 
ATOM   415 C  "C4'" . DC  B 2 9  ? -8.361  -9.554  -10.940 1.00 105.45 ? 20  DC  B "C4'" 1 
ATOM   416 O  "O4'" . DC  B 2 9  ? -9.242  -9.606  -9.788  1.00 102.03 ? 20  DC  B "O4'" 1 
ATOM   417 C  "C3'" . DC  B 2 9  ? -9.235  -9.855  -12.152 1.00 106.13 ? 20  DC  B "C3'" 1 
ATOM   418 O  "O3'" . DC  B 2 9  ? -9.064  -11.213 -12.538 1.00 111.88 ? 20  DC  B "O3'" 1 
ATOM   419 C  "C2'" . DC  B 2 9  ? -10.647 -9.590  -11.630 1.00 98.58  ? 20  DC  B "C2'" 1 
ATOM   420 C  "C1'" . DC  B 2 9  ? -10.507 -10.057 -10.196 1.00 91.00  ? 20  DC  B "C1'" 1 
ATOM   421 N  N1    . DC  B 2 9  ? -11.522 -9.488  -9.282  1.00 84.72  ? 20  DC  B N1    1 
ATOM   422 C  C2    . DC  B 2 9  ? -12.066 -10.292 -8.271  1.00 82.33  ? 20  DC  B C2    1 
ATOM   423 O  O2    . DC  B 2 9  ? -11.686 -11.469 -8.165  1.00 79.09  ? 20  DC  B O2    1 
ATOM   424 N  N3    . DC  B 2 9  ? -12.992 -9.757  -7.436  1.00 78.65  ? 20  DC  B N3    1 
ATOM   425 C  C4    . DC  B 2 9  ? -13.371 -8.486  -7.586  1.00 81.60  ? 20  DC  B C4    1 
ATOM   426 N  N4    . DC  B 2 9  ? -14.288 -8.003  -6.739  1.00 80.33  ? 20  DC  B N4    1 
ATOM   427 C  C5    . DC  B 2 9  ? -12.827 -7.655  -8.612  1.00 84.56  ? 20  DC  B C5    1 
ATOM   428 C  C6    . DC  B 2 9  ? -11.912 -8.191  -9.429  1.00 82.04  ? 20  DC  B C6    1 
ATOM   429 P  P     . DT  C 3 1  ? 11.295  -9.423  -8.279  1.00 80.93  ? 0   DT  C P     1 
ATOM   430 O  OP1   . DT  C 3 1  ? 10.574  -8.154  -8.545  1.00 81.43  ? 0   DT  C OP1   1 
ATOM   431 O  OP2   . DT  C 3 1  ? 12.372  -9.900  -9.181  1.00 84.89  ? 0   DT  C OP2   1 
ATOM   432 O  "O5'" . DT  C 3 1  ? 11.876  -9.342  -6.804  1.00 69.58  ? 0   DT  C "O5'" 1 
ATOM   433 C  "C5'" . DT  C 3 1  ? 11.176  -8.624  -5.839  1.00 68.35  ? 0   DT  C "C5'" 1 
ATOM   434 C  "C4'" . DT  C 3 1  ? 11.046  -9.437  -4.582  1.00 64.41  ? 0   DT  C "C4'" 1 
ATOM   435 O  "O4'" . DT  C 3 1  ? 12.171  -9.141  -3.718  1.00 62.22  ? 0   DT  C "O4'" 1 
ATOM   436 C  "C3'" . DT  C 3 1  ? 9.824   -9.097  -3.767  1.00 66.72  ? 0   DT  C "C3'" 1 
ATOM   437 O  "O3'" . DT  C 3 1  ? 9.474   -10.189 -2.922  1.00 69.98  ? 0   DT  C "O3'" 1 
ATOM   438 C  "C2'" . DT  C 3 1  ? 10.324  -7.899  -2.977  1.00 69.87  ? 0   DT  C "C2'" 1 
ATOM   439 C  "C1'" . DT  C 3 1  ? 11.739  -8.340  -2.634  1.00 65.34  ? 0   DT  C "C1'" 1 
ATOM   440 N  N1    . DT  C 3 1  ? 12.711  -7.200  -2.452  1.00 66.21  ? 0   DT  C N1    1 
ATOM   441 C  C2    . DT  C 3 1  ? 13.165  -6.884  -1.181  1.00 66.88  ? 0   DT  C C2    1 
ATOM   442 O  O2    . DT  C 3 1  ? 12.828  -7.482  -0.174  1.00 67.08  ? 0   DT  C O2    1 
ATOM   443 N  N3    . DT  C 3 1  ? 14.041  -5.837  -1.132  1.00 62.91  ? 0   DT  C N3    1 
ATOM   444 C  C4    . DT  C 3 1  ? 14.502  -5.087  -2.194  1.00 65.58  ? 0   DT  C C4    1 
ATOM   445 O  O4    . DT  C 3 1  ? 15.291  -4.163  -2.050  1.00 70.34  ? 0   DT  C O4    1 
ATOM   446 C  C5    . DT  C 3 1  ? 13.997  -5.462  -3.486  1.00 64.63  ? 0   DT  C C5    1 
ATOM   447 C  C7    . DT  C 3 1  ? 14.436  -4.704  -4.701  1.00 65.93  ? 0   DT  C C7    1 
ATOM   448 C  C6    . DT  C 3 1  ? 13.133  -6.488  -3.555  1.00 63.88  ? 0   DT  C C6    1 
ATOM   449 P  P     . DC  C 3 2  ? 8.014   -10.231 -2.250  1.00 81.17  ? 1   DC  C P     1 
ATOM   450 O  OP1   . DC  C 3 2  ? 7.760   -11.583 -1.711  1.00 76.09  ? 1   DC  C OP1   1 
ATOM   451 O  OP2   . DC  C 3 2  ? 7.070   -9.624  -3.218  1.00 77.62  ? 1   DC  C OP2   1 
ATOM   452 O  "O5'" . DC  C 3 2  ? 8.173   -9.269  -0.995  1.00 63.13  ? 1   DC  C "O5'" 1 
ATOM   453 C  "C5'" . DC  C 3 2  ? 9.264   -9.455  -0.142  1.00 60.81  ? 1   DC  C "C5'" 1 
ATOM   454 C  "C4'" . DC  C 3 2  ? 9.011   -8.823  1.206   1.00 69.82  ? 1   DC  C "C4'" 1 
ATOM   455 O  "O4'" . DC  C 3 2  ? 9.832   -7.644  1.369   1.00 75.83  ? 1   DC  C "O4'" 1 
ATOM   456 C  "C3'" . DC  C 3 2  ? 7.599   -8.356  1.464   1.00 63.45  ? 1   DC  C "C3'" 1 
ATOM   457 O  "O3'" . DC  C 3 2  ? 7.378   -8.431  2.852   1.00 61.54  ? 1   DC  C "O3'" 1 
ATOM   458 C  "C2'" . DC  C 3 2  ? 7.643   -6.906  0.969   1.00 58.08  ? 1   DC  C "C2'" 1 
ATOM   459 C  "C1'" . DC  C 3 2  ? 9.027   -6.477  1.426   1.00 59.27  ? 1   DC  C "C1'" 1 
ATOM   460 N  N1    . DC  C 3 2  ? 9.695   -5.487  0.549   1.00 60.99  ? 1   DC  C N1    1 
ATOM   461 C  C2    . DC  C 3 2  ? 10.610  -4.570  1.102   1.00 63.45  ? 1   DC  C C2    1 
ATOM   462 O  O2    . DC  C 3 2  ? 10.801  -4.558  2.331   1.00 61.66  ? 1   DC  C O2    1 
ATOM   463 N  N3    . DC  C 3 2  ? 11.251  -3.706  0.277   1.00 59.52  ? 1   DC  C N3    1 
ATOM   464 C  C4    . DC  C 3 2  ? 11.026  -3.745  -1.033  1.00 61.45  ? 1   DC  C C4    1 
ATOM   465 N  N4    . DC  C 3 2  ? 11.686  -2.872  -1.801  1.00 60.10  ? 1   DC  C N4    1 
ATOM   466 C  C5    . DC  C 3 2  ? 10.116  -4.679  -1.614  1.00 64.59  ? 1   DC  C C5    1 
ATOM   467 C  C6    . DC  C 3 2  ? 9.487   -5.531  -0.793  1.00 58.74  ? 1   DC  C C6    1 
ATOM   468 P  P     . DT  C 3 3  ? 5.989   -7.959  3.470   1.00 53.59  ? 2   DT  C P     1 
ATOM   469 O  OP1   . DT  C 3 3  ? 5.751   -8.581  4.795   1.00 38.81  ? 2   DT  C OP1   1 
ATOM   470 O  OP2   . DT  C 3 3  ? 5.011   -8.130  2.365   1.00 64.79  ? 2   DT  C OP2   1 
ATOM   471 O  "O5'" . DT  C 3 3  ? 6.224   -6.424  3.723   1.00 45.19  ? 2   DT  C "O5'" 1 
ATOM   472 C  "C5'" . DT  C 3 3  ? 5.790   -5.884  4.910   1.00 51.53  ? 2   DT  C "C5'" 1 
ATOM   473 C  "C4'" . DT  C 3 3  ? 6.314   -4.488  5.057   1.00 55.18  ? 2   DT  C "C4'" 1 
ATOM   474 O  "O4'" . DT  C 3 3  ? 7.241   -4.214  3.999   1.00 60.27  ? 2   DT  C "O4'" 1 
ATOM   475 C  "C3'" . DT  C 3 3  ? 5.286   -3.428  4.854   1.00 51.70  ? 2   DT  C "C3'" 1 
ATOM   476 O  "O3'" . DT  C 3 3  ? 4.491   -3.251  6.034   1.00 53.37  ? 2   DT  C "O3'" 1 
ATOM   477 C  "C2'" . DT  C 3 3  ? 6.134   -2.212  4.510   1.00 52.19  ? 2   DT  C "C2'" 1 
ATOM   478 C  "C1'" . DT  C 3 3  ? 7.409   -2.818  3.951   1.00 49.54  ? 2   DT  C "C1'" 1 
ATOM   479 N  N1    . DT  C 3 3  ? 7.715   -2.405  2.559   1.00 48.41  ? 2   DT  C N1    1 
ATOM   480 C  C2    . DT  C 3 3  ? 8.690   -1.455  2.360   1.00 55.85  ? 2   DT  C C2    1 
ATOM   481 O  O2    . DT  C 3 3  ? 9.301   -0.931  3.269   1.00 56.92  ? 2   DT  C O2    1 
ATOM   482 N  N3    . DT  C 3 3  ? 8.926   -1.140  1.045   1.00 54.84  ? 2   DT  C N3    1 
ATOM   483 C  C4    . DT  C 3 3  ? 8.304   -1.673  -0.062  1.00 54.99  ? 2   DT  C C4    1 
ATOM   484 O  O4    . DT  C 3 3  ? 8.585   -1.331  -1.210  1.00 49.12  ? 2   DT  C O4    1 
ATOM   485 C  C5    . DT  C 3 3  ? 7.292   -2.665  0.222   1.00 53.88  ? 2   DT  C C5    1 
ATOM   486 C  C7    . DT  C 3 3  ? 6.548   -3.311  -0.900  1.00 52.27  ? 2   DT  C C7    1 
ATOM   487 C  C6    . DT  C 3 3  ? 7.051   -2.980  1.511   1.00 48.34  ? 2   DT  C C6    1 
ATOM   488 P  P     . DT  C 3 4  ? 5.106   -2.856  7.463   1.00 67.04  ? 3   DT  C P     1 
ATOM   489 O  OP1   . DT  C 3 4  ? 5.990   -1.678  7.360   1.00 63.69  ? 3   DT  C OP1   1 
ATOM   490 O  OP2   . DT  C 3 4  ? 5.577   -4.076  8.158   1.00 69.26  ? 3   DT  C OP2   1 
ATOM   491 O  "O5'" . DT  C 3 4  ? 3.805   -2.368  8.234   1.00 71.80  ? 3   DT  C "O5'" 1 
ATOM   492 C  "C5'" . DT  C 3 4  ? 2.748   -1.771  7.488   1.00 64.03  ? 3   DT  C "C5'" 1 
ATOM   493 C  "C4'" . DT  C 3 4  ? 1.397   -2.124  8.071   1.00 61.22  ? 3   DT  C "C4'" 1 
ATOM   494 O  "O4'" . DT  C 3 4  ? 0.801   -3.160  7.289   1.00 59.89  ? 3   DT  C "O4'" 1 
ATOM   495 C  "C3'" . DT  C 3 4  ? 1.430   -2.693  9.469   1.00 60.86  ? 3   DT  C "C3'" 1 
ATOM   496 O  "O3'" . DT  C 3 4  ? 1.483   -1.649  10.398  1.00 72.11  ? 3   DT  C "O3'" 1 
ATOM   497 C  "C2'" . DT  C 3 4  ? 0.101   -3.427  9.544   1.00 51.12  ? 3   DT  C "C2'" 1 
ATOM   498 C  "C1'" . DT  C 3 4  ? -0.096  -3.887  8.099   1.00 56.89  ? 3   DT  C "C1'" 1 
ATOM   499 N  N1    . DT  C 3 4  ? 0.165   -5.316  7.882   1.00 63.08  ? 3   DT  C N1    1 
ATOM   500 C  C2    . DT  C 3 4  ? -0.686  -6.236  8.430   1.00 64.53  ? 3   DT  C C2    1 
ATOM   501 O  O2    . DT  C 3 4  ? -1.647  -5.930  9.109   1.00 65.76  ? 3   DT  C O2    1 
ATOM   502 N  N3    . DT  C 3 4  ? -0.368  -7.536  8.157   1.00 61.69  ? 3   DT  C N3    1 
ATOM   503 C  C4    . DT  C 3 4  ? 0.685   -7.988  7.401   1.00 58.78  ? 3   DT  C C4    1 
ATOM   504 O  O4    . DT  C 3 4  ? 0.887   -9.175  7.210   1.00 67.48  ? 3   DT  C O4    1 
ATOM   505 C  C5    . DT  C 3 4  ? 1.535   -6.970  6.851   1.00 53.66  ? 3   DT  C C5    1 
ATOM   506 C  C7    . DT  C 3 4  ? 2.713   -7.350  6.017   1.00 57.80  ? 3   DT  C C7    1 
ATOM   507 C  C6    . DT  C 3 4  ? 1.238   -5.696  7.110   1.00 57.52  ? 3   DT  C C6    1 
ATOM   508 P  P     . DC  C 3 5  ? 2.395   -1.805  11.702  1.00 67.51  ? 4   DC  C P     1 
ATOM   509 O  OP1   . DC  C 3 5  ? 2.618   -0.439  12.237  1.00 66.49  ? 4   DC  C OP1   1 
ATOM   510 O  OP2   . DC  C 3 5  ? 3.528   -2.684  11.323  1.00 68.50  ? 4   DC  C OP2   1 
ATOM   511 O  "O5'" . DC  C 3 5  ? 1.454   -2.597  12.701  1.00 53.62  ? 4   DC  C "O5'" 1 
ATOM   512 C  "C5'" . DC  C 3 5  ? 0.234   -2.023  13.069  1.00 57.16  ? 4   DC  C "C5'" 1 
ATOM   513 C  "C4'" . DC  C 3 5  ? -0.658  -3.066  13.676  1.00 63.78  ? 4   DC  C "C4'" 1 
ATOM   514 O  "O4'" . DC  C 3 5  ? -0.941  -4.055  12.683  1.00 63.79  ? 4   DC  C "O4'" 1 
ATOM   515 C  "C3'" . DC  C 3 5  ? -0.032  -3.839  14.811  1.00 70.17  ? 4   DC  C "C3'" 1 
ATOM   516 O  "O3'" . DC  C 3 5  ? -0.243  -3.135  16.031  1.00 80.38  ? 4   DC  C "O3'" 1 
ATOM   517 C  "C2'" . DC  C 3 5  ? -0.803  -5.155  14.774  1.00 65.92  ? 4   DC  C "C2'" 1 
ATOM   518 C  "C1'" . DC  C 3 5  ? -1.189  -5.292  13.308  1.00 63.29  ? 4   DC  C "C1'" 1 
ATOM   519 N  N1    . DC  C 3 5  ? -0.426  -6.318  12.581  1.00 65.64  ? 4   DC  C N1    1 
ATOM   520 C  C2    . DC  C 3 5  ? -0.812  -7.661  12.658  1.00 67.21  ? 4   DC  C C2    1 
ATOM   521 O  O2    . DC  C 3 5  ? -1.778  -7.973  13.366  1.00 71.69  ? 4   DC  C O2    1 
ATOM   522 N  N3    . DC  C 3 5  ? -0.109  -8.585  11.961  1.00 61.50  ? 4   DC  C N3    1 
ATOM   523 C  C4    . DC  C 3 5  ? 0.924   -8.204  11.209  1.00 64.65  ? 4   DC  C C4    1 
ATOM   524 N  N4    . DC  C 3 5  ? 1.589   -9.142  10.538  1.00 68.10  ? 4   DC  C N4    1 
ATOM   525 C  C5    . DC  C 3 5  ? 1.325   -6.841  11.113  1.00 65.36  ? 4   DC  C C5    1 
ATOM   526 C  C6    . DC  C 3 5  ? 0.626   -5.941  11.807  1.00 64.46  ? 4   DC  C C6    1 
ATOM   527 P  P     . DG  C 3 6  ? -0.201  -3.901  17.441  1.00 81.02  ? 5   DG  C P     1 
ATOM   528 O  OP1   . DG  C 3 6  ? -0.088  -2.865  18.494  1.00 93.11  ? 5   DG  C OP1   1 
ATOM   529 O  OP2   . DG  C 3 6  ? 0.852   -4.932  17.368  1.00 65.96  ? 5   DG  C OP2   1 
ATOM   530 O  "O5'" . DG  C 3 6  ? -1.646  -4.593  17.519  1.00 74.04  ? 5   DG  C "O5'" 1 
ATOM   531 C  "C5'" . DG  C 3 6  ? -2.125  -5.132  18.725  1.00 77.40  ? 5   DG  C "C5'" 1 
ATOM   532 C  "C4'" . DG  C 3 6  ? -1.799  -6.611  18.835  1.00 71.36  ? 5   DG  C "C4'" 1 
ATOM   533 O  "O4'" . DG  C 3 6  ? -1.564  -7.172  17.533  1.00 63.91  ? 5   DG  C "O4'" 1 
ATOM   534 C  "C3'" . DG  C 3 6  ? -0.522  -6.933  19.583  1.00 83.69  ? 5   DG  C "C3'" 1 
ATOM   535 O  "O3'" . DG  C 3 6  ? -0.734  -6.897  20.988  1.00 88.58  ? 5   DG  C "O3'" 1 
ATOM   536 C  "C2'" . DG  C 3 6  ? -0.232  -8.348  19.110  1.00 73.81  ? 5   DG  C "C2'" 1 
ATOM   537 C  "C1'" . DG  C 3 6  ? -0.831  -8.373  17.704  1.00 67.18  ? 5   DG  C "C1'" 1 
ATOM   538 N  N9    . DG  C 3 6  ? 0.177   -8.474  16.668  1.00 63.70  ? 5   DG  C N9    1 
ATOM   539 C  C8    . DG  C 3 6  ? 0.951   -7.465  16.166  1.00 64.19  ? 5   DG  C C8    1 
ATOM   540 N  N7    . DG  C 3 6  ? 1.775   -7.853  15.241  1.00 63.62  ? 5   DG  C N7    1 
ATOM   541 C  C5    . DG  C 3 6  ? 1.537   -9.213  15.131  1.00 65.93  ? 5   DG  C C5    1 
ATOM   542 C  C6    . DG  C 3 6  ? 2.130   -10.171 14.283  1.00 69.64  ? 5   DG  C C6    1 
ATOM   543 O  O6    . DG  C 3 6  ? 3.018   -10.003 13.434  1.00 68.06  ? 5   DG  C O6    1 
ATOM   544 N  N1    . DG  C 3 6  ? 1.596   -11.444 14.495  1.00 71.63  ? 5   DG  C N1    1 
ATOM   545 C  C2    . DG  C 3 6  ? 0.611   -11.740 15.414  1.00 73.43  ? 5   DG  C C2    1 
ATOM   546 N  N2    . DG  C 3 6  ? 0.220   -13.023 15.479  1.00 74.54  ? 5   DG  C N2    1 
ATOM   547 N  N3    . DG  C 3 6  ? 0.047   -10.844 16.209  1.00 69.10  ? 5   DG  C N3    1 
ATOM   548 C  C4    . DG  C 3 6  ? 0.560   -9.607  16.013  1.00 65.53  ? 5   DG  C C4    1 
ATOM   549 O  "O5'" . DT  D 4 1  ? -23.424 -5.992  -4.281  1.00 125.88 ? 2   DT  D "O5'" 1 
ATOM   550 C  "C5'" . DT  D 4 1  ? -24.663 -6.404  -3.713  1.00 124.66 ? 2   DT  D "C5'" 1 
ATOM   551 C  "C4'" . DT  D 4 1  ? -24.811 -7.912  -3.786  1.00 119.06 ? 2   DT  D "C4'" 1 
ATOM   552 O  "O4'" . DT  D 4 1  ? -24.422 -8.365  -5.109  1.00 111.29 ? 2   DT  D "O4'" 1 
ATOM   553 C  "C3'" . DT  D 4 1  ? -23.953 -8.692  -2.782  1.00 121.73 ? 2   DT  D "C3'" 1 
ATOM   554 O  "O3'" . DT  D 4 1  ? -24.783 -9.598  -2.007  1.00 129.99 ? 2   DT  D "O3'" 1 
ATOM   555 C  "C2'" . DT  D 4 1  ? -22.921 -9.409  -3.656  1.00 115.02 ? 2   DT  D "C2'" 1 
ATOM   556 C  "C1'" . DT  D 4 1  ? -23.619 -9.510  -5.003  1.00 103.76 ? 2   DT  D "C1'" 1 
ATOM   557 N  N1    . DT  D 4 1  ? -22.662 -9.524  -6.144  1.00 99.49  ? 2   DT  D N1    1 
ATOM   558 C  C2    . DT  D 4 1  ? -22.192 -10.728 -6.607  1.00 98.90  ? 2   DT  D C2    1 
ATOM   559 O  O2    . DT  D 4 1  ? -22.532 -11.801 -6.142  1.00 101.61 ? 2   DT  D O2    1 
ATOM   560 N  N3    . DT  D 4 1  ? -21.302 -10.633 -7.645  1.00 93.94  ? 2   DT  D N3    1 
ATOM   561 C  C4    . DT  D 4 1  ? -20.842 -9.477  -8.247  1.00 91.38  ? 2   DT  D C4    1 
ATOM   562 O  O4    . DT  D 4 1  ? -20.042 -9.491  -9.175  1.00 90.50  ? 2   DT  D O4    1 
ATOM   563 C  C5    . DT  D 4 1  ? -21.371 -8.250  -7.711  1.00 92.18  ? 2   DT  D C5    1 
ATOM   564 C  C7    . DT  D 4 1  ? -20.940 -6.936  -8.287  1.00 93.16  ? 2   DT  D C7    1 
ATOM   565 C  C6    . DT  D 4 1  ? -22.243 -8.329  -6.694  1.00 96.82  ? 2   DT  D C6    1 
ATOM   566 P  P     . DC  D 4 2  ? -24.274 -11.057 -1.539  1.00 139.88 ? 3   DC  D P     1 
ATOM   567 O  OP1   . DC  D 4 2  ? -24.214 -11.892 -2.767  1.00 122.84 ? 3   DC  D OP1   1 
ATOM   568 O  OP2   . DC  D 4 2  ? -25.218 -11.487 -0.481  1.00 135.68 ? 3   DC  D OP2   1 
ATOM   569 O  "O5'" . DC  D 4 2  ? -22.880 -10.796 -0.753  1.00 114.68 ? 3   DC  D "O5'" 1 
ATOM   570 C  "C5'" . DC  D 4 2  ? -21.615 -11.390 -1.163  1.00 109.32 ? 3   DC  D "C5'" 1 
ATOM   571 C  "C4'" . DC  D 4 2  ? -21.750 -12.843 -1.603  1.00 112.43 ? 3   DC  D "C4'" 1 
ATOM   572 O  "O4'" . DC  D 4 2  ? -21.628 -12.899 -3.051  1.00 107.00 ? 3   DC  D "O4'" 1 
ATOM   573 C  "C3'" . DC  D 4 2  ? -20.662 -13.776 -1.099  1.00 112.65 ? 3   DC  D "C3'" 1 
ATOM   574 O  "O3'" . DC  D 4 2  ? -21.101 -15.145 -1.170  1.00 122.57 ? 3   DC  D "O3'" 1 
ATOM   575 C  "C2'" . DC  D 4 2  ? -19.553 -13.498 -2.099  1.00 108.21 ? 3   DC  D "C2'" 1 
ATOM   576 C  "C1'" . DC  D 4 2  ? -20.323 -13.326 -3.404  1.00 99.84  ? 3   DC  D "C1'" 1 
ATOM   577 N  N1    . DC  D 4 2  ? -19.699 -12.307 -4.296  1.00 91.29  ? 3   DC  D N1    1 
ATOM   578 C  C2    . DC  D 4 2  ? -18.814 -12.714 -5.302  1.00 86.33  ? 3   DC  D C2    1 
ATOM   579 O  O2    . DC  D 4 2  ? -18.583 -13.921 -5.452  1.00 86.61  ? 3   DC  D O2    1 
ATOM   580 N  N3    . DC  D 4 2  ? -18.243 -11.772 -6.092  1.00 83.19  ? 3   DC  D N3    1 
ATOM   581 C  C4    . DC  D 4 2  ? -18.518 -10.483 -5.896  1.00 84.99  ? 3   DC  D C4    1 
ATOM   582 N  N4    . DC  D 4 2  ? -17.932 -9.592  -6.697  1.00 83.47  ? 3   DC  D N4    1 
ATOM   583 C  C5    . DC  D 4 2  ? -19.404 -10.050 -4.868  1.00 89.05  ? 3   DC  D C5    1 
ATOM   584 C  C6    . DC  D 4 2  ? -19.961 -10.985 -4.099  1.00 92.80  ? 3   DC  D C6    1 
ATOM   585 P  P     . DG  D 4 3  ? -20.142 -16.371 -0.724  1.00 136.96 ? 4   DG  D P     1 
ATOM   586 O  OP1   . DG  D 4 3  ? -20.018 -17.274 -1.894  1.00 119.76 ? 4   DG  D OP1   1 
ATOM   587 O  OP2   . DG  D 4 3  ? -20.661 -16.906 0.555   1.00 132.94 ? 4   DG  D OP2   1 
ATOM   588 O  "O5'" . DG  D 4 3  ? -18.721 -15.699 -0.398  1.00 116.82 ? 4   DG  D "O5'" 1 
ATOM   589 C  "C5'" . DG  D 4 3  ? -17.564 -16.508 -0.176  1.00 110.44 ? 4   DG  D "C5'" 1 
ATOM   590 C  "C4'" . DG  D 4 3  ? -16.959 -16.983 -1.489  1.00 104.49 ? 4   DG  D "C4'" 1 
ATOM   591 O  "O4'" . DG  D 4 3  ? -17.058 -15.937 -2.491  1.00 98.08  ? 4   DG  D "O4'" 1 
ATOM   592 C  "C3'" . DG  D 4 3  ? -15.488 -17.360 -1.412  1.00 100.11 ? 4   DG  D "C3'" 1 
ATOM   593 O  "O3'" . DG  D 4 3  ? -15.252 -18.522 -2.175  1.00 109.46 ? 4   DG  D "O3'" 1 
ATOM   594 C  "C2'" . DG  D 4 3  ? -14.779 -16.141 -2.000  1.00 90.72  ? 4   DG  D "C2'" 1 
ATOM   595 C  "C1'" . DG  D 4 3  ? -15.784 -15.649 -3.028  1.00 85.38  ? 4   DG  D "C1'" 1 
ATOM   596 N  N9    . DG  D 4 3  ? -15.723 -14.207 -3.280  1.00 76.06  ? 4   DG  D N9    1 
ATOM   597 C  C8    . DG  D 4 3  ? -16.412 -13.228 -2.608  1.00 79.92  ? 4   DG  D C8    1 
ATOM   598 N  N7    . DG  D 4 3  ? -16.189 -12.024 -3.053  1.00 72.64  ? 4   DG  D N7    1 
ATOM   599 C  C5    . DG  D 4 3  ? -15.288 -12.211 -4.085  1.00 73.27  ? 4   DG  D C5    1 
ATOM   600 C  C6    . DG  D 4 3  ? -14.683 -11.263 -4.934  1.00 72.53  ? 4   DG  D C6    1 
ATOM   601 O  O6    . DG  D 4 3  ? -14.834 -10.032 -4.930  1.00 69.48  ? 4   DG  D O6    1 
ATOM   602 N  N1    . DG  D 4 3  ? -13.829 -11.867 -5.855  1.00 71.48  ? 4   DG  D N1    1 
ATOM   603 C  C2    . DG  D 4 3  ? -13.595 -13.224 -5.941  1.00 75.86  ? 4   DG  D C2    1 
ATOM   604 N  N2    . DG  D 4 3  ? -12.739 -13.625 -6.898  1.00 73.38  ? 4   DG  D N2    1 
ATOM   605 N  N3    . DG  D 4 3  ? -14.162 -14.126 -5.147  1.00 76.47  ? 4   DG  D N3    1 
ATOM   606 C  C4    . DG  D 4 3  ? -14.991 -13.551 -4.245  1.00 72.65  ? 4   DG  D C4    1 
ATOM   607 P  P     . DA  D 4 4  ? -14.115 -19.560 -1.716  1.00 122.02 ? 5   DA  D P     1 
ATOM   608 O  OP1   . DA  D 4 4  ? -14.330 -20.832 -2.444  1.00 109.29 ? 5   DA  D OP1   1 
ATOM   609 O  OP2   . DA  D 4 4  ? -14.067 -19.550 -0.236  1.00 110.53 ? 5   DA  D OP2   1 
ATOM   610 O  "O5'" . DA  D 4 4  ? -12.767 -18.890 -2.249  1.00 110.35 ? 5   DA  D "O5'" 1 
ATOM   611 C  "C5'" . DA  D 4 4  ? -12.665 -18.500 -3.614  1.00 102.14 ? 5   DA  D "C5'" 1 
ATOM   612 C  "C4'" . DA  D 4 4  ? -11.405 -17.690 -3.850  1.00 99.66  ? 5   DA  D "C4'" 1 
ATOM   613 O  "O4'" . DA  D 4 4  ? -11.738 -16.283 -3.972  1.00 90.83  ? 5   DA  D "O4'" 1 
ATOM   614 C  "C3'" . DA  D 4 4  ? -10.357 -17.779 -2.738  1.00 91.05  ? 5   DA  D "C3'" 1 
ATOM   615 O  "O3'" . DA  D 4 4  ? -9.080  -17.911 -3.317  1.00 88.23  ? 5   DA  D "O3'" 1 
ATOM   616 C  "C2'" . DA  D 4 4  ? -10.501 -16.435 -2.031  1.00 84.02  ? 5   DA  D "C2'" 1 
ATOM   617 C  "C1'" . DA  D 4 4  ? -10.823 -15.546 -3.214  1.00 77.71  ? 5   DA  D "C1'" 1 
ATOM   618 N  N9    . DA  D 4 4  ? -11.437 -14.287 -2.853  1.00 69.16  ? 5   DA  D N9    1 
ATOM   619 C  C8    . DA  D 4 4  ? -12.382 -14.080 -1.898  1.00 71.17  ? 5   DA  D C8    1 
ATOM   620 N  N7    . DA  D 4 4  ? -12.760 -12.831 -1.791  1.00 70.51  ? 5   DA  D N7    1 
ATOM   621 C  C5    . DA  D 4 4  ? -12.000 -12.175 -2.741  1.00 66.95  ? 5   DA  D C5    1 
ATOM   622 C  C6    . DA  D 4 4  ? -11.926 -10.826 -3.123  1.00 68.92  ? 5   DA  D C6    1 
ATOM   623 N  N6    . DA  D 4 4  ? -12.663 -9.860  -2.563  1.00 70.98  ? 5   DA  D N6    1 
ATOM   624 N  N1    . DA  D 4 4  ? -11.061 -10.506 -4.108  1.00 68.38  ? 5   DA  D N1    1 
ATOM   625 C  C2    . DA  D 4 4  ? -10.327 -11.477 -4.665  1.00 67.33  ? 5   DA  D C2    1 
ATOM   626 N  N3    . DA  D 4 4  ? -10.313 -12.778 -4.387  1.00 67.02  ? 5   DA  D N3    1 
ATOM   627 C  C4    . DA  D 4 4  ? -11.181 -13.061 -3.405  1.00 67.90  ? 5   DA  D C4    1 
ATOM   628 P  P     . DG  D 4 5  ? -8.018  -18.940 -2.700  1.00 109.59 ? 6   DG  D P     1 
ATOM   629 O  OP1   . DG  D 4 5  ? -7.784  -19.995 -3.715  1.00 101.62 ? 6   DG  D OP1   1 
ATOM   630 O  OP2   . DG  D 4 5  ? -8.473  -19.300 -1.336  1.00 97.17  ? 6   DG  D OP2   1 
ATOM   631 O  "O5'" . DG  D 4 5  ? -6.690  -18.063 -2.578  1.00 100.39 ? 6   DG  D "O5'" 1 
ATOM   632 C  "C5'" . DG  D 4 5  ? -6.795  -16.656 -2.462  1.00 88.16  ? 6   DG  D "C5'" 1 
ATOM   633 C  "C4'" . DG  D 4 5  ? -6.085  -15.956 -3.608  1.00 84.10  ? 6   DG  D "C4'" 1 
ATOM   634 O  "O4'" . DG  D 4 5  ? -6.905  -14.866 -4.076  1.00 82.28  ? 6   DG  D "O4'" 1 
ATOM   635 C  "C3'" . DG  D 4 5  ? -4.751  -15.334 -3.223  1.00 83.30  ? 6   DG  D "C3'" 1 
ATOM   636 O  "O3'" . DG  D 4 5  ? -3.824  -15.395 -4.275  1.00 84.10  ? 6   DG  D "O3'" 1 
ATOM   637 C  "C2'" . DG  D 4 5  ? -5.088  -13.890 -2.879  1.00 82.14  ? 6   DG  D "C2'" 1 
ATOM   638 C  "C1'" . DG  D 4 5  ? -6.429  -13.636 -3.562  1.00 74.72  ? 6   DG  D "C1'" 1 
ATOM   639 N  N9    . DG  D 4 5  ? -7.416  -13.072 -2.640  1.00 69.94  ? 6   DG  D N9    1 
ATOM   640 C  C8    . DG  D 4 5  ? -8.174  -13.744 -1.707  1.00 72.26  ? 6   DG  D C8    1 
ATOM   641 N  N7    . DG  D 4 5  ? -8.950  -12.964 -1.006  1.00 66.12  ? 6   DG  D N7    1 
ATOM   642 C  C5    . DG  D 4 5  ? -8.679  -11.694 -1.494  1.00 65.06  ? 6   DG  D C5    1 
ATOM   643 C  C6    . DG  D 4 5  ? -9.217  -10.446 -1.119  1.00 64.66  ? 6   DG  D C6    1 
ATOM   644 O  O6    . DG  D 4 5  ? -10.066 -10.206 -0.249  1.00 63.44  ? 6   DG  D O6    1 
ATOM   645 N  N1    . DG  D 4 5  ? -8.665  -9.406  -1.864  1.00 65.27  ? 6   DG  D N1    1 
ATOM   646 C  C2    . DG  D 4 5  ? -7.713  -9.563  -2.847  1.00 66.26  ? 6   DG  D C2    1 
ATOM   647 N  N2    . DG  D 4 5  ? -7.297  -8.447  -3.461  1.00 69.46  ? 6   DG  D N2    1 
ATOM   648 N  N3    . DG  D 4 5  ? -7.202  -10.730 -3.207  1.00 60.52  ? 6   DG  D N3    1 
ATOM   649 C  C4    . DG  D 4 5  ? -7.729  -11.746 -2.491  1.00 65.31  ? 6   DG  D C4    1 
ATOM   650 P  P     . DT  D 4 6  ? -2.268  -15.178 -3.925  1.00 102.80 ? 7   DT  D P     1 
ATOM   651 O  OP1   . DT  D 4 6  ? -1.455  -15.612 -5.083  1.00 88.65  ? 7   DT  D OP1   1 
ATOM   652 O  OP2   . DT  D 4 6  ? -2.050  -15.786 -2.588  1.00 87.95  ? 7   DT  D OP2   1 
ATOM   653 O  "O5'" . DT  D 4 6  ? -2.122  -13.593 -3.749  1.00 77.78  ? 7   DT  D "O5'" 1 
ATOM   654 C  "C5'" . DT  D 4 6  ? -1.960  -12.769 -4.892  1.00 73.64  ? 7   DT  D "C5'" 1 
ATOM   655 C  "C4'" . DT  D 4 6  ? -1.942  -11.304 -4.504  1.00 71.17  ? 7   DT  D "C4'" 1 
ATOM   656 O  "O4'" . DT  D 4 6  ? -3.108  -11.010 -3.720  1.00 73.96  ? 7   DT  D "O4'" 1 
ATOM   657 C  "C3'" . DT  D 4 6  ? -0.749  -10.856 -3.656  1.00 65.64  ? 7   DT  D "C3'" 1 
ATOM   658 O  "O3'" . DT  D 4 6  ? 0.009   -9.899  -4.375  1.00 63.59  ? 7   DT  D "O3'" 1 
ATOM   659 C  "C2'" . DT  D 4 6  ? -1.386  -10.238 -2.397  1.00 62.53  ? 7   DT  D "C2'" 1 
ATOM   660 C  "C1'" . DT  D 4 6  ? -2.801  -9.960  -2.864  1.00 57.87  ? 7   DT  D "C1'" 1 
ATOM   661 N  N1    . DT  D 4 6  ? -3.817  -9.944  -1.780  1.00 59.95  ? 7   DT  D N1    1 
ATOM   662 C  C2    . DT  D 4 6  ? -4.356  -8.746  -1.395  1.00 63.04  ? 7   DT  D C2    1 
ATOM   663 O  O2    . DT  D 4 6  ? -4.027  -7.686  -1.885  1.00 64.39  ? 7   DT  D O2    1 
ATOM   664 N  N3    . DT  D 4 6  ? -5.295  -8.827  -0.401  1.00 62.98  ? 7   DT  D N3    1 
ATOM   665 C  C4    . DT  D 4 6  ? -5.748  -9.971  0.222   1.00 63.31  ? 7   DT  D C4    1 
ATOM   666 O  O4    . DT  D 4 6  ? -6.600  -9.946  1.106   1.00 66.15  ? 7   DT  D O4    1 
ATOM   667 C  C5    . DT  D 4 6  ? -5.153  -11.199 -0.235  1.00 56.46  ? 7   DT  D C5    1 
ATOM   668 C  C7    . DT  D 4 6  ? -5.571  -12.498 0.372   1.00 54.83  ? 7   DT  D C7    1 
ATOM   669 C  C6    . DT  D 4 6  ? -4.225  -11.130 -1.205  1.00 57.84  ? 7   DT  D C6    1 
ATOM   670 P  P     . DC  D 4 7  ? 1.369   -9.315  -3.754  1.00 75.54  ? 8   DC  D P     1 
ATOM   671 O  OP1   . DC  D 4 7  ? 2.180   -8.763  -4.860  1.00 58.94  ? 8   DC  D OP1   1 
ATOM   672 O  OP2   . DC  D 4 7  ? 1.949   -10.335 -2.855  1.00 79.33  ? 8   DC  D OP2   1 
ATOM   673 O  "O5'" . DC  D 4 7  ? 0.872   -8.106  -2.836  1.00 65.76  ? 8   DC  D "O5'" 1 
ATOM   674 C  "C5'" . DC  D 4 7  ? 0.087   -7.092  -3.413  1.00 60.68  ? 8   DC  D "C5'" 1 
ATOM   675 C  "C4'" . DC  D 4 7  ? -0.131  -5.948  -2.446  1.00 61.75  ? 8   DC  D "C4'" 1 
ATOM   676 O  "O4'" . DC  D 4 7  ? -1.239  -6.244  -1.568  1.00 63.73  ? 8   DC  D "O4'" 1 
ATOM   677 C  "C3'" . DC  D 4 7  ? 1.040   -5.611  -1.536  1.00 58.79  ? 8   DC  D "C3'" 1 
ATOM   678 O  "O3'" . DC  D 4 7  ? 1.126   -4.217  -1.440  1.00 58.66  ? 8   DC  D "O3'" 1 
ATOM   679 C  "C2'" . DC  D 4 7  ? 0.619   -6.229  -0.199  1.00 61.71  ? 8   DC  D "C2'" 1 
ATOM   680 C  "C1'" . DC  D 4 7  ? -0.870  -5.972  -0.238  1.00 54.13  ? 8   DC  D "C1'" 1 
ATOM   681 N  N1    . DC  D 4 7  ? -1.690  -6.855  0.631   1.00 53.36  ? 8   DC  D N1    1 
ATOM   682 C  C2    . DC  D 4 7  ? -2.648  -6.294  1.486   1.00 59.89  ? 8   DC  D C2    1 
ATOM   683 O  O2    . DC  D 4 7  ? -2.767  -5.062  1.537   1.00 62.67  ? 8   DC  D O2    1 
ATOM   684 N  N3    . DC  D 4 7  ? -3.411  -7.114  2.247   1.00 60.85  ? 8   DC  D N3    1 
ATOM   685 C  C4    . DC  D 4 7  ? -3.258  -8.429  2.166   1.00 62.50  ? 8   DC  D C4    1 
ATOM   686 N  N4    . DC  D 4 7  ? -4.036  -9.195  2.941   1.00 68.56  ? 8   DC  D N4    1 
ATOM   687 C  C5    . DC  D 4 7  ? -2.301  -9.022  1.290   1.00 61.29  ? 8   DC  D C5    1 
ATOM   688 C  C6    . DC  D 4 7  ? -1.554  -8.204  0.540   1.00 57.74  ? 8   DC  D C6    1 
ATOM   689 P  P     . DG  D 4 8  ? 2.477   -3.528  -0.935  1.00 60.72  ? 9   DG  D P     1 
ATOM   690 O  OP1   . DG  D 4 8  ? 2.659   -2.287  -1.722  1.00 60.15  ? 9   DG  D OP1   1 
ATOM   691 O  OP2   . DG  D 4 8  ? 3.530   -4.573  -0.911  1.00 46.92  ? 9   DG  D OP2   1 
ATOM   692 O  "O5'" . DG  D 4 8  ? 2.135   -3.096  0.561   1.00 57.96  ? 9   DG  D "O5'" 1 
ATOM   693 C  "C5'" . DG  D 4 8  ? 1.718   -1.774  0.828   1.00 56.32  ? 9   DG  D "C5'" 1 
ATOM   694 C  "C4'" . DG  D 4 8  ? 1.039   -1.715  2.174   1.00 58.41  ? 9   DG  D "C4'" 1 
ATOM   695 O  "O4'" . DG  D 4 8  ? 0.328   -2.954  2.382   1.00 61.97  ? 9   DG  D "O4'" 1 
ATOM   696 C  "C3'" . DG  D 4 8  ? 1.987   -1.573  3.375   1.00 57.67  ? 9   DG  D "C3'" 1 
ATOM   697 O  "O3'" . DG  D 4 8  ? 1.616   -0.459  4.164   1.00 60.34  ? 9   DG  D "O3'" 1 
ATOM   698 C  "C2'" . DG  D 4 8  ? 1.807   -2.880  4.147   1.00 63.39  ? 9   DG  D "C2'" 1 
ATOM   699 C  "C1'" . DG  D 4 8  ? 0.413   -3.287  3.738   1.00 59.97  ? 9   DG  D "C1'" 1 
ATOM   700 N  N9    . DG  D 4 8  ? 0.161   -4.706  3.881   1.00 56.67  ? 9   DG  D N9    1 
ATOM   701 C  C8    . DG  D 4 8  ? 0.864   -5.738  3.314   1.00 57.88  ? 9   DG  D C8    1 
ATOM   702 N  N7    . DG  D 4 8  ? 0.395   -6.915  3.626   1.00 59.29  ? 9   DG  D N7    1 
ATOM   703 C  C5    . DG  D 4 8  ? -0.691  -6.635  4.446   1.00 58.34  ? 9   DG  D C5    1 
ATOM   704 C  C6    . DG  D 4 8  ? -1.594  -7.507  5.083   1.00 58.63  ? 9   DG  D C6    1 
ATOM   705 O  O6    . DG  D 4 8  ? -1.615  -8.740  5.055   1.00 67.60  ? 9   DG  D O6    1 
ATOM   706 N  N1    . DG  D 4 8  ? -2.547  -6.814  5.816   1.00 56.83  ? 9   DG  D N1    1 
ATOM   707 C  C2    . DG  D 4 8  ? -2.616  -5.448  5.918   1.00 61.31  ? 9   DG  D C2    1 
ATOM   708 N  N2    . DG  D 4 8  ? -3.608  -4.955  6.674   1.00 64.78  ? 9   DG  D N2    1 
ATOM   709 N  N3    . DG  D 4 8  ? -1.774  -4.619  5.324   1.00 58.14  ? 9   DG  D N3    1 
ATOM   710 C  C4    . DG  D 4 8  ? -0.842  -5.282  4.609   1.00 55.83  ? 9   DG  D C4    1 
ATOM   711 P  P     . DG  D 4 9  ? 2.198   0.988   3.801   1.00 69.05  ? 10  DG  D P     1 
ATOM   712 O  OP1   . DG  D 4 9  ? 1.061   1.933   3.802   1.00 65.38  ? 10  DG  D OP1   1 
ATOM   713 O  OP2   . DG  D 4 9  ? 3.025   0.788   2.593   1.00 57.09  ? 10  DG  D OP2   1 
ATOM   714 O  "O5'" . DG  D 4 9  ? 3.180   1.380   5.018   1.00 74.63  ? 10  DG  D "O5'" 1 
ATOM   715 C  "C5'" . DG  D 4 9  ? 4.267   0.520   5.400   1.00 60.22  ? 10  DG  D "C5'" 1 
ATOM   716 C  "C4'" . DG  D 4 9  ? 5.632   1.162   5.148   1.00 57.03  ? 10  DG  D "C4'" 1 
ATOM   717 O  "O4'" . DG  D 4 9  ? 6.181   0.642   3.936   1.00 54.91  ? 10  DG  D "O4'" 1 
ATOM   718 C  "C3'" . DG  D 4 9  ? 5.633   2.652   4.909   1.00 67.29  ? 10  DG  D "C3'" 1 
ATOM   719 O  "O3'" . DG  D 4 9  ? 5.654   3.337   6.121   1.00 68.77  ? 10  DG  D "O3'" 1 
ATOM   720 C  "C2'" . DG  D 4 9  ? 6.934   2.876   4.124   1.00 62.93  ? 10  DG  D "C2'" 1 
ATOM   721 C  "C1'" . DG  D 4 9  ? 7.198   1.505   3.498   1.00 54.06  ? 10  DG  D "C1'" 1 
ATOM   722 N  N9    . DG  D 4 9  ? 7.203   1.483   2.043   1.00 50.36  ? 10  DG  D N9    1 
ATOM   723 C  C8    . DG  D 4 9  ? 6.324   0.814   1.231   1.00 50.20  ? 10  DG  D C8    1 
ATOM   724 N  N7    . DG  D 4 9  ? 6.581   0.941   -0.037  1.00 48.60  ? 10  DG  D N7    1 
ATOM   725 C  C5    . DG  D 4 9  ? 7.714   1.742   -0.068  1.00 56.33  ? 10  DG  D C5    1 
ATOM   726 C  C6    . DG  D 4 9  ? 8.452   2.218   -1.172  1.00 59.48  ? 10  DG  D C6    1 
ATOM   727 O  O6    . DG  D 4 9  ? 8.248   2.023   -2.373  1.00 61.24  ? 10  DG  D O6    1 
ATOM   728 N  N1    . DG  D 4 9  ? 9.528   2.996   -0.768  1.00 59.19  ? 10  DG  D N1    1 
ATOM   729 C  C2    . DG  D 4 9  ? 9.845   3.278   0.539   1.00 65.33  ? 10  DG  D C2    1 
ATOM   730 N  N2    . DG  D 4 9  ? 10.926  4.047   0.734   1.00 70.10  ? 10  DG  D N2    1 
ATOM   731 N  N3    . DG  D 4 9  ? 9.155   2.838   1.586   1.00 56.87  ? 10  DG  D N3    1 
ATOM   732 C  C4    . DG  D 4 9  ? 8.108   2.076   1.205   1.00 52.66  ? 10  DG  D C4    1 
ATOM   733 P  P     . DT  D 4 10 ? 4.976   4.780   6.184   1.00 70.82  ? 11  DT  D P     1 
ATOM   734 O  OP1   . DT  D 4 10 ? 4.714   5.064   7.619   1.00 56.45  ? 11  DT  D OP1   1 
ATOM   735 O  OP2   . DT  D 4 10 ? 3.897   4.773   5.168   1.00 62.42  ? 11  DT  D OP2   1 
ATOM   736 O  "O5'" . DT  D 4 10 ? 6.103   5.746   5.620   1.00 53.68  ? 11  DT  D "O5'" 1 
ATOM   737 C  "C5'" . DT  D 4 10 ? 7.054   6.265   6.505   1.00 59.36  ? 11  DT  D "C5'" 1 
ATOM   738 C  "C4'" . DT  D 4 10 ? 8.198   6.855   5.732   1.00 63.44  ? 11  DT  D "C4'" 1 
ATOM   739 O  "O4'" . DT  D 4 10 ? 8.298   6.168   4.469   1.00 64.48  ? 11  DT  D "O4'" 1 
ATOM   740 C  "C3'" . DT  D 4 10 ? 8.056   8.336   5.390   1.00 71.49  ? 11  DT  D "C3'" 1 
ATOM   741 O  "O3'" . DT  D 4 10 ? 9.301   8.961   5.541   1.00 75.84  ? 11  DT  D "O3'" 1 
ATOM   742 C  "C2'" . DT  D 4 10 ? 7.630   8.318   3.926   1.00 71.37  ? 11  DT  D "C2'" 1 
ATOM   743 C  "C1'" . DT  D 4 10 ? 8.383   7.105   3.433   1.00 62.27  ? 11  DT  D "C1'" 1 
ATOM   744 N  N1    . DT  D 4 10 ? 7.811   6.493   2.239   1.00 60.89  ? 11  DT  D N1    1 
ATOM   745 C  C2    . DT  D 4 10 ? 8.485   6.602   1.050   1.00 67.82  ? 11  DT  D C2    1 
ATOM   746 O  O2    . DT  D 4 10 ? 9.532   7.213   0.935   1.00 71.03  ? 11  DT  D O2    1 
ATOM   747 N  N3    . DT  D 4 10 ? 7.884   5.977   -0.009  1.00 64.57  ? 11  DT  D N3    1 
ATOM   748 C  C4    . DT  D 4 10 ? 6.704   5.264   0.011   1.00 62.17  ? 11  DT  D C4    1 
ATOM   749 O  O4    . DT  D 4 10 ? 6.240   4.741   -0.994  1.00 63.23  ? 11  DT  D O4    1 
ATOM   750 C  C5    . DT  D 4 10 ? 6.053   5.180   1.299   1.00 61.37  ? 11  DT  D C5    1 
ATOM   751 C  C7    . DT  D 4 10 ? 4.766   4.432   1.445   1.00 59.03  ? 11  DT  D C7    1 
ATOM   752 C  C6    . DT  D 4 10 ? 6.633   5.788   2.341   1.00 58.15  ? 11  DT  D C6    1 
ATOM   753 P  P     . DG  D 4 11 ? 9.411   10.557  5.469   1.00 84.52  ? 12  DG  D P     1 
ATOM   754 O  OP1   . DG  D 4 11 ? 10.590  10.928  6.285   1.00 72.94  ? 12  DG  D OP1   1 
ATOM   755 O  OP2   . DG  D 4 11 ? 8.073   11.105  5.790   1.00 80.60  ? 12  DG  D OP2   1 
ATOM   756 O  "O5'" . DG  D 4 11 ? 9.737   10.858  3.934   1.00 73.66  ? 12  DG  D "O5'" 1 
ATOM   757 C  "C5'" . DG  D 4 11 ? 11.022  10.573  3.438   1.00 71.86  ? 12  DG  D "C5'" 1 
ATOM   758 C  "C4'" . DG  D 4 11 ? 11.135  10.944  1.976   1.00 86.36  ? 12  DG  D "C4'" 1 
ATOM   759 O  "O4'" . DG  D 4 11 ? 10.299  10.071  1.174   1.00 77.80  ? 12  DG  D "O4'" 1 
ATOM   760 C  "C3'" . DG  D 4 11 ? 10.712  12.369  1.634   1.00 93.84  ? 12  DG  D "C3'" 1 
ATOM   761 O  "O3'" . DG  D 4 11 ? 11.698  12.953  0.789   1.00 102.21 ? 12  DG  D "O3'" 1 
ATOM   762 C  "C2'" . DG  D 4 11 ? 9.375   12.171  0.906   1.00 93.43  ? 12  DG  D "C2'" 1 
ATOM   763 C  "C1'" . DG  D 4 11 ? 9.604   10.837  0.227   1.00 77.04  ? 12  DG  D "C1'" 1 
ATOM   764 N  N9    . DG  D 4 11 ? 8.384   10.120  -0.106  1.00 74.86  ? 12  DG  D N9    1 
ATOM   765 C  C8    . DG  D 4 11 ? 7.426   9.678   0.775   1.00 74.43  ? 12  DG  D C8    1 
ATOM   766 N  N7    . DG  D 4 11 ? 6.444   9.040   0.200   1.00 70.12  ? 12  DG  D N7    1 
ATOM   767 C  C5    . DG  D 4 11 ? 6.775   9.049   -1.150  1.00 69.76  ? 12  DG  D C5    1 
ATOM   768 C  C6    . DG  D 4 11 ? 6.086   8.505   -2.259  1.00 67.29  ? 12  DG  D C6    1 
ATOM   769 O  O6    . DG  D 4 11 ? 5.015   7.889   -2.270  1.00 67.53  ? 12  DG  D O6    1 
ATOM   770 N  N1    . DG  D 4 11 ? 6.762   8.736   -3.449  1.00 64.60  ? 12  DG  D N1    1 
ATOM   771 C  C2    . DG  D 4 11 ? 7.951   9.411   -3.555  1.00 70.39  ? 12  DG  D C2    1 
ATOM   772 N  N2    . DG  D 4 11 ? 8.450   9.525   -4.790  1.00 73.03  ? 12  DG  D N2    1 
ATOM   773 N  N3    . DG  D 4 11 ? 8.617   9.922   -2.523  1.00 69.01  ? 12  DG  D N3    1 
ATOM   774 C  C4    . DG  D 4 11 ? 7.969   9.705   -1.355  1.00 71.61  ? 12  DG  D C4    1 
ATOM   775 P  P     . DT  D 4 12 ? 11.725  14.538  0.526   1.00 120.70 ? 13  DT  D P     1 
ATOM   776 O  OP1   . DT  D 4 12 ? 13.048  15.024  0.981   1.00 119.26 ? 13  DT  D OP1   1 
ATOM   777 O  OP2   . DT  D 4 12 ? 10.497  15.132  1.098   1.00 113.89 ? 13  DT  D OP2   1 
ATOM   778 O  "O5'" . DT  D 4 12 ? 11.628  14.646  -1.066  1.00 97.71  ? 13  DT  D "O5'" 1 
ATOM   779 C  "C5'" . DT  D 4 12 ? 11.127  13.550  -1.782  1.00 93.11  ? 13  DT  D "C5'" 1 
ATOM   780 C  "C4'" . DT  D 4 12 ? 11.141  13.810  -3.263  1.00 108.27 ? 13  DT  D "C4'" 1 
ATOM   781 O  "O4'" . DT  D 4 12 ? 10.087  13.024  -3.869  1.00 109.14 ? 13  DT  D "O4'" 1 
ATOM   782 C  "C3'" . DT  D 4 12 ? 10.823  15.238  -3.660  1.00 115.64 ? 13  DT  D "C3'" 1 
ATOM   783 O  "O3'" . DT  D 4 12 ? 11.244  15.461  -5.010  1.00 128.15 ? 13  DT  D "O3'" 1 
ATOM   784 C  "C2'" . DT  D 4 12 ? 9.310   15.225  -3.560  1.00 113.23 ? 13  DT  D "C2'" 1 
ATOM   785 C  "C1'" . DT  D 4 12 ? 9.006   13.875  -4.208  1.00 104.61 ? 13  DT  D "C1'" 1 
ATOM   786 N  N1    . DT  D 4 12 ? 7.740   13.259  -3.734  1.00 92.08  ? 13  DT  D N1    1 
ATOM   787 C  C2    . DT  D 4 12 ? 6.955   12.564  -4.627  1.00 86.04  ? 13  DT  D C2    1 
ATOM   788 O  O2    . DT  D 4 12 ? 7.249   12.413  -5.799  1.00 89.21  ? 13  DT  D O2    1 
ATOM   789 N  N3    . DT  D 4 12 ? 5.810   12.041  -4.096  1.00 76.10  ? 13  DT  D N3    1 
ATOM   790 C  C4    . DT  D 4 12 ? 5.374   12.143  -2.794  1.00 77.85  ? 13  DT  D C4    1 
ATOM   791 O  O4    . DT  D 4 12 ? 4.322   11.635  -2.418  1.00 74.25  ? 13  DT  D O4    1 
ATOM   792 C  C5    . DT  D 4 12 ? 6.245   12.893  -1.905  1.00 84.11  ? 13  DT  D C5    1 
ATOM   793 C  C7    . DT  D 4 12 ? 5.883   13.078  -0.460  1.00 80.92  ? 13  DT  D C7    1 
ATOM   794 C  C6    . DT  D 4 12 ? 7.371   13.409  -2.417  1.00 85.04  ? 13  DT  D C6    1 
ATOM   795 P  P     . DC  D 4 13 ? 11.634  16.934  -5.522  1.00 141.01 ? 14  DC  D P     1 
ATOM   796 O  OP1   . DC  D 4 13 ? 12.029  16.819  -6.946  1.00 128.50 ? 14  DC  D OP1   1 
ATOM   797 O  OP2   . DC  D 4 13 ? 12.578  17.510  -4.533  1.00 132.67 ? 14  DC  D OP2   1 
ATOM   798 O  "O5'" . DC  D 4 13 ? 10.262  17.759  -5.450  1.00 128.93 ? 14  DC  D "O5'" 1 
ATOM   799 C  "C5'" . DC  D 4 13 ? 9.733   18.370  -6.625  1.00 126.32 ? 14  DC  D "C5'" 1 
ATOM   800 C  "C4'" . DC  D 4 13 ? 8.947   17.364  -7.445  1.00 125.18 ? 14  DC  D "C4'" 1 
ATOM   801 O  "O4'" . DC  D 4 13 ? 8.264   16.471  -6.554  1.00 117.54 ? 14  DC  D "O4'" 1 
ATOM   802 C  "C3'" . DC  D 4 13 ? 7.851   17.961  -8.317  1.00 127.75 ? 14  DC  D "C3'" 1 
ATOM   803 O  "O3'" . DC  D 4 13 ? 8.364   18.254  -9.619  1.00 133.30 ? 14  DC  D "O3'" 1 
ATOM   804 C  "C2'" . DC  D 4 13 ? 6.780   16.858  -8.369  1.00 120.13 ? 14  DC  D "C2'" 1 
ATOM   805 C  "C1'" . DC  D 4 13 ? 7.156   15.913  -7.223  1.00 116.04 ? 14  DC  D "C1'" 1 
ATOM   806 N  N1    . DC  D 4 13 ? 6.063   15.657  -6.208  1.00 106.53 ? 14  DC  D N1    1 
ATOM   807 C  C2    . DC  D 4 13 ? 4.927   14.906  -6.565  1.00 95.37  ? 14  DC  D C2    1 
ATOM   808 O  O2    . DC  D 4 13 ? 4.812   14.491  -7.726  1.00 95.32  ? 14  DC  D O2    1 
ATOM   809 N  N3    . DC  D 4 13 ? 3.978   14.666  -5.622  1.00 87.58  ? 14  DC  D N3    1 
ATOM   810 C  C4    . DC  D 4 13 ? 4.138   15.127  -4.378  1.00 90.40  ? 14  DC  D C4    1 
ATOM   811 N  N4    . DC  D 4 13 ? 3.179   14.865  -3.483  1.00 87.44  ? 14  DC  D N4    1 
ATOM   812 C  C5    . DC  D 4 13 ? 5.289   15.878  -3.994  1.00 91.18  ? 14  DC  D C5    1 
ATOM   813 C  C6    . DC  D 4 13 ? 6.217   16.113  -4.928  1.00 100.30 ? 14  DC  D C6    1 
ATOM   814 P  P     . DG  D 4 14 ? 7.496   19.118  -10.662 1.00 138.96 ? 15  DG  D P     1 
ATOM   815 O  OP1   . DG  D 4 14 ? 8.445   19.907  -11.477 1.00 141.84 ? 15  DG  D OP1   1 
ATOM   816 O  OP2   . DG  D 4 14 ? 6.415   19.802  -9.917  1.00 129.05 ? 15  DG  D OP2   1 
ATOM   817 O  "O5'" . DG  D 4 14 ? 6.821   18.025  -11.613 1.00 131.03 ? 15  DG  D "O5'" 1 
ATOM   818 C  "C5'" . DG  D 4 14 ? 5.991   18.445  -12.686 1.00 132.39 ? 15  DG  D "C5'" 1 
ATOM   819 C  "C4'" . DG  D 4 14 ? 4.561   17.980  -12.484 1.00 133.14 ? 15  DG  D "C4'" 1 
ATOM   820 O  "O4'" . DG  D 4 14 ? 4.456   17.227  -11.256 1.00 125.22 ? 15  DG  D "O4'" 1 
ATOM   821 C  "C3'" . DG  D 4 14 ? 3.537   19.085  -12.305 1.00 136.98 ? 15  DG  D "C3'" 1 
ATOM   822 O  "O3'" . DG  D 4 14 ? 3.156   19.706  -13.578 1.00 142.43 ? 15  DG  D "O3'" 1 
ATOM   823 C  "C2'" . DG  D 4 14 ? 2.387   18.339  -11.639 1.00 125.33 ? 15  DG  D "C2'" 1 
ATOM   824 C  "C1'" . DG  D 4 14 ? 3.109   17.278  -10.803 1.00 120.02 ? 15  DG  D "C1'" 1 
ATOM   825 N  N9    . DG  D 4 14 ? 3.088   17.552  -9.367  1.00 110.08 ? 15  DG  D N9    1 
ATOM   826 C  C8    . DG  D 4 14 ? 3.970   18.329  -8.655  1.00 112.10 ? 15  DG  D C8    1 
ATOM   827 N  N7    . DG  D 4 14 ? 3.706   18.386  -7.377  1.00 103.87 ? 15  DG  D N7    1 
ATOM   828 C  C5    . DG  D 4 14 ? 2.566   17.605  -7.232  1.00 101.92 ? 15  DG  D C5    1 
ATOM   829 C  C6    . DG  D 4 14 ? 1.814   17.297  -6.072  1.00 93.93  ? 15  DG  D C6    1 
ATOM   830 O  O6    . DG  D 4 14 ? 2.012   17.665  -4.904  1.00 88.04  ? 15  DG  D O6    1 
ATOM   831 N  N1    . DG  D 4 14 ? 0.729   16.470  -6.370  1.00 91.03  ? 15  DG  D N1    1 
ATOM   832 C  C2    . DG  D 4 14 ? 0.415   16.004  -7.632  1.00 93.39  ? 15  DG  D C2    1 
ATOM   833 N  N2    . DG  D 4 14 ? -0.666  15.218  -7.724  1.00 92.30  ? 15  DG  D N2    1 
ATOM   834 N  N3    . DG  D 4 14 ? 1.114   16.287  -8.724  1.00 96.29  ? 15  DG  D N3    1 
ATOM   835 C  C4    . DG  D 4 14 ? 2.172   17.088  -8.451  1.00 103.75 ? 15  DG  D C4    1 
ATOM   836 P  P     . DT  D 4 15 ? 2.603   18.875  -14.850 1.00 150.82 ? 16  DT  D P     1 
ATOM   837 O  OP1   . DT  D 4 15 ? 3.620   17.919  -15.338 1.00 155.95 ? 16  DT  D OP1   1 
ATOM   838 O  OP2   . DT  D 4 15 ? 2.094   19.895  -15.791 1.00 155.43 ? 16  DT  D OP2   1 
ATOM   839 O  "O5'" . DT  D 4 15 ? 1.310   18.093  -14.323 1.00 135.67 ? 16  DT  D "O5'" 1 
ATOM   840 C  "C5'" . DT  D 4 15 ? 0.033   18.725  -14.349 1.00 132.62 ? 16  DT  D "C5'" 1 
ATOM   841 C  "C4'" . DT  D 4 15 ? -1.040  17.795  -13.809 1.00 130.74 ? 16  DT  D "C4'" 1 
ATOM   842 O  "O4'" . DT  D 4 15 ? -0.812  17.560  -12.393 1.00 125.77 ? 16  DT  D "O4'" 1 
ATOM   843 C  "C3'" . DT  D 4 15 ? -2.467  18.327  -13.915 1.00 126.49 ? 16  DT  D "C3'" 1 
ATOM   844 O  "O3'" . DT  D 4 15 ? -3.371  17.253  -14.148 1.00 127.09 ? 16  DT  D "O3'" 1 
ATOM   845 C  "C2'" . DT  D 4 15 ? -2.689  18.956  -12.543 1.00 115.02 ? 16  DT  D "C2'" 1 
ATOM   846 C  "C1'" . DT  D 4 15 ? -1.938  17.983  -11.650 1.00 111.27 ? 16  DT  D "C1'" 1 
ATOM   847 N  N1    . DT  D 4 15 ? -1.461  18.582  -10.377 1.00 107.10 ? 16  DT  D N1    1 
ATOM   848 C  C2    . DT  D 4 15 ? -2.110  18.273  -9.209  1.00 106.38 ? 16  DT  D C2    1 
ATOM   849 O  O2    . DT  D 4 15 ? -3.074  17.529  -9.159  1.00 106.71 ? 16  DT  D O2    1 
ATOM   850 N  N3    . DT  D 4 15 ? -1.585  18.870  -8.090  1.00 101.74 ? 16  DT  D N3    1 
ATOM   851 C  C4    . DT  D 4 15 ? -0.497  19.727  -8.031  1.00 99.72  ? 16  DT  D C4    1 
ATOM   852 O  O4    . DT  D 4 15 ? -0.095  20.216  -6.978  1.00 98.21  ? 16  DT  D O4    1 
ATOM   853 C  C5    . DT  D 4 15 ? 0.134   20.004  -9.292  1.00 100.67 ? 16  DT  D C5    1 
ATOM   854 C  C7    . DT  D 4 15 ? 1.319   20.921  -9.350  1.00 99.83  ? 16  DT  D C7    1 
ATOM   855 C  C6    . DT  D 4 15 ? -0.376  19.431  -10.392 1.00 104.90 ? 16  DT  D C6    1 
HETATM 856 AS AS    . CAC E 5 .  ? 2.044   -11.186 4.173   1.00 165.26 ? 101 CAC C AS    1 
HETATM 857 AS AS    . CAC F 5 .  ? 6.159   -5.926  13.456  1.00 197.30 ? 102 CAC C AS    1 
# 
loop_
_pdbx_poly_seq_scheme.asym_id 
_pdbx_poly_seq_scheme.entity_id 
_pdbx_poly_seq_scheme.seq_id 
_pdbx_poly_seq_scheme.mon_id 
_pdbx_poly_seq_scheme.ndb_seq_num 
_pdbx_poly_seq_scheme.pdb_seq_num 
_pdbx_poly_seq_scheme.auth_seq_num 
_pdbx_poly_seq_scheme.pdb_mon_id 
_pdbx_poly_seq_scheme.auth_mon_id 
_pdbx_poly_seq_scheme.pdb_strand_id 
_pdbx_poly_seq_scheme.pdb_ins_code 
_pdbx_poly_seq_scheme.hetero 
A 1 1  DG 1  1  1  DG DG A . n 
A 1 2  DA 2  2  2  DA DA A . n 
A 1 3  DA 3  3  3  DA DA A . n 
A 1 4  DC 4  4  4  DC DC A . n 
A 1 5  DG 5  5  5  DG DG A . n 
A 1 6  DA 6  6  6  DA DA A . n 
A 1 7  DC 7  7  7  DC DC A . n 
A 1 8  DA 8  8  8  DA DA A . n 
A 1 9  DC 9  9  9  DC DC A . n 
A 1 10 DA 10 10 10 DA DA A . n 
A 1 11 DG 11 11 11 DG DG A . n 
A 1 12 DA 12 12 12 DA DA A . n 
B 2 1  DC 1  12 12 DC DC B . n 
B 2 2  DG 2  13 13 DG DG B . n 
B 2 3  DA 3  14 14 DA DA B . n 
B 2 4  DC 4  15 15 DC DC B . n 
B 2 5  DG 5  16 16 DG DG B . n 
B 2 6  DA 6  17 17 DA DA B . n 
B 2 7  DC 7  18 18 DC DC B . n 
B 2 8  DT 8  19 19 DT DT B . n 
B 2 9  DC 9  20 20 DC DC B . n 
C 3 1  DT 1  0  0  DT DT C . n 
C 3 2  DC 2  1  1  DC DC C . n 
C 3 3  DT 3  2  2  DT DT C . n 
C 3 4  DT 4  3  3  DT DT C . n 
C 3 5  DC 5  4  4  DC DC C . n 
C 3 6  DG 6  5  5  DG DG C . n 
D 4 1  DT 1  2  2  DT DT D . n 
D 4 2  DC 2  3  3  DC DC D . n 
D 4 3  DG 3  4  4  DG DG D . n 
D 4 4  DA 4  5  5  DA DA D . n 
D 4 5  DG 5  6  6  DG DG D . n 
D 4 6  DT 6  7  7  DT DT D . n 
D 4 7  DC 7  8  8  DC DC D . n 
D 4 8  DG 8  9  9  DG DG D . n 
D 4 9  DG 9  10 10 DG DG D . n 
D 4 10 DT 10 11 11 DT DT D . n 
D 4 11 DG 11 12 12 DG DG D . n 
D 4 12 DT 12 13 13 DT DT D . n 
D 4 13 DC 13 14 14 DC DC D . n 
D 4 14 DG 14 15 15 DG DG D . n 
D 4 15 DT 15 16 16 DT DT D . n 
# 
loop_
_pdbx_nonpoly_scheme.asym_id 
_pdbx_nonpoly_scheme.entity_id 
_pdbx_nonpoly_scheme.mon_id 
_pdbx_nonpoly_scheme.ndb_seq_num 
_pdbx_nonpoly_scheme.pdb_seq_num 
_pdbx_nonpoly_scheme.auth_seq_num 
_pdbx_nonpoly_scheme.pdb_mon_id 
_pdbx_nonpoly_scheme.auth_mon_id 
_pdbx_nonpoly_scheme.pdb_strand_id 
_pdbx_nonpoly_scheme.pdb_ins_code 
E 5 CAC 1 101 1 CAC AS C . 
F 5 CAC 1 102 2 CAC AS C . 
# 
_pdbx_struct_assembly.id                   1 
_pdbx_struct_assembly.details              author_and_software_defined_assembly 
_pdbx_struct_assembly.method_details       PISA 
_pdbx_struct_assembly.oligomeric_details   tetrameric 
_pdbx_struct_assembly.oligomeric_count     4 
# 
_pdbx_struct_assembly_gen.assembly_id       1 
_pdbx_struct_assembly_gen.oper_expression   1 
_pdbx_struct_assembly_gen.asym_id_list      A,B,C,D,E,F 
# 
loop_
_pdbx_struct_assembly_prop.biol_id 
_pdbx_struct_assembly_prop.type 
_pdbx_struct_assembly_prop.value 
_pdbx_struct_assembly_prop.details 
1 'ABSA (A^2)' 2640 ? 
1 MORE         -16  ? 
1 'SSA (A^2)'  7850 ? 
# 
_pdbx_struct_oper_list.id                   1 
_pdbx_struct_oper_list.type                 'identity operation' 
_pdbx_struct_oper_list.name                 1_555 
_pdbx_struct_oper_list.symmetry_operation   x,y,z 
_pdbx_struct_oper_list.matrix[1][1]         1.0000000000 
_pdbx_struct_oper_list.matrix[1][2]         0.0000000000 
_pdbx_struct_oper_list.matrix[1][3]         0.0000000000 
_pdbx_struct_oper_list.vector[1]            0.0000000000 
_pdbx_struct_oper_list.matrix[2][1]         0.0000000000 
_pdbx_struct_oper_list.matrix[2][2]         1.0000000000 
_pdbx_struct_oper_list.matrix[2][3]         0.0000000000 
_pdbx_struct_oper_list.vector[2]            0.0000000000 
_pdbx_struct_oper_list.matrix[3][1]         0.0000000000 
_pdbx_struct_oper_list.matrix[3][2]         0.0000000000 
_pdbx_struct_oper_list.matrix[3][3]         1.0000000000 
_pdbx_struct_oper_list.vector[3]            0.0000000000 
# 
loop_
_pdbx_audit_revision_history.ordinal 
_pdbx_audit_revision_history.data_content_type 
_pdbx_audit_revision_history.major_revision 
_pdbx_audit_revision_history.minor_revision 
_pdbx_audit_revision_history.revision_date 
1 'Structure model' 1 0 2021-07-14 
2 'Structure model' 1 1 2022-07-06 
3 'Structure model' 1 2 2023-10-18 
# 
_pdbx_audit_revision_details.ordinal             1 
_pdbx_audit_revision_details.revision_ordinal    1 
_pdbx_audit_revision_details.data_content_type   'Structure model' 
_pdbx_audit_revision_details.provider            repository 
_pdbx_audit_revision_details.type                'Initial release' 
_pdbx_audit_revision_details.description         ? 
_pdbx_audit_revision_details.details             ? 
# 
loop_
_pdbx_audit_revision_group.ordinal 
_pdbx_audit_revision_group.revision_ordinal 
_pdbx_audit_revision_group.data_content_type 
_pdbx_audit_revision_group.group 
1 2 'Structure model' 'Database references'    
2 3 'Structure model' 'Data collection'        
3 3 'Structure model' 'Refinement description' 
# 
loop_
_pdbx_audit_revision_category.ordinal 
_pdbx_audit_revision_category.revision_ordinal 
_pdbx_audit_revision_category.data_content_type 
_pdbx_audit_revision_category.category 
1 2 'Structure model' citation                      
2 2 'Structure model' citation_author               
3 2 'Structure model' database_2                    
4 3 'Structure model' chem_comp_atom                
5 3 'Structure model' chem_comp_bond                
6 3 'Structure model' pdbx_initial_refinement_model 
# 
loop_
_pdbx_audit_revision_item.ordinal 
_pdbx_audit_revision_item.revision_ordinal 
_pdbx_audit_revision_item.data_content_type 
_pdbx_audit_revision_item.item 
1  2 'Structure model' '_citation.country'                   
2  2 'Structure model' '_citation.journal_abbrev'            
3  2 'Structure model' '_citation.journal_id_CSD'            
4  2 'Structure model' '_citation.journal_id_ISSN'           
5  2 'Structure model' '_citation.journal_volume'            
6  2 'Structure model' '_citation.page_first'                
7  2 'Structure model' '_citation.page_last'                 
8  2 'Structure model' '_citation.pdbx_database_id_DOI'      
9  2 'Structure model' '_citation.pdbx_database_id_PubMed'   
10 2 'Structure model' '_citation.title'                     
11 2 'Structure model' '_citation.year'                      
12 2 'Structure model' '_database_2.pdbx_DOI'                
13 2 'Structure model' '_database_2.pdbx_database_accession' 
# 
loop_
_software.citation_id 
_software.classification 
_software.compiler_name 
_software.compiler_version 
_software.contact_author 
_software.contact_author_email 
_software.date 
_software.description 
_software.dependencies 
_software.hardware 
_software.language 
_software.location 
_software.mods 
_software.name 
_software.os 
_software.os_version 
_software.type 
_software.version 
_software.pdbx_ordinal 
? 'data reduction'  ? ? ? ? ? ? ? ? ? ? ? HKL-2000    ? ? ? .           1 
? 'data scaling'    ? ? ? ? ? ? ? ? ? ? ? HKL-2000    ? ? ? .           2 
? refinement        ? ? ? ? ? ? ? ? ? ? ? PHENIX      ? ? ? 1.11.1_2575 3 
? 'data extraction' ? ? ? ? ? ? ? ? ? ? ? PDB_EXTRACT ? ? ? 3.25        4 
? phasing           ? ? ? ? ? ? ? ? ? ? ? PHASER      ? ? ? .           5 
# 
_pdbx_entry_details.entry_id                 7JJ6 
_pdbx_entry_details.has_ligand_of_interest   N 
_pdbx_entry_details.compound_details         ? 
_pdbx_entry_details.source_details           ? 
_pdbx_entry_details.nonpolymer_details       ? 
_pdbx_entry_details.sequence_details         ? 
# 
loop_
_pdbx_unobs_or_zero_occ_atoms.id 
_pdbx_unobs_or_zero_occ_atoms.PDB_model_num 
_pdbx_unobs_or_zero_occ_atoms.polymer_flag 
_pdbx_unobs_or_zero_occ_atoms.occupancy_flag 
_pdbx_unobs_or_zero_occ_atoms.auth_asym_id 
_pdbx_unobs_or_zero_occ_atoms.auth_comp_id 
_pdbx_unobs_or_zero_occ_atoms.auth_seq_id 
_pdbx_unobs_or_zero_occ_atoms.PDB_ins_code 
_pdbx_unobs_or_zero_occ_atoms.auth_atom_id 
_pdbx_unobs_or_zero_occ_atoms.label_alt_id 
_pdbx_unobs_or_zero_occ_atoms.label_asym_id 
_pdbx_unobs_or_zero_occ_atoms.label_comp_id 
_pdbx_unobs_or_zero_occ_atoms.label_seq_id 
_pdbx_unobs_or_zero_occ_atoms.label_atom_id 
1 1 N 1 C CAC 101 ? O1 ? E CAC 1 O1 
2 1 N 1 C CAC 101 ? O2 ? E CAC 1 O2 
3 1 N 1 C CAC 101 ? C1 ? E CAC 1 C1 
4 1 N 1 C CAC 101 ? C2 ? E CAC 1 C2 
5 1 N 1 C CAC 102 ? O1 ? F CAC 1 O1 
6 1 N 1 C CAC 102 ? O2 ? F CAC 1 O2 
7 1 N 1 C CAC 102 ? C1 ? F CAC 1 C1 
8 1 N 1 C CAC 102 ? C2 ? F CAC 1 C2 
# 
loop_
_chem_comp_atom.comp_id 
_chem_comp_atom.atom_id 
_chem_comp_atom.type_symbol 
_chem_comp_atom.pdbx_aromatic_flag 
_chem_comp_atom.pdbx_stereo_config 
_chem_comp_atom.pdbx_ordinal 
CAC AS     AS N N 1   
CAC O1     O  N N 2   
CAC O2     O  N N 3   
CAC C1     C  N N 4   
CAC C2     C  N N 5   
CAC H11    H  N N 6   
CAC H12    H  N N 7   
CAC H13    H  N N 8   
CAC H21    H  N N 9   
CAC H22    H  N N 10  
CAC H23    H  N N 11  
DA  OP3    O  N N 12  
DA  P      P  N N 13  
DA  OP1    O  N N 14  
DA  OP2    O  N N 15  
DA  "O5'"  O  N N 16  
DA  "C5'"  C  N N 17  
DA  "C4'"  C  N R 18  
DA  "O4'"  O  N N 19  
DA  "C3'"  C  N S 20  
DA  "O3'"  O  N N 21  
DA  "C2'"  C  N N 22  
DA  "C1'"  C  N R 23  
DA  N9     N  Y N 24  
DA  C8     C  Y N 25  
DA  N7     N  Y N 26  
DA  C5     C  Y N 27  
DA  C6     C  Y N 28  
DA  N6     N  N N 29  
DA  N1     N  Y N 30  
DA  C2     C  Y N 31  
DA  N3     N  Y N 32  
DA  C4     C  Y N 33  
DA  HOP3   H  N N 34  
DA  HOP2   H  N N 35  
DA  "H5'"  H  N N 36  
DA  "H5''" H  N N 37  
DA  "H4'"  H  N N 38  
DA  "H3'"  H  N N 39  
DA  "HO3'" H  N N 40  
DA  "H2'"  H  N N 41  
DA  "H2''" H  N N 42  
DA  "H1'"  H  N N 43  
DA  H8     H  N N 44  
DA  H61    H  N N 45  
DA  H62    H  N N 46  
DA  H2     H  N N 47  
DC  OP3    O  N N 48  
DC  P      P  N N 49  
DC  OP1    O  N N 50  
DC  OP2    O  N N 51  
DC  "O5'"  O  N N 52  
DC  "C5'"  C  N N 53  
DC  "C4'"  C  N R 54  
DC  "O4'"  O  N N 55  
DC  "C3'"  C  N S 56  
DC  "O3'"  O  N N 57  
DC  "C2'"  C  N N 58  
DC  "C1'"  C  N R 59  
DC  N1     N  N N 60  
DC  C2     C  N N 61  
DC  O2     O  N N 62  
DC  N3     N  N N 63  
DC  C4     C  N N 64  
DC  N4     N  N N 65  
DC  C5     C  N N 66  
DC  C6     C  N N 67  
DC  HOP3   H  N N 68  
DC  HOP2   H  N N 69  
DC  "H5'"  H  N N 70  
DC  "H5''" H  N N 71  
DC  "H4'"  H  N N 72  
DC  "H3'"  H  N N 73  
DC  "HO3'" H  N N 74  
DC  "H2'"  H  N N 75  
DC  "H2''" H  N N 76  
DC  "H1'"  H  N N 77  
DC  H41    H  N N 78  
DC  H42    H  N N 79  
DC  H5     H  N N 80  
DC  H6     H  N N 81  
DG  OP3    O  N N 82  
DG  P      P  N N 83  
DG  OP1    O  N N 84  
DG  OP2    O  N N 85  
DG  "O5'"  O  N N 86  
DG  "C5'"  C  N N 87  
DG  "C4'"  C  N R 88  
DG  "O4'"  O  N N 89  
DG  "C3'"  C  N S 90  
DG  "O3'"  O  N N 91  
DG  "C2'"  C  N N 92  
DG  "C1'"  C  N R 93  
DG  N9     N  Y N 94  
DG  C8     C  Y N 95  
DG  N7     N  Y N 96  
DG  C5     C  Y N 97  
DG  C6     C  N N 98  
DG  O6     O  N N 99  
DG  N1     N  N N 100 
DG  C2     C  N N 101 
DG  N2     N  N N 102 
DG  N3     N  N N 103 
DG  C4     C  Y N 104 
DG  HOP3   H  N N 105 
DG  HOP2   H  N N 106 
DG  "H5'"  H  N N 107 
DG  "H5''" H  N N 108 
DG  "H4'"  H  N N 109 
DG  "H3'"  H  N N 110 
DG  "HO3'" H  N N 111 
DG  "H2'"  H  N N 112 
DG  "H2''" H  N N 113 
DG  "H1'"  H  N N 114 
DG  H8     H  N N 115 
DG  H1     H  N N 116 
DG  H21    H  N N 117 
DG  H22    H  N N 118 
DT  OP3    O  N N 119 
DT  P      P  N N 120 
DT  OP1    O  N N 121 
DT  OP2    O  N N 122 
DT  "O5'"  O  N N 123 
DT  "C5'"  C  N N 124 
DT  "C4'"  C  N R 125 
DT  "O4'"  O  N N 126 
DT  "C3'"  C  N S 127 
DT  "O3'"  O  N N 128 
DT  "C2'"  C  N N 129 
DT  "C1'"  C  N R 130 
DT  N1     N  N N 131 
DT  C2     C  N N 132 
DT  O2     O  N N 133 
DT  N3     N  N N 134 
DT  C4     C  N N 135 
DT  O4     O  N N 136 
DT  C5     C  N N 137 
DT  C7     C  N N 138 
DT  C6     C  N N 139 
DT  HOP3   H  N N 140 
DT  HOP2   H  N N 141 
DT  "H5'"  H  N N 142 
DT  "H5''" H  N N 143 
DT  "H4'"  H  N N 144 
DT  "H3'"  H  N N 145 
DT  "HO3'" H  N N 146 
DT  "H2'"  H  N N 147 
DT  "H2''" H  N N 148 
DT  "H1'"  H  N N 149 
DT  H3     H  N N 150 
DT  H71    H  N N 151 
DT  H72    H  N N 152 
DT  H73    H  N N 153 
DT  H6     H  N N 154 
# 
loop_
_chem_comp_bond.comp_id 
_chem_comp_bond.atom_id_1 
_chem_comp_bond.atom_id_2 
_chem_comp_bond.value_order 
_chem_comp_bond.pdbx_aromatic_flag 
_chem_comp_bond.pdbx_stereo_config 
_chem_comp_bond.pdbx_ordinal 
CAC AS    O1     doub N N 1   
CAC AS    O2     sing N N 2   
CAC AS    C1     sing N N 3   
CAC AS    C2     sing N N 4   
CAC C1    H11    sing N N 5   
CAC C1    H12    sing N N 6   
CAC C1    H13    sing N N 7   
CAC C2    H21    sing N N 8   
CAC C2    H22    sing N N 9   
CAC C2    H23    sing N N 10  
DA  OP3   P      sing N N 11  
DA  OP3   HOP3   sing N N 12  
DA  P     OP1    doub N N 13  
DA  P     OP2    sing N N 14  
DA  P     "O5'"  sing N N 15  
DA  OP2   HOP2   sing N N 16  
DA  "O5'" "C5'"  sing N N 17  
DA  "C5'" "C4'"  sing N N 18  
DA  "C5'" "H5'"  sing N N 19  
DA  "C5'" "H5''" sing N N 20  
DA  "C4'" "O4'"  sing N N 21  
DA  "C4'" "C3'"  sing N N 22  
DA  "C4'" "H4'"  sing N N 23  
DA  "O4'" "C1'"  sing N N 24  
DA  "C3'" "O3'"  sing N N 25  
DA  "C3'" "C2'"  sing N N 26  
DA  "C3'" "H3'"  sing N N 27  
DA  "O3'" "HO3'" sing N N 28  
DA  "C2'" "C1'"  sing N N 29  
DA  "C2'" "H2'"  sing N N 30  
DA  "C2'" "H2''" sing N N 31  
DA  "C1'" N9     sing N N 32  
DA  "C1'" "H1'"  sing N N 33  
DA  N9    C8     sing Y N 34  
DA  N9    C4     sing Y N 35  
DA  C8    N7     doub Y N 36  
DA  C8    H8     sing N N 37  
DA  N7    C5     sing Y N 38  
DA  C5    C6     sing Y N 39  
DA  C5    C4     doub Y N 40  
DA  C6    N6     sing N N 41  
DA  C6    N1     doub Y N 42  
DA  N6    H61    sing N N 43  
DA  N6    H62    sing N N 44  
DA  N1    C2     sing Y N 45  
DA  C2    N3     doub Y N 46  
DA  C2    H2     sing N N 47  
DA  N3    C4     sing Y N 48  
DC  OP3   P      sing N N 49  
DC  OP3   HOP3   sing N N 50  
DC  P     OP1    doub N N 51  
DC  P     OP2    sing N N 52  
DC  P     "O5'"  sing N N 53  
DC  OP2   HOP2   sing N N 54  
DC  "O5'" "C5'"  sing N N 55  
DC  "C5'" "C4'"  sing N N 56  
DC  "C5'" "H5'"  sing N N 57  
DC  "C5'" "H5''" sing N N 58  
DC  "C4'" "O4'"  sing N N 59  
DC  "C4'" "C3'"  sing N N 60  
DC  "C4'" "H4'"  sing N N 61  
DC  "O4'" "C1'"  sing N N 62  
DC  "C3'" "O3'"  sing N N 63  
DC  "C3'" "C2'"  sing N N 64  
DC  "C3'" "H3'"  sing N N 65  
DC  "O3'" "HO3'" sing N N 66  
DC  "C2'" "C1'"  sing N N 67  
DC  "C2'" "H2'"  sing N N 68  
DC  "C2'" "H2''" sing N N 69  
DC  "C1'" N1     sing N N 70  
DC  "C1'" "H1'"  sing N N 71  
DC  N1    C2     sing N N 72  
DC  N1    C6     sing N N 73  
DC  C2    O2     doub N N 74  
DC  C2    N3     sing N N 75  
DC  N3    C4     doub N N 76  
DC  C4    N4     sing N N 77  
DC  C4    C5     sing N N 78  
DC  N4    H41    sing N N 79  
DC  N4    H42    sing N N 80  
DC  C5    C6     doub N N 81  
DC  C5    H5     sing N N 82  
DC  C6    H6     sing N N 83  
DG  OP3   P      sing N N 84  
DG  OP3   HOP3   sing N N 85  
DG  P     OP1    doub N N 86  
DG  P     OP2    sing N N 87  
DG  P     "O5'"  sing N N 88  
DG  OP2   HOP2   sing N N 89  
DG  "O5'" "C5'"  sing N N 90  
DG  "C5'" "C4'"  sing N N 91  
DG  "C5'" "H5'"  sing N N 92  
DG  "C5'" "H5''" sing N N 93  
DG  "C4'" "O4'"  sing N N 94  
DG  "C4'" "C3'"  sing N N 95  
DG  "C4'" "H4'"  sing N N 96  
DG  "O4'" "C1'"  sing N N 97  
DG  "C3'" "O3'"  sing N N 98  
DG  "C3'" "C2'"  sing N N 99  
DG  "C3'" "H3'"  sing N N 100 
DG  "O3'" "HO3'" sing N N 101 
DG  "C2'" "C1'"  sing N N 102 
DG  "C2'" "H2'"  sing N N 103 
DG  "C2'" "H2''" sing N N 104 
DG  "C1'" N9     sing N N 105 
DG  "C1'" "H1'"  sing N N 106 
DG  N9    C8     sing Y N 107 
DG  N9    C4     sing Y N 108 
DG  C8    N7     doub Y N 109 
DG  C8    H8     sing N N 110 
DG  N7    C5     sing Y N 111 
DG  C5    C6     sing N N 112 
DG  C5    C4     doub Y N 113 
DG  C6    O6     doub N N 114 
DG  C6    N1     sing N N 115 
DG  N1    C2     sing N N 116 
DG  N1    H1     sing N N 117 
DG  C2    N2     sing N N 118 
DG  C2    N3     doub N N 119 
DG  N2    H21    sing N N 120 
DG  N2    H22    sing N N 121 
DG  N3    C4     sing N N 122 
DT  OP3   P      sing N N 123 
DT  OP3   HOP3   sing N N 124 
DT  P     OP1    doub N N 125 
DT  P     OP2    sing N N 126 
DT  P     "O5'"  sing N N 127 
DT  OP2   HOP2   sing N N 128 
DT  "O5'" "C5'"  sing N N 129 
DT  "C5'" "C4'"  sing N N 130 
DT  "C5'" "H5'"  sing N N 131 
DT  "C5'" "H5''" sing N N 132 
DT  "C4'" "O4'"  sing N N 133 
DT  "C4'" "C3'"  sing N N 134 
DT  "C4'" "H4'"  sing N N 135 
DT  "O4'" "C1'"  sing N N 136 
DT  "C3'" "O3'"  sing N N 137 
DT  "C3'" "C2'"  sing N N 138 
DT  "C3'" "H3'"  sing N N 139 
DT  "O3'" "HO3'" sing N N 140 
DT  "C2'" "C1'"  sing N N 141 
DT  "C2'" "H2'"  sing N N 142 
DT  "C2'" "H2''" sing N N 143 
DT  "C1'" N1     sing N N 144 
DT  "C1'" "H1'"  sing N N 145 
DT  N1    C2     sing N N 146 
DT  N1    C6     sing N N 147 
DT  C2    O2     doub N N 148 
DT  C2    N3     sing N N 149 
DT  N3    C4     sing N N 150 
DT  N3    H3     sing N N 151 
DT  C4    O4     doub N N 152 
DT  C4    C5     sing N N 153 
DT  C5    C7     sing N N 154 
DT  C5    C6     doub N N 155 
DT  C7    H71    sing N N 156 
DT  C7    H72    sing N N 157 
DT  C7    H73    sing N N 158 
DT  C6    H6     sing N N 159 
# 
loop_
_ndb_struct_conf_na.entry_id 
_ndb_struct_conf_na.feature 
7JJ6 'double helix'        
7JJ6 'a-form double helix' 
7JJ6 'b-form double helix' 
# 
loop_
_ndb_struct_na_base_pair.model_number 
_ndb_struct_na_base_pair.i_label_asym_id 
_ndb_struct_na_base_pair.i_label_comp_id 
_ndb_struct_na_base_pair.i_label_seq_id 
_ndb_struct_na_base_pair.i_symmetry 
_ndb_struct_na_base_pair.j_label_asym_id 
_ndb_struct_na_base_pair.j_label_comp_id 
_ndb_struct_na_base_pair.j_label_seq_id 
_ndb_struct_na_base_pair.j_symmetry 
_ndb_struct_na_base_pair.shear 
_ndb_struct_na_base_pair.stretch 
_ndb_struct_na_base_pair.stagger 
_ndb_struct_na_base_pair.buckle 
_ndb_struct_na_base_pair.propeller 
_ndb_struct_na_base_pair.opening 
_ndb_struct_na_base_pair.pair_number 
_ndb_struct_na_base_pair.pair_name 
_ndb_struct_na_base_pair.i_auth_asym_id 
_ndb_struct_na_base_pair.i_auth_seq_id 
_ndb_struct_na_base_pair.i_PDB_ins_code 
_ndb_struct_na_base_pair.j_auth_asym_id 
_ndb_struct_na_base_pair.j_auth_seq_id 
_ndb_struct_na_base_pair.j_PDB_ins_code 
_ndb_struct_na_base_pair.hbond_type_28 
_ndb_struct_na_base_pair.hbond_type_12 
1 A DA 3  1_555 D DT 15 1_555 0.958  0.014  0.148  5.215  -8.473  -1.277  1  A_DA3:DT16_D A 3  ? D 16 ? 20 1 
1 A DC 4  1_555 D DG 14 1_555 -0.594 -0.212 0.076  3.212  -9.059  -1.373  2  A_DC4:DG15_D A 4  ? D 15 ? 19 1 
1 A DG 5  1_555 D DC 13 1_555 0.356  -0.430 0.441  6.427  -13.770 -11.343 3  A_DG5:DC14_D A 5  ? D 14 ? 19 1 
1 A DA 6  1_555 D DT 12 1_555 -0.094 -0.548 0.078  3.408  -13.605 -4.859  4  A_DA6:DT13_D A 6  ? D 13 ? 20 1 
1 A DC 7  1_555 D DG 11 1_555 0.071  -0.393 0.058  4.754  -10.505 -2.729  5  A_DC7:DG12_D A 7  ? D 12 ? 19 1 
1 A DA 8  1_555 D DT 10 1_555 0.397  -0.050 -0.080 -9.633 -7.240  -12.095 6  A_DA8:DT11_D A 8  ? D 11 ? 20 1 
1 A DC 9  1_555 D DG 9  1_555 -0.007 -0.439 0.314  -3.599 -7.157  -5.483  7  A_DC9:DG10_D A 9  ? D 10 ? 19 1 
1 A DA 10 1_555 C DT 3  1_555 0.218  0.258  0.628  3.228  -0.603  10.510  8  A_DA10:DT2_C A 10 ? C 2  ? 20 1 
1 A DG 11 1_555 C DC 2  1_555 0.085  -0.351 0.602  8.299  -0.529  -0.030  9  A_DG11:DC1_C A 11 ? C 1  ? 19 1 
1 A DA 12 1_555 C DT 1  1_555 0.729  0.071  0.350  8.312  -2.328  -4.097  10 A_DA12:DT0_C A 12 ? C 0  ? 20 1 
1 B DC 1  1_555 C DG 6  1_555 -0.048 -0.318 0.286  -4.249 -3.911  -9.732  11 B_DC12:DG5_C B 12 ? C 5  ? 19 1 
1 B DG 2  1_555 C DC 5  1_555 0.485  -0.352 0.214  5.541  -5.469  -10.393 12 B_DG13:DC4_C B 13 ? C 4  ? 19 1 
1 B DA 3  1_555 C DT 4  1_555 0.320  -0.458 0.394  3.919  -10.403 -7.079  13 B_DA14:DT3_C B 14 ? C 3  ? 20 1 
1 B DC 4  1_555 D DG 8  1_555 -0.730 -0.387 0.214  0.055  -4.553  -9.090  14 B_DC15:DG9_D B 15 ? D 9  ? 19 1 
1 B DG 5  1_555 D DC 7  1_555 0.435  -0.199 0.622  6.821  -4.193  -5.371  15 B_DG16:DC8_D B 16 ? D 8  ? 19 1 
1 B DA 6  1_555 D DT 6  1_555 1.212  -0.064 0.531  5.750  -6.540  -4.209  16 B_DA17:DT7_D B 17 ? D 7  ? 20 1 
1 B DC 7  1_555 D DG 5  1_555 0.200  -0.484 0.118  5.032  -7.206  3.006   17 B_DC18:DG6_D B 18 ? D 6  ? 19 1 
1 B DT 8  1_555 D DA 4  1_555 0.230  -0.373 -0.082 4.401  -6.027  -0.381  18 B_DT19:DA5_D B 19 ? D 5  ? 20 1 
1 B DC 9  1_555 D DG 3  1_555 0.753  -0.436 -0.010 5.225  -10.357 -1.037  19 B_DC20:DG4_D B 20 ? D 4  ? 19 1 
# 
loop_
_ndb_struct_na_base_pair_step.model_number 
_ndb_struct_na_base_pair_step.i_label_asym_id_1 
_ndb_struct_na_base_pair_step.i_label_comp_id_1 
_ndb_struct_na_base_pair_step.i_label_seq_id_1 
_ndb_struct_na_base_pair_step.i_symmetry_1 
_ndb_struct_na_base_pair_step.j_label_asym_id_1 
_ndb_struct_na_base_pair_step.j_label_comp_id_1 
_ndb_struct_na_base_pair_step.j_label_seq_id_1 
_ndb_struct_na_base_pair_step.j_symmetry_1 
_ndb_struct_na_base_pair_step.i_label_asym_id_2 
_ndb_struct_na_base_pair_step.i_label_comp_id_2 
_ndb_struct_na_base_pair_step.i_label_seq_id_2 
_ndb_struct_na_base_pair_step.i_symmetry_2 
_ndb_struct_na_base_pair_step.j_label_asym_id_2 
_ndb_struct_na_base_pair_step.j_label_comp_id_2 
_ndb_struct_na_base_pair_step.j_label_seq_id_2 
_ndb_struct_na_base_pair_step.j_symmetry_2 
_ndb_struct_na_base_pair_step.shift 
_ndb_struct_na_base_pair_step.slide 
_ndb_struct_na_base_pair_step.rise 
_ndb_struct_na_base_pair_step.tilt 
_ndb_struct_na_base_pair_step.roll 
_ndb_struct_na_base_pair_step.twist 
_ndb_struct_na_base_pair_step.x_displacement 
_ndb_struct_na_base_pair_step.y_displacement 
_ndb_struct_na_base_pair_step.helical_rise 
_ndb_struct_na_base_pair_step.inclination 
_ndb_struct_na_base_pair_step.tip 
_ndb_struct_na_base_pair_step.helical_twist 
_ndb_struct_na_base_pair_step.step_number 
_ndb_struct_na_base_pair_step.step_name 
_ndb_struct_na_base_pair_step.i_auth_asym_id_1 
_ndb_struct_na_base_pair_step.i_auth_seq_id_1 
_ndb_struct_na_base_pair_step.i_PDB_ins_code_1 
_ndb_struct_na_base_pair_step.j_auth_asym_id_1 
_ndb_struct_na_base_pair_step.j_auth_seq_id_1 
_ndb_struct_na_base_pair_step.j_PDB_ins_code_1 
_ndb_struct_na_base_pair_step.i_auth_asym_id_2 
_ndb_struct_na_base_pair_step.i_auth_seq_id_2 
_ndb_struct_na_base_pair_step.i_PDB_ins_code_2 
_ndb_struct_na_base_pair_step.j_auth_asym_id_2 
_ndb_struct_na_base_pair_step.j_auth_seq_id_2 
_ndb_struct_na_base_pair_step.j_PDB_ins_code_2 
1 A DA 3  1_555 D DT 15 1_555 A DC 4  1_555 D DG 14 1_555 0.326  -0.705 3.381 -1.821 -0.540 25.196 -1.450 -1.293 3.363 -1.235 
4.168  25.266 1  AA_DA3DC4:DG15DT16_DD A 3  ? D 16 ? A 4  ? D 15 ? 
1 A DC 4  1_555 D DG 14 1_555 A DG 5  1_555 D DC 13 1_555 -0.065 0.262  3.404 -2.025 2.644  42.721 0.084  -0.121 3.413 3.623  
2.775  42.844 2  AA_DC4DG5:DC14DG15_DD A 4  ? D 15 ? A 5  ? D 14 ? 
1 A DG 5  1_555 D DC 13 1_555 A DA 6  1_555 D DT 12 1_555 -0.292 -0.232 3.355 2.748  -0.191 30.313 -0.402 1.117  3.318 -0.365 
-5.242 30.435 3  AA_DG5DA6:DT13DC14_DD A 5  ? D 14 ? A 6  ? D 13 ? 
1 A DA 6  1_555 D DT 12 1_555 A DC 7  1_555 D DG 11 1_555 0.784  -0.761 3.291 -1.058 -1.583 33.762 -1.051 -1.521 3.296 -2.723 
1.820  33.814 4  AA_DA6DC7:DG12DT13_DD A 6  ? D 13 ? A 7  ? D 12 ? 
1 A DC 7  1_555 D DG 11 1_555 A DA 8  1_555 D DT 10 1_555 -0.346 -0.813 3.560 1.547  -0.265 38.492 -1.196 0.732  3.549 -0.402 
-2.345 38.523 5  AA_DC7DA8:DT11DG12_DD A 7  ? D 12 ? A 8  ? D 11 ? 
1 A DA 8  1_555 D DT 10 1_555 A DC 9  1_555 D DG 9  1_555 0.485  -0.858 3.122 -5.141 -0.130 37.516 -1.307 -1.371 3.034 -0.201 
7.947  37.854 6  AA_DA8DC9:DG10DT11_DD A 8  ? D 11 ? A 9  ? D 10 ? 
1 A DC 9  1_555 D DG 9  1_555 A DA 10 1_555 C DT 3  1_555 -1.031 -1.295 2.716 -5.564 3.735  29.171 -3.155 1.034  2.680 7.296  
10.867 29.915 7  AA_DC9DA10:DT2DG10_CD A 9  ? D 10 ? A 10 ? C 2  ? 
1 A DA 10 1_555 C DT 3  1_555 A DG 11 1_555 C DC 2  1_555 -0.700 -0.182 3.282 -1.672 4.966  25.335 -1.795 1.098  3.226 11.170 
3.762  25.863 8  AA_DA10DG11:DC1DT2_CC A 10 ? C 2  ? A 11 ? C 1  ? 
1 A DG 11 1_555 C DC 2  1_555 A DA 12 1_555 C DT 1  1_555 -0.549 0.441  3.463 -0.678 3.763  42.322 0.202  0.684  3.496 5.199  
0.937  42.486 9  AA_DG11DA12:DT0DC1_CC A 11 ? C 1  ? A 12 ? C 0  ? 
1 B DC 1  1_555 C DG 6  1_555 B DG 2  1_555 C DC 5  1_555 0.149  -0.218 3.262 1.231  5.047  36.623 -1.018 -0.071 3.208 7.982  
-1.948 36.977 10 BB_DC12DG13:DC4DG5_CC B 12 ? C 5  ? B 13 ? C 4  ? 
1 B DG 2  1_555 C DC 5  1_555 B DA 3  1_555 C DT 4  1_555 0.485  -1.040 3.233 -2.285 3.862  35.103 -2.261 -1.124 3.069 6.371  
3.769  35.380 11 BB_DG13DA14:DT3DC4_CC B 13 ? C 4  ? B 14 ? C 3  ? 
1 B DA 3  1_555 C DT 4  1_555 B DC 4  1_555 D DG 8  1_555 -1.122 -1.584 3.155 -1.773 2.395  25.223 -4.261 2.065  3.065 5.460  
4.043  25.396 12 BB_DA14DC15:DG9DT3_DC B 14 ? C 3  ? B 15 ? D 9  ? 
1 B DC 4  1_555 D DG 8  1_555 B DG 5  1_555 D DC 7  1_555 -0.178 0.429  3.345 -2.258 4.026  41.451 0.166  0.005  3.375 5.667  
3.178  41.696 13 BB_DC15DG16:DC8DG9_DD B 15 ? D 9  ? B 16 ? D 8  ? 
1 B DG 5  1_555 D DC 7  1_555 B DA 6  1_555 D DT 6  1_555 -0.076 -0.520 3.273 0.787  5.426  38.666 -1.426 0.208  3.172 8.145  
-1.181 39.038 14 BB_DG16DA17:DT7DC8_DD B 16 ? D 8  ? B 17 ? D 7  ? 
1 B DA 6  1_555 D DT 6  1_555 B DC 7  1_555 D DG 5  1_555 0.815  -1.109 3.247 1.584  1.876  26.659 -2.876 -1.355 3.204 4.058  
-3.426 26.770 15 BB_DA17DC18:DG6DT7_DD B 17 ? D 7  ? B 18 ? D 6  ? 
1 B DC 7  1_555 D DG 5  1_555 B DT 8  1_555 D DA 4  1_555 -0.144 -0.061 3.347 4.565  1.483  36.349 -0.304 0.867  3.300 2.364  
-7.278 36.654 16 BB_DC18DT19:DA5DG6_DD B 18 ? D 6  ? B 19 ? D 5  ? 
1 B DT 8  1_555 D DA 4  1_555 B DC 9  1_555 D DG 3  1_555 -0.017 -0.273 3.382 2.483  4.189  35.437 -1.066 0.395  3.320 6.842  
-4.055 35.760 17 BB_DT19DC20:DG4DA5_DD B 19 ? D 5  ? B 20 ? D 4  ? 
# 
loop_
_pdbx_audit_support.funding_organization 
_pdbx_audit_support.country 
_pdbx_audit_support.grant_number 
_pdbx_audit_support.ordinal 
'National Science Foundation (NSF, United States)'                                         'United States' 1360635     1 
'National Institutes of Health/National Institute of General Medical Sciences (NIH/NIGMS)' 'United States' R01GM104960 2 
'National Science Foundation (NSF, United States)'                                         'United States' NSF2004250  3 
# 
_pdbx_entity_nonpoly.entity_id   5 
_pdbx_entity_nonpoly.name        'CACODYLATE ION' 
_pdbx_entity_nonpoly.comp_id     CAC 
# 
_pdbx_initial_refinement_model.id               1 
_pdbx_initial_refinement_model.entity_id_list   ? 
_pdbx_initial_refinement_model.type             'experimental model' 
_pdbx_initial_refinement_model.source_name      PDB 
_pdbx_initial_refinement_model.accession_code   6XNA 
_pdbx_initial_refinement_model.details          ? 
# 
_pdbx_struct_assembly_auth_evidence.id                     1 
_pdbx_struct_assembly_auth_evidence.assembly_id            1 
_pdbx_struct_assembly_auth_evidence.experimental_support   none 
_pdbx_struct_assembly_auth_evidence.details                ? 
# 
